data_8RH9
#
_entry.id   8RH9
#
_cell.length_a   1.00
_cell.length_b   1.00
_cell.length_c   1.00
_cell.angle_alpha   90.00
_cell.angle_beta   90.00
_cell.angle_gamma   90.00
#
_symmetry.space_group_name_H-M   'P 1'
#
loop_
_entity.id
_entity.type
_entity.pdbx_description
1 polymer 'Gamma-aminobutyric acid receptor subunit rho-1'
2 non-polymer 2-acetamido-2-deoxy-beta-D-glucopyranose
3 non-polymer N-OCTANE
4 non-polymer DECANE
5 non-polymer DODECANE
6 non-polymer HEXANE
7 non-polymer 'Pregnenolone sulfate'
8 non-polymer 'CHLORIDE ION'
9 water water
#
_entity_poly.entity_id   1
_entity_poly.type   'polypeptide(L)'
_entity_poly.pdbx_seq_one_letter_code
;MLAVPNMRFGIFLLWWGWVLATESRMHWPGREVHEMSKKGRPQRQRREVHEDAHKQVSPILRRSPDITKSPLTKSEQLLR
IDDHDFSMRPGFGGPAIPVGVDVQVESLDSISEVDMDFTMTLYLRHYWKDERLSFPSTNNLSMTFDGRLVKKIWVPDMFF
VHSKRSFIHDTTTDNVMLRVQPDGKVLYSLRVTVTAMCNMDFSRFPLDTQTCSLEIESYAYTEDDLMLYWKKGNDSLKTD
ERISLSQFLIQEFHTTTKLAFYSSTGWYNRLYINFTLRRHIFFFLLQTYFPATLMVMLSWVSFWIDRRAVPARVPLGITT
VLTMSTIITGVNASMPRVSYIKAVDIYLWVSFVFVFLSVLEYAAVNYLTTVQERKEQKLREKLPCTSGLPPPRTAMLDGN
YSDGEVNDLDNYMPENGEKPDRMMVQLTLASERSSPQRKSQRSSYVSMRIDTHAIDKYSRIIFPAAYILFNLIYWSIFS
;
_entity_poly.pdbx_strand_id   A,B,C,D,E
#
loop_
_chem_comp.id
_chem_comp.type
_chem_comp.name
_chem_comp.formula
A8W non-polymer 'Pregnenolone sulfate' 'C21 H32 O5 S'
CL non-polymer 'CHLORIDE ION' 'Cl -1'
D10 non-polymer DECANE 'C10 H22'
D12 non-polymer DODECANE 'C12 H26'
HEX non-polymer HEXANE 'C6 H14'
NAG D-saccharide, beta linking 2-acetamido-2-deoxy-beta-D-glucopyranose 'C8 H15 N O6'
OCT non-polymer N-OCTANE 'C8 H18'
#
# COMPACT_ATOMS: atom_id res chain seq x y z
N LYS A 74 -5.40 -53.17 -2.28
CA LYS A 74 -5.68 -51.74 -2.16
C LYS A 74 -6.19 -51.40 -0.77
N SER A 75 -5.62 -50.35 -0.17
CA SER A 75 -6.01 -49.96 1.18
C SER A 75 -7.45 -49.47 1.24
N GLU A 76 -7.89 -48.74 0.21
CA GLU A 76 -9.26 -48.21 0.20
C GLU A 76 -10.31 -49.31 0.05
N GLN A 77 -9.91 -50.52 -0.36
CA GLN A 77 -10.86 -51.62 -0.48
C GLN A 77 -11.21 -52.24 0.87
N LEU A 78 -10.37 -52.04 1.89
CA LEU A 78 -10.73 -52.50 3.23
C LEU A 78 -11.93 -51.72 3.77
N LEU A 79 -12.08 -50.47 3.35
CA LEU A 79 -13.25 -49.67 3.69
C LEU A 79 -14.27 -49.80 2.57
N ARG A 80 -15.48 -50.26 2.92
CA ARG A 80 -16.52 -50.51 1.93
C ARG A 80 -17.08 -49.18 1.46
N ILE A 81 -16.28 -48.51 0.61
CA ILE A 81 -16.65 -47.18 0.13
C ILE A 81 -17.89 -47.24 -0.75
N ASP A 82 -17.94 -48.19 -1.68
CA ASP A 82 -19.07 -48.29 -2.59
C ASP A 82 -20.29 -48.95 -1.95
N ASP A 83 -20.15 -49.57 -0.79
CA ASP A 83 -21.26 -50.25 -0.12
C ASP A 83 -21.98 -49.36 0.87
N HIS A 84 -21.61 -48.08 0.98
CA HIS A 84 -22.23 -47.18 1.93
C HIS A 84 -22.46 -45.83 1.26
N ASP A 85 -23.49 -45.12 1.74
CA ASP A 85 -23.81 -43.79 1.25
C ASP A 85 -23.17 -42.76 2.17
N PHE A 86 -22.26 -41.95 1.62
CA PHE A 86 -21.54 -40.96 2.40
C PHE A 86 -22.05 -39.54 2.14
N SER A 87 -23.27 -39.40 1.63
CA SER A 87 -23.89 -38.10 1.47
C SER A 87 -24.76 -37.72 2.66
N MET A 88 -24.90 -38.61 3.64
CA MET A 88 -25.72 -38.36 4.82
C MET A 88 -24.86 -38.55 6.07
N ARG A 89 -25.27 -37.90 7.16
CA ARG A 89 -24.52 -37.95 8.40
C ARG A 89 -24.61 -39.34 9.02
N PRO A 90 -23.57 -39.75 9.76
CA PRO A 90 -23.65 -41.01 10.51
C PRO A 90 -24.76 -40.97 11.53
N GLY A 91 -25.40 -42.11 11.76
CA GLY A 91 -26.55 -42.15 12.64
C GLY A 91 -27.72 -41.34 12.14
N PHE A 92 -28.02 -41.43 10.84
CA PHE A 92 -29.09 -40.64 10.26
C PHE A 92 -30.43 -41.04 10.85
N GLY A 93 -31.26 -40.03 11.16
CA GLY A 93 -32.58 -40.25 11.69
C GLY A 93 -32.65 -40.49 13.19
N GLY A 94 -31.51 -40.50 13.88
CA GLY A 94 -31.49 -40.74 15.30
C GLY A 94 -30.84 -39.61 16.08
N PRO A 95 -30.21 -39.96 17.20
CA PRO A 95 -29.54 -38.93 18.01
C PRO A 95 -28.37 -38.31 17.28
N ALA A 96 -28.05 -37.08 17.66
CA ALA A 96 -26.96 -36.35 17.03
C ALA A 96 -25.62 -36.99 17.36
N ILE A 97 -24.67 -36.83 16.44
CA ILE A 97 -23.32 -37.36 16.61
C ILE A 97 -22.48 -36.29 17.28
N PRO A 98 -21.91 -36.55 18.46
CA PRO A 98 -21.08 -35.54 19.13
C PRO A 98 -19.74 -35.37 18.42
N VAL A 99 -19.31 -34.13 18.24
CA VAL A 99 -18.06 -33.79 17.57
C VAL A 99 -17.23 -32.93 18.51
N GLY A 100 -16.00 -33.36 18.78
CA GLY A 100 -15.09 -32.58 19.59
C GLY A 100 -14.09 -31.80 18.75
N VAL A 101 -13.66 -30.66 19.28
CA VAL A 101 -12.76 -29.76 18.57
C VAL A 101 -11.60 -29.39 19.49
N ASP A 102 -10.38 -29.53 18.96
CA ASP A 102 -9.17 -29.07 19.64
C ASP A 102 -8.48 -28.04 18.76
N VAL A 103 -8.06 -26.93 19.36
CA VAL A 103 -7.46 -25.81 18.64
C VAL A 103 -6.10 -25.52 19.26
N GLN A 104 -5.10 -25.33 18.41
CA GLN A 104 -3.77 -24.91 18.84
C GLN A 104 -3.36 -23.68 18.04
N VAL A 105 -3.06 -22.59 18.73
CA VAL A 105 -2.73 -21.33 18.08
C VAL A 105 -1.23 -21.32 17.79
N GLU A 106 -0.88 -21.05 16.55
CA GLU A 106 0.52 -21.07 16.14
C GLU A 106 1.17 -19.69 16.19
N SER A 107 0.51 -18.68 15.64
CA SER A 107 1.04 -17.32 15.65
C SER A 107 -0.07 -16.33 15.38
N LEU A 108 0.20 -15.08 15.73
CA LEU A 108 -0.65 -13.94 15.37
C LEU A 108 0.11 -13.09 14.36
N ASP A 109 -0.47 -12.91 13.18
CA ASP A 109 0.27 -12.32 12.08
C ASP A 109 0.28 -10.79 12.15
N SER A 110 -0.88 -10.17 12.11
CA SER A 110 -0.95 -8.71 12.09
C SER A 110 -2.32 -8.27 12.58
N ILE A 111 -2.40 -7.01 12.98
CA ILE A 111 -3.65 -6.40 13.43
C ILE A 111 -3.75 -5.00 12.80
N SER A 112 -4.93 -4.69 12.26
CA SER A 112 -5.18 -3.42 11.59
C SER A 112 -6.19 -2.63 12.39
N GLU A 113 -5.83 -1.40 12.75
CA GLU A 113 -6.71 -0.58 13.58
C GLU A 113 -7.70 0.22 12.74
N VAL A 114 -7.32 0.59 11.52
CA VAL A 114 -8.21 1.36 10.67
C VAL A 114 -9.39 0.51 10.21
N ASP A 115 -9.12 -0.72 9.76
CA ASP A 115 -10.16 -1.63 9.32
C ASP A 115 -10.67 -2.56 10.41
N MET A 116 -10.05 -2.54 11.59
CA MET A 116 -10.51 -3.28 12.77
C MET A 116 -10.61 -4.78 12.49
N ASP A 117 -9.46 -5.39 12.22
CA ASP A 117 -9.39 -6.83 11.98
C ASP A 117 -8.02 -7.35 12.42
N PHE A 118 -7.95 -8.66 12.62
CA PHE A 118 -6.71 -9.33 12.99
C PHE A 118 -6.61 -10.64 12.22
N THR A 119 -5.38 -11.14 12.09
CA THR A 119 -5.09 -12.35 11.33
C THR A 119 -4.45 -13.38 12.25
N MET A 120 -4.87 -14.64 12.13
CA MET A 120 -4.41 -15.70 13.01
C MET A 120 -4.15 -16.97 12.22
N THR A 121 -3.16 -17.75 12.66
CA THR A 121 -2.85 -19.06 12.10
C THR A 121 -3.00 -20.09 13.21
N LEU A 122 -3.65 -21.21 12.90
CA LEU A 122 -3.98 -22.19 13.92
C LEU A 122 -4.14 -23.57 13.30
N TYR A 123 -4.15 -24.58 14.17
CA TYR A 123 -4.45 -25.95 13.81
C TYR A 123 -5.85 -26.30 14.31
N LEU A 124 -6.66 -26.90 13.44
CA LEU A 124 -8.02 -27.27 13.76
C LEU A 124 -8.16 -28.79 13.68
N ARG A 125 -8.70 -29.39 14.74
CA ARG A 125 -8.84 -30.84 14.82
C ARG A 125 -10.28 -31.20 15.16
N HIS A 126 -10.77 -32.29 14.58
CA HIS A 126 -12.12 -32.79 14.82
C HIS A 126 -12.07 -34.25 15.23
N TYR A 127 -12.95 -34.63 16.16
CA TYR A 127 -13.06 -36.00 16.62
C TYR A 127 -14.51 -36.45 16.51
N TRP A 128 -14.73 -37.59 15.87
CA TRP A 128 -16.05 -38.20 15.82
C TRP A 128 -15.89 -39.68 15.52
N LYS A 129 -16.96 -40.44 15.74
CA LYS A 129 -16.96 -41.89 15.53
C LYS A 129 -17.95 -42.24 14.42
N ASP A 130 -17.51 -43.07 13.49
CA ASP A 130 -18.33 -43.51 12.37
C ASP A 130 -18.11 -45.01 12.17
N GLU A 131 -19.17 -45.80 12.38
CA GLU A 131 -19.03 -47.25 12.33
C GLU A 131 -18.84 -47.78 10.91
N ARG A 132 -19.23 -47.00 9.90
CA ARG A 132 -19.10 -47.46 8.52
C ARG A 132 -17.66 -47.57 8.06
N LEU A 133 -16.72 -46.93 8.76
CA LEU A 133 -15.31 -46.95 8.40
C LEU A 133 -14.52 -48.03 9.13
N SER A 134 -15.18 -48.87 9.92
CA SER A 134 -14.48 -49.92 10.64
C SER A 134 -13.97 -50.98 9.68
N PHE A 135 -12.74 -51.42 9.90
CA PHE A 135 -12.13 -52.46 9.07
C PHE A 135 -11.45 -53.50 9.94
N PRO A 136 -11.49 -54.77 9.53
CA PRO A 136 -10.86 -55.82 10.33
C PRO A 136 -9.35 -55.71 10.30
N SER A 137 -8.72 -56.18 11.39
CA SER A 137 -7.28 -56.21 11.48
C SER A 137 -6.88 -57.23 12.54
N THR A 138 -5.63 -57.70 12.44
CA THR A 138 -5.07 -58.62 13.41
C THR A 138 -4.29 -57.92 14.52
N ASN A 139 -4.28 -56.59 14.51
CA ASN A 139 -3.57 -55.81 15.52
C ASN A 139 -4.31 -54.49 15.70
N ASN A 140 -3.73 -53.51 16.41
CA ASN A 140 -4.38 -52.16 16.58
C ASN A 140 -3.75 -51.04 15.77
N LEU A 141 -3.07 -51.38 14.70
CA LEU A 141 -2.42 -50.38 13.88
C LEU A 141 -3.45 -49.57 13.12
N SER A 142 -3.18 -48.27 13.01
CA SER A 142 -4.08 -47.34 12.35
C SER A 142 -3.56 -47.00 10.95
N MET A 143 -4.46 -46.51 10.11
CA MET A 143 -4.14 -46.15 8.73
C MET A 143 -4.24 -44.65 8.55
N THR A 144 -3.25 -44.07 7.86
CA THR A 144 -3.19 -42.64 7.61
C THR A 144 -3.44 -42.38 6.14
N PHE A 145 -4.34 -41.43 5.85
CA PHE A 145 -4.67 -41.04 4.49
C PHE A 145 -4.42 -39.55 4.32
N ASP A 146 -4.17 -39.17 3.07
CA ASP A 146 -3.93 -37.77 2.75
C ASP A 146 -5.26 -37.10 2.39
N GLY A 147 -5.20 -35.88 1.85
CA GLY A 147 -6.41 -35.12 1.56
C GLY A 147 -7.24 -35.66 0.42
N ARG A 148 -6.73 -36.63 -0.34
CA ARG A 148 -7.49 -37.15 -1.47
C ARG A 148 -8.68 -38.00 -1.03
N LEU A 149 -8.71 -38.47 0.21
CA LEU A 149 -9.82 -39.28 0.70
C LEU A 149 -10.98 -38.43 1.19
N VAL A 150 -10.80 -37.12 1.35
CA VAL A 150 -11.84 -36.27 1.92
C VAL A 150 -13.08 -36.27 1.05
N LYS A 151 -12.89 -36.29 -0.28
CA LYS A 151 -14.02 -36.20 -1.21
C LYS A 151 -14.87 -37.47 -1.23
N LYS A 152 -14.43 -38.56 -0.60
CA LYS A 152 -15.13 -39.83 -0.68
C LYS A 152 -15.86 -40.19 0.61
N ILE A 153 -15.66 -39.46 1.70
CA ILE A 153 -16.30 -39.76 2.98
C ILE A 153 -16.94 -38.48 3.52
N TRP A 154 -17.65 -38.63 4.63
CA TRP A 154 -18.39 -37.55 5.26
C TRP A 154 -17.53 -36.89 6.34
N VAL A 155 -17.41 -35.57 6.28
CA VAL A 155 -16.63 -34.81 7.24
C VAL A 155 -17.41 -33.57 7.68
N PRO A 156 -17.22 -33.09 8.90
CA PRO A 156 -17.97 -31.91 9.35
C PRO A 156 -17.52 -30.65 8.62
N ASP A 157 -18.49 -29.80 8.28
CA ASP A 157 -18.25 -28.57 7.56
C ASP A 157 -18.28 -27.36 8.51
N MET A 158 -17.19 -27.21 9.26
CA MET A 158 -17.05 -26.07 10.14
C MET A 158 -16.65 -24.83 9.35
N PHE A 159 -17.07 -23.67 9.84
CA PHE A 159 -16.69 -22.41 9.21
C PHE A 159 -16.56 -21.35 10.29
N PHE A 160 -15.82 -20.29 9.97
CA PHE A 160 -15.55 -19.22 10.92
C PHE A 160 -16.51 -18.08 10.70
N VAL A 161 -17.23 -17.70 11.75
CA VAL A 161 -18.21 -16.63 11.68
C VAL A 161 -17.51 -15.28 11.77
N HIS A 162 -18.09 -14.28 11.11
CA HIS A 162 -17.57 -12.91 11.12
C HIS A 162 -16.15 -12.83 10.58
N SER A 163 -15.85 -13.67 9.60
CA SER A 163 -14.54 -13.67 8.96
C SER A 163 -14.61 -12.93 7.64
N LYS A 164 -13.47 -12.40 7.21
CA LYS A 164 -13.36 -11.66 5.96
C LYS A 164 -12.70 -12.46 4.85
N ARG A 165 -11.72 -13.29 5.16
CA ARG A 165 -11.11 -14.18 4.18
C ARG A 165 -10.29 -15.23 4.92
N SER A 166 -10.13 -16.39 4.28
CA SER A 166 -9.37 -17.48 4.87
C SER A 166 -8.95 -18.45 3.77
N PHE A 167 -7.94 -19.25 4.08
CA PHE A 167 -7.43 -20.23 3.12
C PHE A 167 -6.70 -21.34 3.86
N ILE A 168 -6.50 -22.45 3.17
CA ILE A 168 -5.78 -23.60 3.69
C ILE A 168 -4.46 -23.73 2.94
N HIS A 169 -3.36 -23.87 3.69
CA HIS A 169 -2.04 -23.95 3.08
C HIS A 169 -1.92 -25.24 2.26
N ASP A 170 -1.21 -25.15 1.13
CA ASP A 170 -1.11 -26.26 0.20
C ASP A 170 0.32 -26.43 -0.32
N THR A 171 1.31 -26.29 0.56
CA THR A 171 2.71 -26.46 0.20
C THR A 171 3.38 -27.41 1.17
N THR A 172 4.04 -28.45 0.65
CA THR A 172 4.16 -28.69 -0.79
C THR A 172 2.96 -29.44 -1.33
N THR A 173 2.08 -29.85 -0.42
CA THR A 173 0.82 -30.47 -0.78
C THR A 173 -0.24 -29.99 0.21
N ASP A 174 -1.47 -30.45 0.02
CA ASP A 174 -2.56 -30.04 0.91
C ASP A 174 -2.24 -30.45 2.34
N ASN A 175 -2.41 -29.52 3.27
CA ASN A 175 -2.16 -29.80 4.69
C ASN A 175 -3.43 -30.34 5.35
N VAL A 176 -3.77 -31.57 4.96
CA VAL A 176 -4.94 -32.28 5.47
C VAL A 176 -4.50 -33.69 5.85
N MET A 177 -4.93 -34.16 7.01
CA MET A 177 -4.55 -35.47 7.51
C MET A 177 -5.78 -36.20 8.03
N LEU A 178 -5.85 -37.50 7.76
CA LEU A 178 -6.92 -38.36 8.25
C LEU A 178 -6.31 -39.60 8.87
N ARG A 179 -6.75 -39.94 10.08
CA ARG A 179 -6.29 -41.13 10.78
C ARG A 179 -7.51 -41.90 11.28
N VAL A 180 -7.57 -43.19 10.95
CA VAL A 180 -8.73 -44.01 11.25
C VAL A 180 -8.30 -45.17 12.13
N GLN A 181 -9.00 -45.36 13.25
CA GLN A 181 -8.79 -46.49 14.13
C GLN A 181 -9.56 -47.71 13.63
N PRO A 182 -9.16 -48.92 14.02
CA PRO A 182 -9.90 -50.12 13.59
C PRO A 182 -11.36 -50.11 13.99
N ASP A 183 -11.69 -49.56 15.17
CA ASP A 183 -13.09 -49.53 15.60
C ASP A 183 -13.89 -48.54 14.77
N GLY A 184 -13.29 -47.41 14.40
CA GLY A 184 -13.98 -46.44 13.57
C GLY A 184 -13.78 -44.99 13.98
N LYS A 185 -12.96 -44.74 14.99
CA LYS A 185 -12.67 -43.38 15.42
C LYS A 185 -11.84 -42.66 14.37
N VAL A 186 -12.20 -41.42 14.09
CA VAL A 186 -11.63 -40.64 12.99
C VAL A 186 -11.03 -39.37 13.55
N LEU A 187 -9.83 -39.02 13.08
CA LEU A 187 -9.17 -37.77 13.40
C LEU A 187 -9.01 -36.96 12.12
N TYR A 188 -9.39 -35.68 12.19
CA TYR A 188 -9.38 -34.79 11.03
C TYR A 188 -8.62 -33.52 11.42
N SER A 189 -7.41 -33.36 10.93
CA SER A 189 -6.56 -32.23 11.24
C SER A 189 -6.24 -31.44 9.98
N LEU A 190 -6.19 -30.12 10.10
CA LEU A 190 -5.85 -29.25 8.98
C LEU A 190 -5.30 -27.94 9.51
N ARG A 191 -4.59 -27.22 8.64
CA ARG A 191 -3.93 -25.97 9.00
C ARG A 191 -4.57 -24.84 8.20
N VAL A 192 -4.98 -23.77 8.89
CA VAL A 192 -5.79 -22.72 8.30
C VAL A 192 -5.35 -21.36 8.81
N THR A 193 -5.49 -20.34 7.95
CA THR A 193 -5.25 -18.96 8.31
C THR A 193 -6.54 -18.18 8.09
N VAL A 194 -6.95 -17.38 9.08
CA VAL A 194 -8.25 -16.73 9.07
C VAL A 194 -8.09 -15.27 9.50
N THR A 195 -8.82 -14.38 8.82
CA THR A 195 -8.91 -12.97 9.18
C THR A 195 -10.32 -12.68 9.69
N ALA A 196 -10.41 -12.10 10.87
CA ALA A 196 -11.70 -11.90 11.54
C ALA A 196 -11.83 -10.44 11.96
N MET A 197 -13.08 -10.00 12.07
CA MET A 197 -13.38 -8.64 12.50
C MET A 197 -13.38 -8.54 14.02
N CYS A 198 -13.09 -7.35 14.52
CA CYS A 198 -13.11 -7.11 15.96
C CYS A 198 -13.42 -5.63 16.19
N ASN A 199 -14.57 -5.34 16.77
CA ASN A 199 -14.95 -3.96 17.05
C ASN A 199 -14.03 -3.35 18.10
N MET A 200 -13.59 -2.12 17.84
CA MET A 200 -12.66 -1.42 18.72
C MET A 200 -13.20 -0.04 19.05
N ASP A 201 -12.83 0.44 20.24
CA ASP A 201 -13.23 1.76 20.71
C ASP A 201 -11.97 2.50 21.15
N PHE A 202 -11.71 3.65 20.53
CA PHE A 202 -10.51 4.43 20.79
C PHE A 202 -10.80 5.71 21.56
N SER A 203 -11.86 5.72 22.37
CA SER A 203 -12.19 6.91 23.15
C SER A 203 -11.11 7.20 24.18
N ARG A 204 -10.55 6.17 24.80
CA ARG A 204 -9.57 6.31 25.87
C ARG A 204 -8.13 6.11 25.40
N PHE A 205 -7.85 6.40 24.14
CA PHE A 205 -6.49 6.26 23.62
C PHE A 205 -5.56 7.22 24.36
N PRO A 206 -4.34 6.78 24.71
CA PRO A 206 -3.73 5.47 24.52
C PRO A 206 -3.91 4.52 25.71
N LEU A 207 -4.84 4.83 26.61
CA LEU A 207 -5.09 4.02 27.78
C LEU A 207 -6.22 3.01 27.56
N ASP A 208 -6.46 2.63 26.32
CA ASP A 208 -7.59 1.77 25.98
C ASP A 208 -7.23 0.30 26.13
N THR A 209 -8.26 -0.52 26.36
CA THR A 209 -8.12 -1.96 26.46
C THR A 209 -9.13 -2.61 25.52
N GLN A 210 -8.65 -3.49 24.65
CA GLN A 210 -9.47 -4.09 23.60
C GLN A 210 -9.59 -5.59 23.82
N THR A 211 -10.79 -6.12 23.59
CA THR A 211 -11.07 -7.55 23.69
C THR A 211 -11.60 -8.03 22.35
N CYS A 212 -10.96 -9.07 21.81
CA CYS A 212 -11.38 -9.67 20.55
C CYS A 212 -11.73 -11.14 20.77
N SER A 213 -12.34 -11.75 19.75
CA SER A 213 -12.77 -13.13 19.84
C SER A 213 -12.74 -13.78 18.46
N LEU A 214 -12.76 -15.11 18.46
CA LEU A 214 -12.84 -15.91 17.24
C LEU A 214 -13.90 -16.98 17.45
N GLU A 215 -14.76 -17.18 16.45
CA GLU A 215 -15.94 -18.02 16.59
C GLU A 215 -15.94 -19.14 15.56
N ILE A 216 -16.36 -20.32 15.99
CA ILE A 216 -16.43 -21.52 15.16
C ILE A 216 -17.83 -22.09 15.27
N GLU A 217 -18.43 -22.42 14.12
CA GLU A 217 -19.80 -22.90 14.12
C GLU A 217 -20.02 -23.78 12.89
N SER A 218 -20.93 -24.75 13.03
CA SER A 218 -21.35 -25.56 11.90
C SER A 218 -22.20 -24.73 10.96
N TYR A 219 -22.18 -25.09 9.67
CA TYR A 219 -22.87 -24.27 8.67
C TYR A 219 -24.29 -24.78 8.40
N ALA A 220 -24.43 -26.08 8.12
CA ALA A 220 -25.69 -26.61 7.61
C ALA A 220 -26.48 -27.46 8.59
N TYR A 221 -25.85 -27.95 9.65
CA TYR A 221 -26.51 -28.88 10.58
C TYR A 221 -26.88 -28.15 11.85
N THR A 222 -28.14 -28.28 12.26
CA THR A 222 -28.61 -27.71 13.51
C THR A 222 -28.17 -28.57 14.68
N GLU A 223 -28.56 -28.14 15.90
CA GLU A 223 -28.19 -28.90 17.08
C GLU A 223 -28.91 -30.23 17.15
N ASP A 224 -29.97 -30.40 16.35
CA ASP A 224 -30.69 -31.68 16.32
C ASP A 224 -29.88 -32.76 15.62
N ASP A 225 -28.94 -32.39 14.75
CA ASP A 225 -28.16 -33.37 13.98
C ASP A 225 -26.70 -33.43 14.38
N LEU A 226 -26.10 -32.31 14.80
CA LEU A 226 -24.69 -32.27 15.15
C LEU A 226 -24.53 -31.53 16.47
N MET A 227 -23.88 -32.18 17.44
CA MET A 227 -23.68 -31.61 18.77
C MET A 227 -22.20 -31.27 18.93
N LEU A 228 -21.89 -29.97 18.94
CA LEU A 228 -20.52 -29.49 18.95
C LEU A 228 -20.11 -29.08 20.36
N TYR A 229 -18.89 -29.44 20.76
CA TYR A 229 -18.40 -29.12 22.10
C TYR A 229 -16.89 -29.22 22.13
N TRP A 230 -16.30 -28.58 23.13
CA TRP A 230 -14.87 -28.71 23.38
C TRP A 230 -14.57 -30.07 24.00
N LYS A 231 -13.55 -30.75 23.46
CA LYS A 231 -13.30 -32.13 23.86
C LYS A 231 -12.87 -32.24 25.31
N LYS A 232 -11.95 -31.38 25.75
CA LYS A 232 -11.39 -31.47 27.09
C LYS A 232 -11.59 -30.19 27.90
N GLY A 233 -12.74 -29.55 27.75
CA GLY A 233 -13.02 -28.35 28.52
C GLY A 233 -12.03 -27.24 28.20
N ASN A 234 -11.44 -26.65 29.23
CA ASN A 234 -10.52 -25.52 28.99
C ASN A 234 -9.09 -26.00 28.67
N ASP A 235 -8.83 -27.31 28.68
CA ASP A 235 -7.53 -27.83 28.30
C ASP A 235 -7.40 -28.02 26.79
N SER A 236 -8.43 -27.70 26.02
CA SER A 236 -8.42 -27.93 24.58
C SER A 236 -7.78 -26.79 23.79
N LEU A 237 -7.36 -25.72 24.46
CA LEU A 237 -6.73 -24.58 23.80
C LEU A 237 -5.28 -24.51 24.23
N LYS A 238 -4.37 -24.53 23.25
CA LYS A 238 -2.94 -24.41 23.49
C LYS A 238 -2.38 -23.30 22.62
N THR A 239 -1.43 -22.55 23.16
CA THR A 239 -0.81 -21.45 22.43
C THR A 239 0.71 -21.63 22.41
N ASP A 240 1.32 -21.13 21.34
CA ASP A 240 2.77 -21.17 21.22
C ASP A 240 3.41 -20.27 22.27
N GLU A 241 4.64 -20.59 22.65
CA GLU A 241 5.32 -19.83 23.69
C GLU A 241 5.84 -18.50 23.17
N ARG A 242 5.96 -18.35 21.85
CA ARG A 242 6.60 -17.18 21.25
C ARG A 242 5.60 -16.26 20.53
N ILE A 243 4.33 -16.36 20.87
CA ILE A 243 3.31 -15.52 20.24
C ILE A 243 3.41 -14.12 20.82
N SER A 244 3.58 -13.13 19.93
CA SER A 244 3.79 -11.75 20.37
C SER A 244 3.41 -10.80 19.25
N LEU A 245 3.20 -9.54 19.62
CA LEU A 245 2.86 -8.48 18.68
C LEU A 245 3.82 -7.32 18.85
N SER A 246 3.97 -6.55 17.77
CA SER A 246 4.91 -5.42 17.79
C SER A 246 4.47 -4.35 18.77
N GLN A 247 3.19 -4.01 18.80
CA GLN A 247 2.68 -2.86 19.53
C GLN A 247 1.60 -3.18 20.54
N PHE A 248 1.39 -4.46 20.87
CA PHE A 248 0.34 -4.85 21.80
C PHE A 248 0.84 -5.94 22.73
N LEU A 249 0.17 -6.08 23.87
CA LEU A 249 0.43 -7.15 24.82
C LEU A 249 -0.77 -8.09 24.85
N ILE A 250 -0.51 -9.38 24.69
CA ILE A 250 -1.56 -10.39 24.59
C ILE A 250 -1.57 -11.24 25.85
N GLN A 251 -2.76 -11.44 26.42
CA GLN A 251 -2.89 -12.25 27.62
C GLN A 251 -4.32 -12.75 27.75
N GLU A 252 -4.53 -13.63 28.73
CA GLU A 252 -5.86 -14.13 29.12
C GLU A 252 -6.56 -14.83 27.96
N PHE A 253 -5.97 -15.95 27.52
CA PHE A 253 -6.63 -16.83 26.58
C PHE A 253 -7.57 -17.78 27.31
N HIS A 254 -8.84 -17.76 26.94
CA HIS A 254 -9.82 -18.66 27.53
C HIS A 254 -10.94 -18.91 26.53
N THR A 255 -11.71 -19.97 26.79
CA THR A 255 -12.72 -20.47 25.86
C THR A 255 -14.08 -20.49 26.51
N THR A 256 -15.11 -20.12 25.74
CA THR A 256 -16.49 -20.16 26.18
C THR A 256 -17.38 -20.68 25.06
N THR A 257 -18.62 -20.99 25.40
CA THR A 257 -19.61 -21.48 24.45
C THR A 257 -20.92 -20.72 24.63
N LYS A 258 -21.69 -20.64 23.55
CA LYS A 258 -22.98 -19.94 23.58
C LYS A 258 -23.84 -20.43 22.43
N LEU A 259 -25.14 -20.54 22.68
CA LEU A 259 -26.11 -20.95 21.67
C LEU A 259 -26.57 -19.73 20.86
N ALA A 260 -26.62 -19.89 19.54
CA ALA A 260 -27.08 -18.84 18.64
C ALA A 260 -28.30 -19.32 17.87
N PHE A 261 -29.17 -18.39 17.54
CA PHE A 261 -30.45 -18.71 16.88
C PHE A 261 -30.53 -18.00 15.54
N TYR A 262 -30.93 -18.76 14.51
CA TYR A 262 -31.25 -18.22 13.19
C TYR A 262 -32.70 -18.56 12.87
N SER A 263 -33.47 -17.54 12.48
CA SER A 263 -34.89 -17.75 12.23
C SER A 263 -35.16 -18.70 11.08
N SER A 264 -34.22 -18.84 10.14
CA SER A 264 -34.47 -19.66 8.97
C SER A 264 -34.39 -21.15 9.30
N THR A 265 -33.48 -21.54 10.18
CA THR A 265 -33.27 -22.97 10.42
C THR A 265 -33.41 -23.38 11.88
N GLY A 266 -32.91 -22.58 12.82
CA GLY A 266 -33.04 -22.94 14.22
C GLY A 266 -31.83 -22.67 15.09
N TRP A 267 -31.60 -23.52 16.07
CA TRP A 267 -30.54 -23.32 17.05
C TRP A 267 -29.21 -23.89 16.55
N TYR A 268 -28.13 -23.22 16.94
CA TYR A 268 -26.78 -23.66 16.61
C TYR A 268 -25.89 -23.51 17.83
N ASN A 269 -24.85 -24.33 17.90
CA ASN A 269 -23.83 -24.23 18.94
C ASN A 269 -22.63 -23.47 18.40
N ARG A 270 -22.09 -22.58 19.22
CA ARG A 270 -20.97 -21.73 18.82
C ARG A 270 -19.86 -21.82 19.85
N LEU A 271 -18.62 -21.82 19.38
CA LEU A 271 -17.44 -21.89 20.23
C LEU A 271 -16.64 -20.59 20.11
N TYR A 272 -16.10 -20.14 21.24
CA TYR A 272 -15.42 -18.85 21.30
C TYR A 272 -13.99 -19.04 21.77
N ILE A 273 -13.11 -18.15 21.31
CA ILE A 273 -11.73 -18.03 21.78
C ILE A 273 -11.49 -16.55 22.09
N ASN A 274 -11.24 -16.24 23.36
CA ASN A 274 -11.16 -14.86 23.81
C ASN A 274 -9.75 -14.50 24.25
N PHE A 275 -9.37 -13.25 24.04
CA PHE A 275 -8.10 -12.72 24.51
C PHE A 275 -8.23 -11.20 24.62
N THR A 276 -7.22 -10.60 25.26
CA THR A 276 -7.24 -9.18 25.57
C THR A 276 -5.94 -8.53 25.12
N LEU A 277 -6.01 -7.24 24.78
CA LEU A 277 -4.87 -6.48 24.27
C LEU A 277 -4.62 -5.25 25.14
N ARG A 278 -3.34 -4.93 25.34
CA ARG A 278 -2.93 -3.74 26.07
C ARG A 278 -1.75 -3.09 25.35
N ARG A 279 -1.57 -1.79 25.57
CA ARG A 279 -0.55 -1.02 24.91
C ARG A 279 0.63 -0.76 25.85
N HIS A 280 1.64 -0.09 25.32
CA HIS A 280 2.80 0.37 26.10
C HIS A 280 2.55 1.83 26.45
N ILE A 281 2.22 2.09 27.71
CA ILE A 281 1.80 3.42 28.11
C ILE A 281 2.96 4.40 28.04
N PHE A 282 4.15 3.99 28.50
CA PHE A 282 5.25 4.95 28.68
C PHE A 282 5.71 5.56 27.37
N PHE A 283 5.71 4.78 26.28
CA PHE A 283 6.14 5.33 25.00
C PHE A 283 5.26 6.48 24.56
N PHE A 284 3.94 6.32 24.66
CA PHE A 284 3.03 7.41 24.32
C PHE A 284 3.16 8.55 25.31
N LEU A 285 3.25 8.22 26.60
CA LEU A 285 3.38 9.21 27.66
C LEU A 285 4.51 10.18 27.36
N LEU A 286 5.73 9.65 27.26
CA LEU A 286 6.89 10.49 26.98
C LEU A 286 6.64 11.39 25.78
N GLN A 287 6.51 10.78 24.61
CA GLN A 287 6.47 11.49 23.33
C GLN A 287 5.37 12.53 23.27
N THR A 288 4.14 12.16 23.62
CA THR A 288 3.04 13.12 23.54
C THR A 288 3.10 14.14 24.67
N TYR A 289 3.02 13.67 25.93
CA TYR A 289 2.71 14.57 27.03
C TYR A 289 3.92 15.41 27.46
N PHE A 290 5.14 14.86 27.38
CA PHE A 290 6.29 15.60 27.92
C PHE A 290 6.51 16.93 27.21
N PRO A 291 6.56 17.02 25.87
CA PRO A 291 6.80 18.33 25.24
C PRO A 291 5.71 19.34 25.54
N ALA A 292 4.45 18.91 25.66
CA ALA A 292 3.37 19.85 25.93
C ALA A 292 3.56 20.53 27.29
N THR A 293 3.85 19.74 28.32
CA THR A 293 4.08 20.31 29.64
C THR A 293 5.32 21.20 29.64
N LEU A 294 6.38 20.77 28.95
CA LEU A 294 7.59 21.59 28.89
C LEU A 294 7.32 22.93 28.24
N MET A 295 6.57 22.95 27.14
CA MET A 295 6.28 24.20 26.46
C MET A 295 5.37 25.09 27.30
N VAL A 296 4.42 24.50 28.02
CA VAL A 296 3.56 25.31 28.89
C VAL A 296 4.38 25.99 29.98
N MET A 297 5.31 25.24 30.58
CA MET A 297 6.17 25.85 31.60
C MET A 297 7.08 26.92 31.00
N LEU A 298 7.58 26.70 29.79
CA LEU A 298 8.40 27.70 29.13
C LEU A 298 7.61 28.99 28.89
N SER A 299 6.33 28.85 28.52
CA SER A 299 5.49 30.03 28.34
C SER A 299 5.22 30.72 29.67
N TRP A 300 5.09 29.94 30.75
CA TRP A 300 4.95 30.54 32.08
C TRP A 300 6.17 31.38 32.43
N VAL A 301 7.36 30.92 32.03
CA VAL A 301 8.61 31.56 32.47
C VAL A 301 8.65 33.03 32.10
N SER A 302 7.95 33.43 31.04
CA SER A 302 8.06 34.80 30.54
C SER A 302 7.47 35.83 31.50
N PHE A 303 6.74 35.39 32.53
CA PHE A 303 6.13 36.33 33.46
C PHE A 303 7.14 36.99 34.40
N TRP A 304 8.37 36.49 34.46
CA TRP A 304 9.38 37.01 35.36
C TRP A 304 10.38 37.95 34.69
N ILE A 305 10.12 38.32 33.44
CA ILE A 305 10.98 39.23 32.70
C ILE A 305 10.36 40.62 32.72
N ASP A 306 11.20 41.64 32.88
CA ASP A 306 10.72 43.00 33.04
C ASP A 306 9.96 43.46 31.80
N ARG A 307 8.88 44.22 32.03
CA ARG A 307 8.01 44.65 30.94
C ARG A 307 8.70 45.64 30.03
N ARG A 308 9.69 46.38 30.52
CA ARG A 308 10.31 47.43 29.72
C ARG A 308 11.06 46.88 28.50
N ALA A 309 11.55 45.65 28.57
CA ALA A 309 12.24 45.03 27.45
C ALA A 309 11.21 44.48 26.45
N VAL A 310 10.55 45.41 25.76
CA VAL A 310 9.48 45.03 24.84
C VAL A 310 9.98 44.09 23.74
N PRO A 311 11.11 44.37 23.06
CA PRO A 311 11.61 43.38 22.09
C PRO A 311 12.45 42.30 22.76
N ALA A 312 11.99 41.80 23.91
CA ALA A 312 12.65 40.66 24.53
C ALA A 312 11.65 39.71 25.18
N ARG A 313 10.35 39.97 25.09
CA ARG A 313 9.33 39.17 25.73
C ARG A 313 8.30 38.63 24.75
N VAL A 314 8.00 39.41 23.71
CA VAL A 314 7.11 38.93 22.64
C VAL A 314 7.67 37.68 21.95
N PRO A 315 8.97 37.60 21.57
CA PRO A 315 9.45 36.42 20.82
C PRO A 315 9.20 35.10 21.52
N LEU A 316 9.36 35.05 22.85
CA LEU A 316 9.13 33.81 23.58
C LEU A 316 7.69 33.33 23.42
N GLY A 317 6.74 34.23 23.66
CA GLY A 317 5.33 33.91 23.53
C GLY A 317 4.94 33.52 22.12
N ILE A 318 5.46 34.24 21.13
CA ILE A 318 5.07 33.95 19.76
C ILE A 318 5.75 32.70 19.22
N THR A 319 6.88 32.30 19.78
CA THR A 319 7.58 31.11 19.34
C THR A 319 7.19 29.87 20.12
N THR A 320 6.48 30.02 21.23
CA THR A 320 5.89 28.86 21.88
C THR A 320 4.67 28.33 21.13
N VAL A 321 3.86 29.20 20.55
CA VAL A 321 2.67 28.78 19.82
C VAL A 321 3.05 27.96 18.60
N LEU A 322 4.09 28.40 17.87
CA LEU A 322 4.52 27.67 16.68
C LEU A 322 5.01 26.28 17.03
N THR A 323 5.79 26.16 18.11
CA THR A 323 6.27 24.85 18.54
C THR A 323 5.12 23.95 18.94
N MET A 324 4.14 24.51 19.67
CA MET A 324 2.98 23.71 20.07
C MET A 324 2.20 23.23 18.85
N SER A 325 2.04 24.11 17.84
CA SER A 325 1.33 23.73 16.64
C SER A 325 2.05 22.62 15.89
N THR A 326 3.38 22.72 15.78
CA THR A 326 4.15 21.67 15.12
C THR A 326 4.02 20.35 15.89
N ILE A 327 4.05 20.41 17.22
CA ILE A 327 3.89 19.19 18.01
C ILE A 327 2.53 18.56 17.75
N ILE A 328 1.48 19.37 17.73
CA ILE A 328 0.14 18.85 17.49
C ILE A 328 0.05 18.20 16.11
N THR A 329 0.60 18.87 15.10
CA THR A 329 0.55 18.32 13.75
C THR A 329 1.31 17.00 13.66
N GLY A 330 2.49 16.93 14.26
CA GLY A 330 3.25 15.69 14.24
C GLY A 330 2.54 14.56 14.94
N VAL A 331 1.96 14.84 16.11
CA VAL A 331 1.24 13.80 16.84
C VAL A 331 0.04 13.31 16.05
N ASN A 332 -0.69 14.23 15.44
CA ASN A 332 -1.83 13.83 14.61
C ASN A 332 -1.39 12.98 13.44
N ALA A 333 -0.25 13.33 12.83
CA ALA A 333 0.26 12.53 11.72
C ALA A 333 0.65 11.13 12.16
N SER A 334 1.24 11.00 13.36
CA SER A 334 1.72 9.70 13.80
C SER A 334 0.59 8.76 14.19
N MET A 335 -0.49 9.29 14.79
CA MET A 335 -1.56 8.45 15.29
C MET A 335 -2.36 7.85 14.13
N PRO A 336 -3.05 6.72 14.37
CA PRO A 336 -3.90 6.15 13.33
C PRO A 336 -5.07 7.06 13.00
N ARG A 337 -5.56 6.93 11.76
CA ARG A 337 -6.61 7.81 11.24
C ARG A 337 -7.99 7.41 11.76
N VAL A 338 -8.20 7.66 13.04
CA VAL A 338 -9.50 7.49 13.67
C VAL A 338 -10.16 8.86 13.81
N SER A 339 -11.34 9.01 13.22
CA SER A 339 -11.97 10.33 13.10
C SER A 339 -13.03 10.56 14.17
N TYR A 340 -12.58 10.62 15.43
CA TYR A 340 -13.39 11.17 16.51
C TYR A 340 -12.47 11.51 17.68
N ILE A 341 -13.02 12.25 18.64
CA ILE A 341 -12.22 12.82 19.71
C ILE A 341 -11.74 11.73 20.65
N LYS A 342 -10.45 11.76 20.97
CA LYS A 342 -9.81 10.81 21.86
C LYS A 342 -9.32 11.52 23.12
N ALA A 343 -8.77 10.74 24.04
CA ALA A 343 -8.29 11.31 25.29
C ALA A 343 -7.03 12.16 25.08
N VAL A 344 -6.21 11.78 24.09
CA VAL A 344 -4.99 12.54 23.83
C VAL A 344 -5.32 13.91 23.23
N ASP A 345 -6.35 13.97 22.38
CA ASP A 345 -6.70 15.23 21.72
C ASP A 345 -7.14 16.28 22.74
N ILE A 346 -7.83 15.86 23.79
CA ILE A 346 -8.32 16.80 24.81
C ILE A 346 -7.14 17.47 25.50
N TYR A 347 -6.11 16.69 25.85
CA TYR A 347 -4.96 17.24 26.56
C TYR A 347 -4.20 18.23 25.69
N LEU A 348 -4.04 17.92 24.40
CA LEU A 348 -3.23 18.77 23.53
C LEU A 348 -3.91 20.10 23.24
N TRP A 349 -5.23 20.10 23.08
CA TRP A 349 -5.93 21.33 22.71
C TRP A 349 -6.20 22.22 23.92
N VAL A 350 -6.29 21.65 25.12
CA VAL A 350 -6.37 22.47 26.32
C VAL A 350 -5.04 23.18 26.55
N SER A 351 -3.93 22.47 26.35
CA SER A 351 -2.61 23.08 26.54
C SER A 351 -2.38 24.20 25.53
N PHE A 352 -2.94 24.07 24.34
CA PHE A 352 -2.79 25.11 23.33
C PHE A 352 -3.43 26.42 23.77
N VAL A 353 -4.55 26.33 24.51
CA VAL A 353 -5.22 27.53 24.99
C VAL A 353 -4.38 28.23 26.06
N PHE A 354 -3.75 27.44 26.94
CA PHE A 354 -2.92 28.04 27.99
C PHE A 354 -1.75 28.83 27.41
N VAL A 355 -1.16 28.34 26.31
CA VAL A 355 -0.12 29.08 25.64
C VAL A 355 -0.70 30.32 24.95
N PHE A 356 -1.87 30.16 24.34
CA PHE A 356 -2.49 31.29 23.64
C PHE A 356 -2.85 32.42 24.60
N LEU A 357 -3.36 32.08 25.79
CA LEU A 357 -3.76 33.11 26.75
C LEU A 357 -2.57 33.88 27.29
N SER A 358 -1.39 33.25 27.34
CA SER A 358 -0.21 33.94 27.87
C SER A 358 0.16 35.14 27.02
N VAL A 359 0.03 35.01 25.70
CA VAL A 359 0.33 36.14 24.82
C VAL A 359 -0.71 37.24 24.98
N LEU A 360 -1.98 36.85 25.16
CA LEU A 360 -3.02 37.84 25.37
C LEU A 360 -2.78 38.65 26.64
N GLU A 361 -2.20 38.01 27.66
CA GLU A 361 -1.96 38.70 28.93
C GLU A 361 -0.97 39.83 28.76
N TYR A 362 0.10 39.61 27.99
CA TYR A 362 1.11 40.65 27.83
C TYR A 362 0.59 41.84 27.03
N ALA A 363 -0.30 41.60 26.05
CA ALA A 363 -0.84 42.69 25.27
C ALA A 363 -1.64 43.65 26.16
N ALA A 364 -2.40 43.11 27.11
CA ALA A 364 -3.13 43.95 28.04
C ALA A 364 -2.19 44.76 28.92
N VAL A 365 -1.11 44.13 29.39
CA VAL A 365 -0.16 44.82 30.26
C VAL A 365 0.52 45.95 29.50
N ASN A 366 0.96 45.67 28.27
CA ASN A 366 1.65 46.69 27.47
C ASN A 366 0.72 47.85 27.13
N TYR A 367 -0.53 47.55 26.80
CA TYR A 367 -1.48 48.60 26.44
C TYR A 367 -1.78 49.51 27.62
N LEU A 368 -1.96 48.93 28.81
CA LEU A 368 -2.29 49.72 29.99
C LEU A 368 -1.13 50.63 30.39
N THR A 369 0.10 50.15 30.26
CA THR A 369 1.26 50.96 30.62
C THR A 369 1.34 52.22 29.76
N THR A 370 1.11 52.08 28.46
CA THR A 370 1.20 53.22 27.55
C THR A 370 0.16 54.28 27.89
N VAL A 371 -1.04 53.84 28.29
CA VAL A 371 -2.11 54.79 28.62
C VAL A 371 -1.70 55.67 29.79
N GLN A 372 -1.06 55.08 30.80
CA GLN A 372 -0.61 55.84 31.96
C GLN A 372 0.40 56.90 31.56
N GLU A 373 1.33 56.56 30.66
CA GLU A 373 2.36 57.49 30.26
C GLU A 373 1.77 58.73 29.59
N ARG A 374 0.81 58.53 28.68
CA ARG A 374 0.15 59.66 28.04
C ARG A 374 -0.64 60.49 29.06
N LYS A 375 -1.36 59.81 29.95
CA LYS A 375 -2.17 60.52 30.94
C LYS A 375 -1.31 61.35 31.87
N GLU A 376 -0.20 60.78 32.36
CA GLU A 376 0.66 61.51 33.28
C GLU A 376 1.43 62.62 32.57
N GLN A 377 1.86 62.37 31.34
CA GLN A 377 2.59 63.39 30.57
C GLN A 377 1.62 64.36 29.90
N ASP A 451 8.62 49.26 38.62
CA ASP A 451 7.78 48.42 39.46
C ASP A 451 7.16 47.28 38.65
N THR A 452 6.50 46.36 39.34
CA THR A 452 5.86 45.22 38.72
C THR A 452 4.35 45.43 38.67
N HIS A 453 3.78 45.25 37.49
CA HIS A 453 2.33 45.40 37.34
C HIS A 453 1.61 44.30 38.10
N ALA A 454 0.45 44.64 38.66
CA ALA A 454 -0.31 43.68 39.46
C ALA A 454 -0.75 42.48 38.63
N ILE A 455 -0.93 42.66 37.32
CA ILE A 455 -1.37 41.56 36.47
C ILE A 455 -0.34 40.44 36.48
N ASP A 456 0.95 40.78 36.40
CA ASP A 456 1.99 39.77 36.46
C ASP A 456 1.97 39.04 37.80
N LYS A 457 1.80 39.79 38.89
CA LYS A 457 1.79 39.19 40.22
C LYS A 457 0.65 38.19 40.35
N TYR A 458 -0.53 38.53 39.83
CA TYR A 458 -1.66 37.60 39.92
C TYR A 458 -1.48 36.43 38.96
N SER A 459 -0.89 36.65 37.78
CA SER A 459 -0.70 35.58 36.82
C SER A 459 0.25 34.51 37.36
N ARG A 460 1.35 34.95 37.99
CA ARG A 460 2.34 34.00 38.49
C ARG A 460 1.74 32.99 39.45
N ILE A 461 0.64 33.34 40.11
CA ILE A 461 -0.02 32.43 41.04
C ILE A 461 -1.18 31.70 40.35
N ILE A 462 -1.93 32.41 39.51
CA ILE A 462 -3.16 31.84 38.96
C ILE A 462 -2.84 30.74 37.95
N PHE A 463 -1.89 30.97 37.05
CA PHE A 463 -1.67 30.00 35.97
C PHE A 463 -1.26 28.62 36.47
N PRO A 464 -0.24 28.47 37.32
CA PRO A 464 0.10 27.11 37.78
C PRO A 464 -1.02 26.41 38.51
N ALA A 465 -1.80 27.14 39.31
CA ALA A 465 -2.91 26.52 40.04
C ALA A 465 -3.96 25.98 39.07
N ALA A 466 -4.29 26.75 38.04
CA ALA A 466 -5.26 26.29 37.06
C ALA A 466 -4.75 25.05 36.32
N TYR A 467 -3.48 25.06 35.92
CA TYR A 467 -2.95 23.90 35.20
C TYR A 467 -2.92 22.66 36.09
N ILE A 468 -2.55 22.82 37.37
CA ILE A 468 -2.52 21.68 38.28
C ILE A 468 -3.93 21.13 38.49
N LEU A 469 -4.92 22.02 38.66
CA LEU A 469 -6.29 21.55 38.83
C LEU A 469 -6.78 20.81 37.59
N PHE A 470 -6.46 21.33 36.40
CA PHE A 470 -6.84 20.63 35.17
C PHE A 470 -6.19 19.25 35.10
N ASN A 471 -4.91 19.16 35.46
CA ASN A 471 -4.24 17.85 35.43
C ASN A 471 -4.88 16.88 36.41
N LEU A 472 -5.21 17.37 37.62
CA LEU A 472 -5.84 16.50 38.61
C LEU A 472 -7.17 15.96 38.10
N ILE A 473 -8.01 16.85 37.55
CA ILE A 473 -9.31 16.40 37.05
C ILE A 473 -9.14 15.43 35.88
N TYR A 474 -8.25 15.76 34.95
CA TYR A 474 -8.07 14.93 33.77
C TYR A 474 -7.59 13.53 34.13
N TRP A 475 -6.60 13.43 35.03
CA TRP A 475 -6.10 12.11 35.41
C TRP A 475 -7.01 11.40 36.40
N SER A 476 -7.94 12.11 37.03
CA SER A 476 -8.96 11.42 37.83
C SER A 476 -10.04 10.81 36.95
N ILE A 477 -10.42 11.50 35.87
CA ILE A 477 -11.46 10.98 35.00
C ILE A 477 -10.95 9.80 34.18
N PHE A 478 -9.78 9.94 33.56
CA PHE A 478 -9.23 8.93 32.66
C PHE A 478 -8.35 7.92 33.37
N SER A 479 -8.26 7.99 34.70
CA SER A 479 -7.48 7.04 35.50
C SER A 479 -6.00 7.01 35.12
N LYS B 74 -28.65 -44.84 -2.07
CA LYS B 74 -28.12 -43.54 -2.48
C LYS B 74 -29.23 -42.50 -2.50
N SER B 75 -29.00 -41.39 -1.78
CA SER B 75 -30.02 -40.34 -1.69
C SER B 75 -30.25 -39.65 -3.03
N GLU B 76 -29.22 -39.60 -3.88
CA GLU B 76 -29.40 -38.99 -5.21
C GLU B 76 -30.21 -39.88 -6.14
N GLN B 77 -30.45 -41.14 -5.79
CA GLN B 77 -31.33 -42.00 -6.57
C GLN B 77 -32.80 -41.77 -6.27
N LEU B 78 -33.13 -41.25 -5.09
CA LEU B 78 -34.52 -40.89 -4.81
C LEU B 78 -34.99 -39.78 -5.73
N LEU B 79 -34.12 -38.81 -6.02
CA LEU B 79 -34.41 -37.75 -6.98
C LEU B 79 -34.05 -38.25 -8.38
N ARG B 80 -35.02 -38.24 -9.29
CA ARG B 80 -34.82 -38.77 -10.63
C ARG B 80 -33.96 -37.77 -11.41
N ILE B 81 -32.65 -37.83 -11.15
CA ILE B 81 -31.72 -36.91 -11.79
C ILE B 81 -31.61 -37.20 -13.29
N ASP B 82 -31.49 -38.47 -13.66
CA ASP B 82 -31.32 -38.85 -15.05
C ASP B 82 -32.63 -38.92 -15.83
N ASP B 83 -33.77 -38.80 -15.16
CA ASP B 83 -35.07 -38.85 -15.82
C ASP B 83 -35.57 -37.48 -16.23
N HIS B 84 -34.82 -36.41 -15.97
CA HIS B 84 -35.24 -35.06 -16.29
C HIS B 84 -34.06 -34.27 -16.83
N ASP B 85 -34.36 -33.25 -17.62
CA ASP B 85 -33.34 -32.36 -18.16
C ASP B 85 -33.26 -31.12 -17.27
N PHE B 86 -32.07 -30.82 -16.76
CA PHE B 86 -31.85 -29.70 -15.87
C PHE B 86 -31.10 -28.56 -16.55
N SER B 87 -31.18 -28.46 -17.87
CA SER B 87 -30.63 -27.31 -18.60
C SER B 87 -31.66 -26.22 -18.84
N MET B 88 -32.91 -26.44 -18.45
CA MET B 88 -33.99 -25.49 -18.68
C MET B 88 -34.69 -25.17 -17.36
N ARG B 89 -35.29 -23.99 -17.30
CA ARG B 89 -35.99 -23.56 -16.10
C ARG B 89 -37.26 -24.39 -15.92
N PRO B 90 -37.70 -24.55 -14.67
CA PRO B 90 -38.97 -25.26 -14.42
C PRO B 90 -40.14 -24.53 -15.09
N GLY B 91 -41.10 -25.30 -15.57
CA GLY B 91 -42.23 -24.73 -16.28
C GLY B 91 -41.86 -24.05 -17.58
N PHE B 92 -40.95 -24.64 -18.34
CA PHE B 92 -40.52 -24.04 -19.59
C PHE B 92 -41.69 -23.93 -20.56
N GLY B 93 -41.77 -22.79 -21.26
CA GLY B 93 -42.83 -22.53 -22.19
C GLY B 93 -44.10 -21.93 -21.60
N GLY B 94 -44.15 -21.77 -20.29
CA GLY B 94 -45.33 -21.23 -19.65
C GLY B 94 -45.03 -20.00 -18.81
N PRO B 95 -45.81 -19.78 -17.76
CA PRO B 95 -45.58 -18.62 -16.88
C PRO B 95 -44.23 -18.71 -16.18
N ALA B 96 -43.67 -17.53 -15.91
CA ALA B 96 -42.37 -17.45 -15.26
C ALA B 96 -42.46 -17.95 -13.83
N ILE B 97 -41.34 -18.52 -13.35
CA ILE B 97 -41.27 -19.05 -11.99
C ILE B 97 -40.92 -17.91 -11.05
N PRO B 98 -41.73 -17.64 -10.02
CA PRO B 98 -41.39 -16.59 -9.05
C PRO B 98 -40.27 -17.04 -8.15
N VAL B 99 -39.27 -16.17 -7.97
CA VAL B 99 -38.10 -16.45 -7.14
C VAL B 99 -37.98 -15.35 -6.10
N GLY B 100 -38.03 -15.71 -4.82
CA GLY B 100 -37.87 -14.75 -3.75
C GLY B 100 -36.45 -14.72 -3.22
N VAL B 101 -36.06 -13.56 -2.70
CA VAL B 101 -34.71 -13.32 -2.20
C VAL B 101 -34.79 -12.76 -0.78
N ASP B 102 -34.02 -13.34 0.13
CA ASP B 102 -33.85 -12.83 1.48
C ASP B 102 -32.38 -12.54 1.72
N VAL B 103 -32.08 -11.36 2.27
CA VAL B 103 -30.72 -10.91 2.47
C VAL B 103 -30.54 -10.55 3.94
N GLN B 104 -29.43 -11.02 4.53
CA GLN B 104 -29.06 -10.65 5.89
C GLN B 104 -27.64 -10.11 5.85
N VAL B 105 -27.48 -8.84 6.23
CA VAL B 105 -26.20 -8.15 6.17
C VAL B 105 -25.39 -8.54 7.40
N GLU B 106 -24.15 -8.97 7.19
CA GLU B 106 -23.31 -9.42 8.29
C GLU B 106 -22.40 -8.31 8.81
N SER B 107 -21.73 -7.59 7.91
CA SER B 107 -20.86 -6.49 8.32
C SER B 107 -20.51 -5.63 7.13
N LEU B 108 -20.00 -4.44 7.41
CA LEU B 108 -19.39 -3.57 6.41
C LEU B 108 -17.88 -3.59 6.64
N ASP B 109 -17.13 -4.03 5.62
CA ASP B 109 -15.70 -4.25 5.81
C ASP B 109 -14.92 -2.95 5.79
N SER B 110 -15.06 -2.16 4.73
CA SER B 110 -14.31 -0.92 4.60
C SER B 110 -14.99 -0.04 3.56
N ILE B 111 -14.59 1.23 3.53
CA ILE B 111 -15.08 2.19 2.56
C ILE B 111 -13.91 3.04 2.08
N SER B 112 -13.86 3.27 0.77
CA SER B 112 -12.76 3.99 0.14
C SER B 112 -13.30 5.29 -0.45
N GLU B 113 -12.64 6.41 -0.12
CA GLU B 113 -13.09 7.70 -0.60
C GLU B 113 -12.45 8.08 -1.93
N VAL B 114 -11.18 7.70 -2.13
CA VAL B 114 -10.50 8.02 -3.38
C VAL B 114 -11.07 7.19 -4.53
N ASP B 115 -11.25 5.89 -4.31
CA ASP B 115 -11.78 5.00 -5.33
C ASP B 115 -13.31 4.94 -5.34
N MET B 116 -13.96 5.47 -4.31
CA MET B 116 -15.43 5.54 -4.24
C MET B 116 -16.06 4.15 -4.33
N ASP B 117 -15.77 3.32 -3.33
CA ASP B 117 -16.34 1.98 -3.25
C ASP B 117 -16.39 1.54 -1.79
N PHE B 118 -17.16 0.47 -1.55
CA PHE B 118 -17.29 -0.12 -0.23
C PHE B 118 -17.38 -1.64 -0.37
N THR B 119 -17.08 -2.34 0.72
CA THR B 119 -17.07 -3.80 0.77
C THR B 119 -18.07 -4.27 1.81
N MET B 120 -18.86 -5.28 1.46
CA MET B 120 -19.91 -5.79 2.32
C MET B 120 -19.92 -7.31 2.32
N THR B 121 -20.28 -7.91 3.45
CA THR B 121 -20.42 -9.34 3.59
C THR B 121 -21.86 -9.66 3.97
N LEU B 122 -22.47 -10.62 3.29
CA LEU B 122 -23.89 -10.86 3.47
C LEU B 122 -24.24 -12.31 3.18
N TYR B 123 -25.43 -12.71 3.60
CA TYR B 123 -26.02 -14.01 3.30
C TYR B 123 -27.09 -13.82 2.24
N LEU B 124 -27.08 -14.67 1.22
CA LEU B 124 -28.04 -14.60 0.14
C LEU B 124 -28.84 -15.89 0.08
N ARG B 125 -30.17 -15.77 0.06
CA ARG B 125 -31.06 -16.93 0.06
C ARG B 125 -32.07 -16.81 -1.07
N HIS B 126 -32.39 -17.94 -1.71
CA HIS B 126 -33.34 -17.99 -2.80
C HIS B 126 -34.43 -19.01 -2.49
N TYR B 127 -35.65 -18.70 -2.93
CA TYR B 127 -36.79 -19.59 -2.76
C TYR B 127 -37.48 -19.79 -4.10
N TRP B 128 -37.71 -21.04 -4.48
CA TRP B 128 -38.47 -21.36 -5.68
C TRP B 128 -38.98 -22.79 -5.56
N LYS B 129 -39.94 -23.13 -6.41
CA LYS B 129 -40.58 -24.44 -6.38
C LYS B 129 -40.37 -25.16 -7.71
N ASP B 130 -40.01 -26.44 -7.63
CA ASP B 130 -39.81 -27.29 -8.80
C ASP B 130 -40.38 -28.66 -8.51
N GLU B 131 -41.31 -29.11 -9.34
CA GLU B 131 -41.94 -30.41 -9.11
C GLU B 131 -41.03 -31.58 -9.50
N ARG B 132 -40.01 -31.34 -10.31
CA ARG B 132 -39.13 -32.42 -10.77
C ARG B 132 -38.28 -33.00 -9.64
N LEU B 133 -38.14 -32.30 -8.52
CA LEU B 133 -37.33 -32.77 -7.41
C LEU B 133 -38.16 -33.46 -6.33
N SER B 134 -39.45 -33.64 -6.54
CA SER B 134 -40.29 -34.29 -5.54
C SER B 134 -39.92 -35.76 -5.39
N PHE B 135 -39.90 -36.23 -4.15
CA PHE B 135 -39.56 -37.61 -3.84
C PHE B 135 -40.55 -38.18 -2.83
N PRO B 136 -40.90 -39.46 -2.94
CA PRO B 136 -41.80 -40.07 -1.96
C PRO B 136 -41.15 -40.16 -0.59
N SER B 137 -41.99 -40.06 0.43
CA SER B 137 -41.53 -40.17 1.81
C SER B 137 -42.68 -40.63 2.69
N THR B 138 -42.32 -41.25 3.80
CA THR B 138 -43.30 -41.71 4.79
C THR B 138 -43.55 -40.70 5.90
N ASN B 139 -42.86 -39.56 5.87
CA ASN B 139 -43.00 -38.53 6.89
C ASN B 139 -42.76 -37.18 6.24
N ASN B 140 -42.52 -36.11 7.04
CA ASN B 140 -42.30 -34.73 6.50
C ASN B 140 -40.87 -34.22 6.53
N LEU B 141 -39.92 -35.12 6.63
CA LEU B 141 -38.53 -34.73 6.79
C LEU B 141 -37.94 -34.28 5.45
N SER B 142 -37.00 -33.36 5.51
CA SER B 142 -36.31 -32.84 4.34
C SER B 142 -34.89 -33.37 4.28
N MET B 143 -34.29 -33.28 3.10
CA MET B 143 -32.93 -33.75 2.86
C MET B 143 -32.02 -32.56 2.57
N THR B 144 -30.84 -32.57 3.17
CA THR B 144 -29.87 -31.49 3.03
C THR B 144 -28.71 -31.97 2.17
N PHE B 145 -28.34 -31.15 1.18
CA PHE B 145 -27.24 -31.47 0.27
C PHE B 145 -26.21 -30.36 0.30
N ASP B 146 -24.96 -30.72 0.01
CA ASP B 146 -23.87 -29.77 0.00
C ASP B 146 -23.71 -29.17 -1.40
N GLY B 147 -22.60 -28.47 -1.62
CA GLY B 147 -22.38 -27.77 -2.87
C GLY B 147 -22.11 -28.67 -4.07
N ARG B 148 -21.94 -29.97 -3.87
CA ARG B 148 -21.68 -30.87 -4.99
C ARG B 148 -22.92 -31.13 -5.82
N LEU B 149 -24.12 -30.94 -5.26
CA LEU B 149 -25.35 -31.17 -6.00
C LEU B 149 -25.75 -29.98 -6.87
N VAL B 150 -25.11 -28.82 -6.68
CA VAL B 150 -25.51 -27.62 -7.41
C VAL B 150 -25.28 -27.81 -8.92
N LYS B 151 -24.18 -28.46 -9.28
CA LYS B 151 -23.84 -28.61 -10.69
C LYS B 151 -24.75 -29.61 -11.42
N LYS B 152 -25.60 -30.34 -10.71
CA LYS B 152 -26.46 -31.34 -11.33
C LYS B 152 -27.89 -30.87 -11.54
N ILE B 153 -28.27 -29.72 -10.99
CA ILE B 153 -29.62 -29.19 -11.11
C ILE B 153 -29.56 -27.74 -11.58
N TRP B 154 -30.74 -27.15 -11.76
CA TRP B 154 -30.86 -25.78 -12.23
C TRP B 154 -31.04 -24.82 -11.06
N VAL B 155 -30.24 -23.76 -11.05
CA VAL B 155 -30.33 -22.73 -10.01
C VAL B 155 -30.29 -21.36 -10.66
N PRO B 156 -30.93 -20.35 -10.08
CA PRO B 156 -30.91 -19.01 -10.68
C PRO B 156 -29.52 -18.42 -10.69
N ASP B 157 -29.21 -17.67 -11.76
CA ASP B 157 -27.90 -17.05 -11.93
C ASP B 157 -27.98 -15.56 -11.57
N MET B 158 -28.02 -15.30 -10.27
CA MET B 158 -28.00 -13.92 -9.79
C MET B 158 -26.59 -13.35 -9.85
N PHE B 159 -26.50 -12.04 -10.03
CA PHE B 159 -25.22 -11.36 -9.99
C PHE B 159 -25.44 -9.93 -9.52
N PHE B 160 -24.36 -9.32 -9.02
CA PHE B 160 -24.44 -7.97 -8.47
C PHE B 160 -24.03 -6.95 -9.53
N VAL B 161 -24.90 -6.01 -9.80
CA VAL B 161 -24.66 -5.01 -10.84
C VAL B 161 -23.72 -3.94 -10.30
N HIS B 162 -22.87 -3.41 -11.18
CA HIS B 162 -21.95 -2.32 -10.85
C HIS B 162 -21.01 -2.69 -9.71
N SER B 163 -20.52 -3.93 -9.71
CA SER B 163 -19.56 -4.41 -8.73
C SER B 163 -18.18 -4.51 -9.38
N LYS B 164 -17.15 -4.41 -8.54
CA LYS B 164 -15.77 -4.47 -9.00
C LYS B 164 -15.11 -5.83 -8.78
N ARG B 165 -15.43 -6.52 -7.69
CA ARG B 165 -14.89 -7.83 -7.43
C ARG B 165 -15.72 -8.51 -6.35
N SER B 166 -15.80 -9.83 -6.41
CA SER B 166 -16.55 -10.60 -5.43
C SER B 166 -16.07 -12.04 -5.44
N PHE B 167 -16.34 -12.74 -4.34
CA PHE B 167 -15.96 -14.14 -4.22
C PHE B 167 -16.83 -14.81 -3.17
N ILE B 168 -16.82 -16.14 -3.19
CA ILE B 168 -17.58 -16.96 -2.25
C ILE B 168 -16.60 -17.66 -1.32
N HIS B 169 -16.86 -17.59 -0.02
CA HIS B 169 -15.98 -18.21 0.96
C HIS B 169 -16.00 -19.72 0.83
N ASP B 170 -14.83 -20.35 0.95
CA ASP B 170 -14.70 -21.78 0.76
C ASP B 170 -13.82 -22.41 1.83
N THR B 171 -13.98 -21.99 3.09
CA THR B 171 -13.24 -22.55 4.21
C THR B 171 -14.23 -22.92 5.31
N THR B 172 -14.16 -24.16 5.80
CA THR B 172 -13.18 -25.16 5.36
C THR B 172 -13.61 -25.87 4.10
N THR B 173 -14.82 -25.59 3.64
CA THR B 173 -15.34 -26.09 2.38
C THR B 173 -16.28 -25.03 1.81
N ASP B 174 -16.89 -25.34 0.67
CA ASP B 174 -17.79 -24.39 0.03
C ASP B 174 -18.95 -24.06 0.98
N ASN B 175 -19.22 -22.76 1.13
CA ASN B 175 -20.31 -22.29 1.98
C ASN B 175 -21.61 -22.23 1.18
N VAL B 176 -22.06 -23.41 0.75
CA VAL B 176 -23.28 -23.56 -0.04
C VAL B 176 -24.13 -24.63 0.61
N MET B 177 -25.42 -24.37 0.75
CA MET B 177 -26.36 -25.30 1.35
C MET B 177 -27.60 -25.43 0.47
N LEU B 178 -28.09 -26.66 0.34
CA LEU B 178 -29.31 -26.93 -0.41
C LEU B 178 -30.25 -27.75 0.46
N ARG B 179 -31.51 -27.34 0.51
CA ARG B 179 -32.54 -28.03 1.29
C ARG B 179 -33.75 -28.24 0.40
N VAL B 180 -34.25 -29.47 0.34
CA VAL B 180 -35.34 -29.84 -0.55
C VAL B 180 -36.48 -30.42 0.28
N GLN B 181 -37.68 -29.85 0.11
CA GLN B 181 -38.86 -30.35 0.80
C GLN B 181 -39.48 -31.50 0.00
N PRO B 182 -40.25 -32.37 0.67
CA PRO B 182 -40.90 -33.47 -0.07
C PRO B 182 -41.83 -33.01 -1.17
N ASP B 183 -42.54 -31.89 -0.97
CA ASP B 183 -43.47 -31.41 -1.99
C ASP B 183 -42.72 -30.89 -3.23
N GLY B 184 -41.57 -30.27 -3.02
CA GLY B 184 -40.79 -29.79 -4.14
C GLY B 184 -40.19 -28.40 -3.94
N LYS B 185 -40.38 -27.81 -2.77
CA LYS B 185 -39.81 -26.52 -2.48
C LYS B 185 -38.32 -26.64 -2.21
N VAL B 186 -37.55 -25.66 -2.71
CA VAL B 186 -36.09 -25.70 -2.66
C VAL B 186 -35.60 -24.42 -1.98
N LEU B 187 -34.58 -24.58 -1.13
CA LEU B 187 -33.90 -23.47 -0.49
C LEU B 187 -32.42 -23.51 -0.85
N TYR B 188 -31.89 -22.37 -1.29
CA TYR B 188 -30.52 -22.28 -1.79
C TYR B 188 -29.85 -21.07 -1.14
N SER B 189 -28.95 -21.33 -0.20
CA SER B 189 -28.29 -20.28 0.56
C SER B 189 -26.78 -20.33 0.32
N LEU B 190 -26.16 -19.16 0.29
CA LEU B 190 -24.71 -19.07 0.14
C LEU B 190 -24.22 -17.76 0.76
N ARG B 191 -22.93 -17.73 1.07
CA ARG B 191 -22.31 -16.58 1.74
C ARG B 191 -21.28 -15.97 0.80
N VAL B 192 -21.37 -14.65 0.61
CA VAL B 192 -20.61 -13.96 -0.43
C VAL B 192 -20.13 -12.62 0.10
N THR B 193 -19.00 -12.16 -0.45
CA THR B 193 -18.46 -10.83 -0.17
C THR B 193 -18.34 -10.07 -1.49
N VAL B 194 -18.80 -8.82 -1.50
CA VAL B 194 -18.94 -8.06 -2.74
C VAL B 194 -18.42 -6.65 -2.53
N THR B 195 -17.70 -6.13 -3.53
CA THR B 195 -17.25 -4.74 -3.56
C THR B 195 -18.00 -4.02 -4.68
N ALA B 196 -18.63 -2.90 -4.33
CA ALA B 196 -19.48 -2.17 -5.26
C ALA B 196 -19.10 -0.70 -5.31
N MET B 197 -19.39 -0.07 -6.44
CA MET B 197 -19.07 1.34 -6.63
C MET B 197 -20.18 2.22 -6.09
N CYS B 198 -19.81 3.45 -5.70
CA CYS B 198 -20.78 4.42 -5.21
C CYS B 198 -20.23 5.81 -5.48
N ASN B 199 -20.94 6.59 -6.29
CA ASN B 199 -20.53 7.96 -6.57
C ASN B 199 -20.65 8.81 -5.30
N MET B 200 -19.68 9.68 -5.09
CA MET B 200 -19.62 10.51 -3.90
C MET B 200 -19.39 11.97 -4.29
N ASP B 201 -19.91 12.88 -3.48
CA ASP B 201 -19.76 14.30 -3.69
C ASP B 201 -19.13 14.92 -2.46
N PHE B 202 -18.02 15.62 -2.63
CA PHE B 202 -17.28 16.22 -1.53
C PHE B 202 -17.29 17.74 -1.58
N SER B 203 -18.25 18.34 -2.27
CA SER B 203 -18.31 19.80 -2.35
C SER B 203 -18.61 20.42 -1.00
N ARG B 204 -19.32 19.69 -0.13
CA ARG B 204 -19.72 20.19 1.18
C ARG B 204 -18.91 19.57 2.32
N PHE B 205 -17.71 19.06 2.03
CA PHE B 205 -16.89 18.48 3.07
C PHE B 205 -16.53 19.54 4.11
N PRO B 206 -16.58 19.20 5.41
CA PRO B 206 -16.91 17.91 6.01
C PRO B 206 -18.38 17.72 6.39
N LEU B 207 -19.26 18.59 5.89
CA LEU B 207 -20.68 18.53 6.22
C LEU B 207 -21.49 17.80 5.15
N ASP B 208 -20.88 16.84 4.46
CA ASP B 208 -21.54 16.16 3.36
C ASP B 208 -22.37 14.99 3.84
N THR B 209 -23.31 14.58 2.99
CA THR B 209 -24.13 13.38 3.21
C THR B 209 -24.03 12.51 1.98
N GLN B 210 -23.76 11.22 2.18
CA GLN B 210 -23.56 10.28 1.09
C GLN B 210 -24.62 9.18 1.13
N THR B 211 -25.14 8.83 -0.03
CA THR B 211 -26.12 7.76 -0.17
C THR B 211 -25.57 6.72 -1.14
N CYS B 212 -25.45 5.48 -0.69
CA CYS B 212 -24.97 4.38 -1.50
C CYS B 212 -26.02 3.28 -1.54
N SER B 213 -25.94 2.43 -2.57
CA SER B 213 -26.90 1.37 -2.77
C SER B 213 -26.21 0.12 -3.32
N LEU B 214 -26.86 -1.02 -3.11
CA LEU B 214 -26.39 -2.31 -3.62
C LEU B 214 -27.51 -2.94 -4.43
N GLU B 215 -27.17 -3.47 -5.61
CA GLU B 215 -28.16 -3.90 -6.59
C GLU B 215 -27.96 -5.37 -6.94
N ILE B 216 -29.08 -6.08 -7.12
CA ILE B 216 -29.09 -7.48 -7.48
C ILE B 216 -29.97 -7.65 -8.71
N GLU B 217 -29.53 -8.49 -9.66
CA GLU B 217 -30.28 -8.67 -10.90
C GLU B 217 -29.91 -10.01 -11.51
N SER B 218 -30.85 -10.57 -12.28
CA SER B 218 -30.58 -11.78 -13.04
C SER B 218 -29.74 -11.44 -14.27
N TYR B 219 -29.00 -12.44 -14.76
CA TYR B 219 -28.08 -12.18 -15.87
C TYR B 219 -28.68 -12.54 -17.23
N ALA B 220 -29.20 -13.76 -17.37
CA ALA B 220 -29.59 -14.27 -18.68
C ALA B 220 -31.09 -14.39 -18.89
N TYR B 221 -31.89 -14.31 -17.83
CA TYR B 221 -33.34 -14.49 -17.95
C TYR B 221 -34.04 -13.15 -17.78
N THR B 222 -34.94 -12.83 -18.71
CA THR B 222 -35.72 -11.60 -18.64
C THR B 222 -36.92 -11.78 -17.74
N GLU B 223 -37.76 -10.73 -17.67
CA GLU B 223 -38.94 -10.77 -16.83
C GLU B 223 -39.94 -11.82 -17.29
N ASP B 224 -39.90 -12.18 -18.58
CA ASP B 224 -40.81 -13.20 -19.09
C ASP B 224 -40.47 -14.59 -18.58
N ASP B 225 -39.23 -14.81 -18.12
CA ASP B 225 -38.79 -16.12 -17.66
C ASP B 225 -38.56 -16.20 -16.16
N LEU B 226 -38.12 -15.13 -15.53
CA LEU B 226 -37.81 -15.13 -14.11
C LEU B 226 -38.41 -13.89 -13.47
N MET B 227 -39.29 -14.09 -12.49
CA MET B 227 -39.97 -13.01 -11.80
C MET B 227 -39.33 -12.84 -10.41
N LEU B 228 -38.49 -11.83 -10.27
CA LEU B 228 -37.70 -11.62 -9.06
C LEU B 228 -38.39 -10.61 -8.15
N TYR B 229 -38.50 -10.94 -6.86
CA TYR B 229 -39.19 -10.07 -5.92
C TYR B 229 -38.71 -10.39 -4.51
N TRP B 230 -38.96 -9.44 -3.60
CA TRP B 230 -38.67 -9.66 -2.19
C TRP B 230 -39.75 -10.54 -1.58
N LYS B 231 -39.33 -11.55 -0.82
CA LYS B 231 -40.28 -12.54 -0.33
C LYS B 231 -41.26 -11.95 0.69
N LYS B 232 -40.76 -11.15 1.63
CA LYS B 232 -41.61 -10.60 2.69
C LYS B 232 -41.62 -9.08 2.68
N GLY B 233 -41.54 -8.48 1.50
CA GLY B 233 -41.58 -7.03 1.41
C GLY B 233 -40.41 -6.39 2.14
N ASN B 234 -40.67 -5.40 2.98
CA ASN B 234 -39.58 -4.79 3.73
C ASN B 234 -38.98 -5.72 4.76
N ASP B 235 -39.75 -6.69 5.20
CA ASP B 235 -39.30 -7.56 6.27
C ASP B 235 -38.26 -8.58 5.81
N SER B 236 -37.82 -8.52 4.56
CA SER B 236 -36.86 -9.46 4.02
C SER B 236 -35.42 -9.05 4.26
N LEU B 237 -35.18 -7.91 4.90
CA LEU B 237 -33.84 -7.40 5.16
C LEU B 237 -33.57 -7.48 6.66
N LYS B 238 -32.42 -8.05 7.03
CA LYS B 238 -31.97 -8.12 8.41
C LYS B 238 -30.55 -7.60 8.48
N THR B 239 -30.20 -6.98 9.61
CA THR B 239 -28.87 -6.41 9.81
C THR B 239 -28.28 -6.89 11.13
N ASP B 240 -26.95 -6.88 11.18
CA ASP B 240 -26.25 -7.21 12.41
C ASP B 240 -26.42 -6.10 13.44
N GLU B 241 -26.25 -6.46 14.70
CA GLU B 241 -26.39 -5.48 15.78
C GLU B 241 -25.12 -4.67 15.98
N ARG B 242 -23.97 -5.19 15.54
CA ARG B 242 -22.68 -4.57 15.81
C ARG B 242 -21.98 -4.09 14.55
N ILE B 243 -22.73 -3.73 13.52
CA ILE B 243 -22.16 -3.21 12.29
C ILE B 243 -21.86 -1.73 12.47
N SER B 244 -20.62 -1.33 12.20
CA SER B 244 -20.21 0.06 12.35
C SER B 244 -18.98 0.32 11.49
N LEU B 245 -18.70 1.60 11.29
CA LEU B 245 -17.54 2.04 10.53
C LEU B 245 -16.67 2.95 11.39
N SER B 246 -15.38 3.00 11.03
CA SER B 246 -14.42 3.76 11.83
C SER B 246 -14.71 5.25 11.79
N GLN B 247 -15.08 5.78 10.62
CA GLN B 247 -15.20 7.22 10.43
C GLN B 247 -16.56 7.65 9.91
N PHE B 248 -17.58 6.81 9.98
CA PHE B 248 -18.91 7.15 9.46
C PHE B 248 -19.99 6.64 10.40
N LEU B 249 -21.18 7.21 10.27
CA LEU B 249 -22.38 6.76 10.98
C LEU B 249 -23.37 6.20 9.97
N ILE B 250 -23.81 4.96 10.20
CA ILE B 250 -24.64 4.23 9.26
C ILE B 250 -26.06 4.13 9.81
N GLN B 251 -27.05 4.48 8.99
CA GLN B 251 -28.44 4.38 9.40
C GLN B 251 -29.32 4.31 8.16
N GLU B 252 -30.63 4.14 8.39
CA GLU B 252 -31.65 4.17 7.36
C GLU B 252 -31.43 3.07 6.31
N PHE B 253 -31.52 1.83 6.76
CA PHE B 253 -31.51 0.69 5.85
C PHE B 253 -32.93 0.42 5.35
N HIS B 254 -33.09 0.34 4.03
CA HIS B 254 -34.38 0.02 3.44
C HIS B 254 -34.18 -0.57 2.05
N THR B 255 -35.23 -1.20 1.53
CA THR B 255 -35.17 -1.93 0.28
C THR B 255 -36.23 -1.43 -0.69
N THR B 256 -35.87 -1.38 -1.97
CA THR B 256 -36.78 -0.94 -3.03
C THR B 256 -36.56 -1.82 -4.26
N THR B 257 -37.53 -1.75 -5.18
CA THR B 257 -37.46 -2.49 -6.43
C THR B 257 -37.70 -1.55 -7.60
N LYS B 258 -37.20 -1.94 -8.77
CA LYS B 258 -37.35 -1.12 -9.97
C LYS B 258 -37.09 -1.99 -11.20
N LEU B 259 -37.69 -1.61 -12.32
CA LEU B 259 -37.47 -2.30 -13.59
C LEU B 259 -36.31 -1.65 -14.34
N ALA B 260 -35.47 -2.47 -14.96
CA ALA B 260 -34.36 -2.00 -15.77
C ALA B 260 -34.49 -2.55 -17.19
N PHE B 261 -34.04 -1.76 -18.15
CA PHE B 261 -34.20 -2.08 -19.56
C PHE B 261 -32.83 -2.17 -20.23
N TYR B 262 -32.63 -3.23 -21.02
CA TYR B 262 -31.48 -3.37 -21.89
C TYR B 262 -31.98 -3.53 -23.32
N SER B 263 -31.42 -2.74 -24.24
CA SER B 263 -31.91 -2.76 -25.61
C SER B 263 -31.61 -4.09 -26.30
N SER B 264 -30.59 -4.80 -25.85
CA SER B 264 -30.18 -6.03 -26.54
C SER B 264 -31.16 -7.17 -26.29
N THR B 265 -31.68 -7.29 -25.07
CA THR B 265 -32.48 -8.46 -24.73
C THR B 265 -33.88 -8.11 -24.23
N GLY B 266 -34.03 -7.08 -23.41
CA GLY B 266 -35.34 -6.72 -22.92
C GLY B 266 -35.37 -6.23 -21.48
N TRP B 267 -36.52 -6.39 -20.82
CA TRP B 267 -36.72 -5.86 -19.48
C TRP B 267 -36.23 -6.84 -18.42
N TYR B 268 -35.79 -6.28 -17.29
CA TYR B 268 -35.34 -7.06 -16.16
C TYR B 268 -35.88 -6.44 -14.87
N ASN B 269 -35.95 -7.26 -13.82
CA ASN B 269 -36.31 -6.80 -12.49
C ASN B 269 -35.02 -6.60 -11.70
N ARG B 270 -34.94 -5.49 -10.97
CA ARG B 270 -33.76 -5.15 -10.19
C ARG B 270 -34.17 -4.81 -8.77
N LEU B 271 -33.35 -5.25 -7.80
CA LEU B 271 -33.60 -5.02 -6.38
C LEU B 271 -32.50 -4.14 -5.80
N TYR B 272 -32.84 -3.38 -4.78
CA TYR B 272 -31.93 -2.40 -4.19
C TYR B 272 -31.84 -2.57 -2.68
N ILE B 273 -30.70 -2.19 -2.12
CA ILE B 273 -30.49 -2.04 -0.69
C ILE B 273 -29.82 -0.70 -0.46
N ASN B 274 -30.46 0.16 0.32
CA ASN B 274 -30.01 1.54 0.46
C ASN B 274 -29.62 1.85 1.91
N PHE B 275 -28.65 2.74 2.06
CA PHE B 275 -28.25 3.23 3.38
C PHE B 275 -27.60 4.59 3.21
N THR B 276 -27.46 5.30 4.34
CA THR B 276 -26.97 6.67 4.36
C THR B 276 -25.80 6.78 5.33
N LEU B 277 -24.84 7.65 5.01
CA LEU B 277 -23.63 7.81 5.79
C LEU B 277 -23.48 9.26 6.24
N ARG B 278 -22.98 9.44 7.48
CA ARG B 278 -22.73 10.76 8.04
C ARG B 278 -21.41 10.74 8.79
N ARG B 279 -20.87 11.92 9.04
CA ARG B 279 -19.58 12.09 9.70
C ARG B 279 -19.76 12.60 11.13
N HIS B 280 -18.64 12.69 11.84
CA HIS B 280 -18.57 13.30 13.17
C HIS B 280 -18.13 14.75 12.98
N ILE B 281 -19.05 15.69 13.16
CA ILE B 281 -18.78 17.08 12.80
C ILE B 281 -17.75 17.70 13.73
N PHE B 282 -17.87 17.44 15.04
CA PHE B 282 -17.06 18.18 16.02
C PHE B 282 -15.57 17.89 15.87
N PHE B 283 -15.19 16.66 15.51
CA PHE B 283 -13.79 16.35 15.34
C PHE B 283 -13.16 17.21 14.25
N PHE B 284 -13.86 17.38 13.12
CA PHE B 284 -13.34 18.23 12.07
C PHE B 284 -13.41 19.71 12.47
N LEU B 285 -14.51 20.11 13.11
CA LEU B 285 -14.70 21.48 13.54
C LEU B 285 -13.53 21.95 14.40
N LEU B 286 -13.28 21.28 15.52
CA LEU B 286 -12.17 21.64 16.39
C LEU B 286 -10.87 21.77 15.60
N GLN B 287 -10.41 20.65 15.05
CA GLN B 287 -9.10 20.56 14.41
C GLN B 287 -8.90 21.61 13.33
N THR B 288 -9.84 21.71 12.38
CA THR B 288 -9.66 22.65 11.28
C THR B 288 -9.91 24.08 11.73
N TYR B 289 -11.13 24.38 12.20
CA TYR B 289 -11.57 25.76 12.32
C TYR B 289 -10.95 26.47 13.52
N PHE B 290 -10.76 25.77 14.65
CA PHE B 290 -10.34 26.47 15.87
C PHE B 290 -9.01 27.18 15.71
N PRO B 291 -7.94 26.53 15.22
CA PRO B 291 -6.66 27.26 15.10
C PRO B 291 -6.72 28.46 14.17
N ALA B 292 -7.48 28.38 13.08
CA ALA B 292 -7.56 29.50 12.15
C ALA B 292 -8.17 30.73 12.81
N THR B 293 -9.28 30.54 13.54
CA THR B 293 -9.90 31.65 14.25
C THR B 293 -8.97 32.20 15.32
N LEU B 294 -8.28 31.31 16.05
CA LEU B 294 -7.35 31.78 17.07
C LEU B 294 -6.23 32.63 16.45
N MET B 295 -5.69 32.20 15.32
CA MET B 295 -4.63 32.96 14.68
C MET B 295 -5.13 34.30 14.16
N VAL B 296 -6.36 34.33 13.64
CA VAL B 296 -6.92 35.60 13.17
C VAL B 296 -7.06 36.59 14.33
N MET B 297 -7.57 36.11 15.47
CA MET B 297 -7.68 37.00 16.63
C MET B 297 -6.29 37.46 17.11
N LEU B 298 -5.31 36.55 17.10
CA LEU B 298 -3.96 36.93 17.49
C LEU B 298 -3.40 38.00 16.57
N SER B 299 -3.73 37.93 15.28
CA SER B 299 -3.31 38.98 14.35
C SER B 299 -4.02 40.29 14.64
N TRP B 300 -5.30 40.22 15.01
CA TRP B 300 -6.02 41.42 15.40
C TRP B 300 -5.38 42.10 16.60
N VAL B 301 -4.78 41.31 17.49
CA VAL B 301 -4.22 41.85 18.74
C VAL B 301 -3.20 42.95 18.47
N SER B 302 -2.46 42.86 17.35
CA SER B 302 -1.34 43.77 17.13
C SER B 302 -1.78 45.22 16.94
N PHE B 303 -3.08 45.47 16.75
CA PHE B 303 -3.55 46.84 16.54
C PHE B 303 -3.49 47.69 17.80
N TRP B 304 -3.27 47.10 18.97
CA TRP B 304 -3.32 47.82 20.23
C TRP B 304 -1.93 48.11 20.79
N ILE B 305 -0.87 47.85 20.03
CA ILE B 305 0.50 48.08 20.48
C ILE B 305 1.00 49.39 19.89
N ASP B 306 1.70 50.18 20.70
CA ASP B 306 2.18 51.48 20.27
C ASP B 306 3.11 51.35 19.07
N ARG B 307 2.96 52.28 18.12
CA ARG B 307 3.69 52.20 16.87
C ARG B 307 5.19 52.42 17.07
N ARG B 308 5.59 53.09 18.15
CA ARG B 308 7.00 53.36 18.37
C ARG B 308 7.79 52.09 18.65
N ALA B 309 7.15 51.03 19.15
CA ALA B 309 7.82 49.76 19.41
C ALA B 309 7.93 48.98 18.10
N VAL B 310 8.76 49.52 17.20
CA VAL B 310 8.90 48.95 15.87
C VAL B 310 9.40 47.50 15.91
N PRO B 311 10.48 47.16 16.65
CA PRO B 311 10.87 45.76 16.72
C PRO B 311 10.09 44.99 17.78
N ALA B 312 8.78 45.23 17.86
CA ALA B 312 7.93 44.44 18.75
C ALA B 312 6.57 44.18 18.14
N ARG B 313 6.31 44.62 16.91
CA ARG B 313 5.01 44.52 16.27
C ARG B 313 5.08 43.78 14.95
N VAL B 314 6.15 43.99 14.18
CA VAL B 314 6.38 43.20 12.96
C VAL B 314 6.47 41.70 13.25
N PRO B 315 7.20 41.23 14.29
CA PRO B 315 7.30 39.78 14.51
C PRO B 315 5.96 39.08 14.67
N LEU B 316 5.01 39.71 15.36
CA LEU B 316 3.71 39.08 15.57
C LEU B 316 3.01 38.82 14.23
N GLY B 317 2.93 39.84 13.39
CA GLY B 317 2.33 39.72 12.08
C GLY B 317 3.04 38.74 11.17
N ILE B 318 4.37 38.76 11.19
CA ILE B 318 5.12 37.90 10.28
C ILE B 318 5.14 36.46 10.78
N THR B 319 4.90 36.22 12.06
CA THR B 319 4.90 34.86 12.61
C THR B 319 3.50 34.28 12.72
N THR B 320 2.47 35.09 12.51
CA THR B 320 1.14 34.54 12.31
C THR B 320 0.98 33.90 10.94
N VAL B 321 1.59 34.49 9.91
CA VAL B 321 1.49 33.96 8.56
C VAL B 321 2.12 32.57 8.47
N LEU B 322 3.28 32.38 9.09
CA LEU B 322 3.94 31.09 9.04
C LEU B 322 3.11 30.01 9.73
N THR B 323 2.53 30.33 10.88
CA THR B 323 1.68 29.38 11.58
C THR B 323 0.45 29.03 10.74
N MET B 324 -0.16 30.04 10.11
CA MET B 324 -1.32 29.78 9.26
C MET B 324 -0.96 28.88 8.09
N SER B 325 0.19 29.14 7.46
CA SER B 325 0.63 28.33 6.34
C SER B 325 0.88 26.89 6.76
N THR B 326 1.52 26.69 7.91
CA THR B 326 1.76 25.33 8.40
C THR B 326 0.45 24.62 8.71
N ILE B 327 -0.51 25.33 9.29
CA ILE B 327 -1.82 24.73 9.57
C ILE B 327 -2.50 24.31 8.27
N ILE B 328 -2.47 25.17 7.26
CA ILE B 328 -3.09 24.84 5.98
C ILE B 328 -2.43 23.61 5.36
N THR B 329 -1.10 23.58 5.37
CA THR B 329 -0.38 22.45 4.78
C THR B 329 -0.71 21.15 5.52
N GLY B 330 -0.73 21.19 6.85
CA GLY B 330 -1.08 20.00 7.61
C GLY B 330 -2.48 19.51 7.34
N VAL B 331 -3.43 20.44 7.27
CA VAL B 331 -4.82 20.06 6.99
C VAL B 331 -4.93 19.43 5.60
N ASN B 332 -4.27 20.04 4.61
CA ASN B 332 -4.30 19.47 3.27
C ASN B 332 -3.70 18.08 3.24
N ALA B 333 -2.60 17.88 3.97
CA ALA B 333 -1.97 16.57 4.02
C ALA B 333 -2.89 15.53 4.67
N SER B 334 -3.60 15.93 5.73
CA SER B 334 -4.44 14.98 6.46
C SER B 334 -5.70 14.59 5.69
N MET B 335 -6.23 15.51 4.87
CA MET B 335 -7.47 15.24 4.17
C MET B 335 -7.26 14.26 3.02
N PRO B 336 -8.33 13.60 2.55
CA PRO B 336 -8.19 12.72 1.39
C PRO B 336 -7.83 13.52 0.13
N ARG B 337 -7.16 12.84 -0.80
CA ARG B 337 -6.62 13.47 -2.01
C ARG B 337 -7.70 13.61 -3.09
N VAL B 338 -8.69 14.45 -2.79
CA VAL B 338 -9.72 14.79 -3.76
C VAL B 338 -9.41 16.17 -4.33
N SER B 339 -9.28 16.25 -5.65
CA SER B 339 -8.76 17.45 -6.31
C SER B 339 -9.87 18.33 -6.86
N TYR B 340 -10.64 18.93 -5.96
CA TYR B 340 -11.48 20.08 -6.29
C TYR B 340 -11.81 20.83 -5.01
N ILE B 341 -12.31 22.05 -5.18
CA ILE B 341 -12.51 22.96 -4.06
C ILE B 341 -13.65 22.46 -3.19
N LYS B 342 -13.41 22.44 -1.89
CA LYS B 342 -14.38 21.97 -0.89
C LYS B 342 -14.74 23.12 0.03
N ALA B 343 -15.75 22.87 0.88
CA ALA B 343 -16.23 23.91 1.79
C ALA B 343 -15.16 24.29 2.81
N VAL B 344 -14.31 23.34 3.18
CA VAL B 344 -13.26 23.63 4.16
C VAL B 344 -12.18 24.53 3.55
N ASP B 345 -11.86 24.32 2.28
CA ASP B 345 -10.77 25.08 1.65
C ASP B 345 -11.13 26.55 1.53
N ILE B 346 -12.41 26.86 1.29
CA ILE B 346 -12.82 28.25 1.18
C ILE B 346 -12.57 28.99 2.48
N TYR B 347 -12.89 28.35 3.61
CA TYR B 347 -12.73 29.00 4.91
C TYR B 347 -11.26 29.28 5.23
N LEU B 348 -10.38 28.31 4.93
CA LEU B 348 -8.98 28.47 5.28
C LEU B 348 -8.31 29.58 4.47
N TRP B 349 -8.59 29.64 3.16
CA TRP B 349 -7.91 30.61 2.32
C TRP B 349 -8.44 32.03 2.51
N VAL B 350 -9.70 32.18 2.93
CA VAL B 350 -10.20 33.51 3.27
C VAL B 350 -9.54 34.02 4.53
N SER B 351 -9.36 33.14 5.53
CA SER B 351 -8.71 33.55 6.77
C SER B 351 -7.25 33.93 6.53
N PHE B 352 -6.59 33.28 5.56
CA PHE B 352 -5.21 33.63 5.24
C PHE B 352 -5.11 35.06 4.73
N VAL B 353 -6.11 35.52 3.97
CA VAL B 353 -6.09 36.89 3.46
C VAL B 353 -6.21 37.88 4.61
N PHE B 354 -7.06 37.59 5.60
CA PHE B 354 -7.23 38.50 6.73
C PHE B 354 -5.92 38.67 7.51
N VAL B 355 -5.17 37.59 7.68
CA VAL B 355 -3.86 37.70 8.32
C VAL B 355 -2.90 38.48 7.42
N PHE B 356 -2.99 38.28 6.10
CA PHE B 356 -2.11 38.97 5.16
C PHE B 356 -2.38 40.48 5.16
N LEU B 357 -3.65 40.88 5.26
CA LEU B 357 -3.97 42.30 5.18
C LEU B 357 -3.52 43.06 6.42
N SER B 358 -3.41 42.38 7.57
CA SER B 358 -2.95 43.07 8.77
C SER B 358 -1.50 43.51 8.63
N VAL B 359 -0.66 42.70 8.00
CA VAL B 359 0.75 43.04 7.85
C VAL B 359 0.91 44.28 6.96
N LEU B 360 0.15 44.34 5.87
CA LEU B 360 0.25 45.49 4.97
C LEU B 360 -0.23 46.76 5.66
N GLU B 361 -1.22 46.65 6.54
CA GLU B 361 -1.77 47.83 7.20
C GLU B 361 -0.70 48.53 8.03
N TYR B 362 0.10 47.76 8.76
CA TYR B 362 1.17 48.36 9.56
C TYR B 362 2.24 48.98 8.68
N ALA B 363 2.49 48.43 7.49
CA ALA B 363 3.48 49.01 6.60
C ALA B 363 3.07 50.40 6.16
N ALA B 364 1.76 50.61 5.97
CA ALA B 364 1.27 51.95 5.62
C ALA B 364 1.45 52.93 6.77
N VAL B 365 1.18 52.49 8.00
CA VAL B 365 1.32 53.36 9.16
C VAL B 365 2.78 53.77 9.35
N ASN B 366 3.68 52.80 9.25
CA ASN B 366 5.10 53.08 9.44
C ASN B 366 5.63 54.03 8.37
N TYR B 367 5.09 53.93 7.16
CA TYR B 367 5.52 54.82 6.09
C TYR B 367 5.00 56.24 6.30
N LEU B 368 3.70 56.37 6.64
CA LEU B 368 3.12 57.69 6.80
C LEU B 368 3.71 58.43 7.98
N THR B 369 3.95 57.72 9.09
CA THR B 369 4.56 58.36 10.26
C THR B 369 5.95 58.89 9.95
N THR B 370 6.74 58.11 9.20
CA THR B 370 8.10 58.52 8.86
C THR B 370 8.09 59.77 7.99
N VAL B 371 7.13 59.86 7.06
CA VAL B 371 7.04 61.01 6.17
C VAL B 371 6.82 62.29 6.97
N GLN B 372 6.02 62.21 8.03
CA GLN B 372 5.78 63.37 8.87
C GLN B 372 7.07 63.86 9.53
N GLU B 373 7.89 62.92 10.00
CA GLU B 373 9.13 63.29 10.68
C GLU B 373 10.06 64.06 9.74
N ARG B 374 10.19 63.60 8.50
CA ARG B 374 11.02 64.30 7.54
C ARG B 374 10.43 65.68 7.21
N LYS B 375 9.12 65.75 7.00
CA LYS B 375 8.50 67.00 6.61
C LYS B 375 8.60 68.04 7.74
N GLU B 376 8.35 67.62 8.97
CA GLU B 376 8.43 68.54 10.10
C GLU B 376 9.87 68.99 10.35
N GLN B 377 10.83 68.08 10.23
CA GLN B 377 12.23 68.42 10.43
C GLN B 377 12.75 69.22 9.24
N ASP B 451 0.71 59.65 20.19
CA ASP B 451 -0.73 59.44 20.05
C ASP B 451 -1.01 58.16 19.29
N THR B 452 -2.26 58.02 18.85
CA THR B 452 -2.70 56.86 18.07
C THR B 452 -3.11 57.33 16.68
N HIS B 453 -2.57 56.68 15.65
CA HIS B 453 -2.90 57.04 14.28
C HIS B 453 -4.34 56.71 13.97
N ALA B 454 -4.93 57.44 13.01
CA ALA B 454 -6.32 57.21 12.65
C ALA B 454 -6.53 55.84 12.02
N ILE B 455 -5.53 55.34 11.29
CA ILE B 455 -5.69 54.06 10.59
C ILE B 455 -5.89 52.92 11.59
N ASP B 456 -5.11 52.92 12.68
CA ASP B 456 -5.29 51.89 13.70
C ASP B 456 -6.67 51.99 14.36
N LYS B 457 -7.10 53.22 14.66
CA LYS B 457 -8.42 53.40 15.27
C LYS B 457 -9.52 52.86 14.38
N TYR B 458 -9.43 53.10 13.07
CA TYR B 458 -10.45 52.59 12.17
C TYR B 458 -10.35 51.07 12.01
N SER B 459 -9.13 50.53 11.96
CA SER B 459 -8.95 49.10 11.78
C SER B 459 -9.53 48.31 12.95
N ARG B 460 -9.33 48.81 14.18
CA ARG B 460 -9.82 48.12 15.36
C ARG B 460 -11.30 47.81 15.28
N ILE B 461 -12.07 48.68 14.62
CA ILE B 461 -13.50 48.46 14.47
C ILE B 461 -13.82 47.74 13.17
N ILE B 462 -13.07 48.03 12.10
CA ILE B 462 -13.43 47.50 10.78
C ILE B 462 -13.19 46.00 10.71
N PHE B 463 -12.04 45.51 11.19
CA PHE B 463 -11.70 44.11 10.97
C PHE B 463 -12.68 43.13 11.62
N PRO B 464 -13.01 43.23 12.91
CA PRO B 464 -13.92 42.23 13.50
C PRO B 464 -15.30 42.22 12.85
N ALA B 465 -15.81 43.39 12.44
CA ALA B 465 -17.13 43.42 11.79
C ALA B 465 -17.10 42.65 10.48
N ALA B 466 -16.05 42.85 9.67
CA ALA B 466 -15.94 42.12 8.42
C ALA B 466 -15.83 40.62 8.66
N TYR B 467 -15.04 40.21 9.65
CA TYR B 467 -14.91 38.79 9.92
C TYR B 467 -16.22 38.18 10.38
N ILE B 468 -16.97 38.89 11.23
CA ILE B 468 -18.25 38.39 11.70
C ILE B 468 -19.24 38.27 10.56
N LEU B 469 -19.26 39.25 9.66
CA LEU B 469 -20.16 39.19 8.50
C LEU B 469 -19.80 38.01 7.61
N PHE B 470 -18.51 37.79 7.37
CA PHE B 470 -18.09 36.65 6.55
C PHE B 470 -18.51 35.33 7.20
N ASN B 471 -18.33 35.21 8.51
CA ASN B 471 -18.73 33.99 9.20
C ASN B 471 -20.23 33.76 9.09
N LEU B 472 -21.03 34.82 9.27
CA LEU B 472 -22.48 34.68 9.16
C LEU B 472 -22.88 34.20 7.78
N ILE B 473 -22.34 34.82 6.73
CA ILE B 473 -22.71 34.43 5.38
C ILE B 473 -22.28 32.99 5.10
N TYR B 474 -21.04 32.65 5.49
CA TYR B 474 -20.52 31.31 5.24
C TYR B 474 -21.38 30.24 5.91
N TRP B 475 -21.68 30.41 7.20
CA TRP B 475 -22.47 29.40 7.90
C TRP B 475 -23.94 29.45 7.53
N SER B 476 -24.42 30.52 6.90
CA SER B 476 -25.76 30.51 6.36
C SER B 476 -25.83 29.72 5.06
N ILE B 477 -24.80 29.81 4.22
CA ILE B 477 -24.81 29.08 2.95
C ILE B 477 -24.67 27.58 3.19
N PHE B 478 -23.70 27.18 4.00
CA PHE B 478 -23.39 25.78 4.21
C PHE B 478 -24.09 25.18 5.42
N SER B 479 -25.05 25.88 5.99
CA SER B 479 -25.82 25.40 7.15
C SER B 479 -24.93 25.10 8.35
N LYS C 74 -33.28 -33.86 -24.27
CA LYS C 74 -32.14 -33.04 -23.91
C LYS C 74 -31.88 -31.97 -24.96
N SER C 75 -31.64 -30.73 -24.50
CA SER C 75 -31.42 -29.63 -25.42
C SER C 75 -30.15 -29.82 -26.24
N GLU C 76 -29.09 -30.36 -25.63
CA GLU C 76 -27.84 -30.58 -26.35
C GLU C 76 -27.96 -31.66 -27.41
N GLN C 77 -29.03 -32.47 -27.39
CA GLN C 77 -29.24 -33.46 -28.43
C GLN C 77 -29.87 -32.88 -29.70
N LEU C 78 -30.58 -31.77 -29.60
CA LEU C 78 -31.10 -31.11 -30.80
C LEU C 78 -29.97 -30.58 -31.66
N LEU C 79 -28.88 -30.12 -31.04
CA LEU C 79 -27.69 -29.71 -31.77
C LEU C 79 -26.79 -30.92 -31.95
N ARG C 80 -26.43 -31.23 -33.19
CA ARG C 80 -25.62 -32.40 -33.49
C ARG C 80 -24.19 -32.11 -33.07
N ILE C 81 -23.96 -32.19 -31.75
CA ILE C 81 -22.64 -31.91 -31.20
C ILE C 81 -21.62 -32.94 -31.68
N ASP C 82 -21.98 -34.21 -31.66
CA ASP C 82 -21.05 -35.28 -32.01
C ASP C 82 -20.94 -35.50 -33.52
N ASP C 83 -21.81 -34.90 -34.31
CA ASP C 83 -21.80 -35.08 -35.76
C ASP C 83 -20.95 -34.04 -36.48
N HIS C 84 -20.36 -33.10 -35.75
CA HIS C 84 -19.56 -32.04 -36.36
C HIS C 84 -18.26 -31.87 -35.58
N ASP C 85 -17.24 -31.37 -36.26
CA ASP C 85 -15.95 -31.08 -35.64
C ASP C 85 -15.92 -29.61 -35.25
N PHE C 86 -15.69 -29.35 -33.96
CA PHE C 86 -15.69 -27.98 -33.45
C PHE C 86 -14.29 -27.49 -33.08
N SER C 87 -13.26 -28.12 -33.61
CA SER C 87 -11.90 -27.60 -33.51
C SER C 87 -11.51 -26.75 -34.71
N MET C 88 -12.38 -26.61 -35.69
CA MET C 88 -12.14 -25.81 -36.88
C MET C 88 -13.19 -24.72 -36.99
N ARG C 89 -12.79 -23.58 -37.56
CA ARG C 89 -13.69 -22.45 -37.69
C ARG C 89 -14.78 -22.75 -38.71
N PRO C 90 -15.94 -22.12 -38.57
CA PRO C 90 -16.99 -22.27 -39.57
C PRO C 90 -16.53 -21.78 -40.93
N GLY C 91 -16.99 -22.44 -41.99
CA GLY C 91 -16.55 -22.10 -43.32
C GLY C 91 -15.06 -22.32 -43.54
N PHE C 92 -14.51 -23.39 -42.98
CA PHE C 92 -13.08 -23.66 -43.10
C PHE C 92 -12.72 -23.93 -44.56
N GLY C 93 -11.60 -23.35 -44.99
CA GLY C 93 -11.13 -23.51 -46.35
C GLY C 93 -11.70 -22.54 -47.36
N GLY C 94 -12.61 -21.66 -46.95
CA GLY C 94 -13.21 -20.71 -47.85
C GLY C 94 -13.06 -19.28 -47.38
N PRO C 95 -14.05 -18.44 -47.68
CA PRO C 95 -13.98 -17.04 -47.24
C PRO C 95 -14.03 -16.91 -45.73
N ALA C 96 -13.45 -15.82 -45.24
CA ALA C 96 -13.40 -15.56 -43.80
C ALA C 96 -14.80 -15.29 -43.26
N ILE C 97 -14.98 -15.58 -41.97
CA ILE C 97 -16.25 -15.38 -41.29
C ILE C 97 -16.24 -13.99 -40.67
N PRO C 98 -17.19 -13.11 -41.01
CA PRO C 98 -17.25 -11.78 -40.37
C PRO C 98 -17.82 -11.88 -38.97
N VAL C 99 -17.21 -11.17 -38.03
CA VAL C 99 -17.62 -11.16 -36.63
C VAL C 99 -17.88 -9.72 -36.21
N GLY C 100 -19.06 -9.46 -35.66
CA GLY C 100 -19.38 -8.13 -35.16
C GLY C 100 -19.19 -8.02 -33.66
N VAL C 101 -18.86 -6.81 -33.20
CA VAL C 101 -18.53 -6.55 -31.81
C VAL C 101 -19.33 -5.35 -31.31
N ASP C 102 -19.96 -5.52 -30.15
CA ASP C 102 -20.63 -4.42 -29.45
C ASP C 102 -20.03 -4.29 -28.06
N VAL C 103 -19.80 -3.07 -27.62
CA VAL C 103 -19.17 -2.79 -26.34
C VAL C 103 -20.02 -1.77 -25.59
N GLN C 104 -20.27 -2.04 -24.31
CA GLN C 104 -20.91 -1.09 -23.42
C GLN C 104 -20.03 -0.89 -22.21
N VAL C 105 -19.61 0.36 -21.97
CA VAL C 105 -18.74 0.68 -20.86
C VAL C 105 -19.59 0.86 -19.61
N GLU C 106 -19.26 0.13 -18.56
CA GLU C 106 -20.06 0.17 -17.34
C GLU C 106 -19.54 1.20 -16.35
N SER C 107 -18.23 1.23 -16.11
CA SER C 107 -17.65 2.20 -15.19
C SER C 107 -16.15 2.27 -15.42
N LEU C 108 -15.54 3.33 -14.89
CA LEU C 108 -14.10 3.45 -14.79
C LEU C 108 -13.72 3.37 -13.32
N ASP C 109 -12.86 2.42 -12.98
CA ASP C 109 -12.57 2.15 -11.57
C ASP C 109 -11.56 3.13 -11.01
N SER C 110 -10.35 3.15 -11.55
CA SER C 110 -9.30 3.99 -11.01
C SER C 110 -8.24 4.22 -12.09
N ILE C 111 -7.38 5.21 -11.85
CA ILE C 111 -6.29 5.55 -12.75
C ILE C 111 -5.06 5.83 -11.92
N SER C 112 -3.91 5.34 -12.39
CA SER C 112 -2.63 5.51 -11.71
C SER C 112 -1.72 6.35 -12.59
N GLU C 113 -1.19 7.44 -12.04
CA GLU C 113 -0.32 8.32 -12.81
C GLU C 113 1.14 7.86 -12.73
N VAL C 114 1.52 7.22 -11.63
CA VAL C 114 2.90 6.76 -11.49
C VAL C 114 3.19 5.61 -12.45
N ASP C 115 2.29 4.64 -12.53
CA ASP C 115 2.47 3.49 -13.42
C ASP C 115 1.84 3.70 -14.79
N MET C 116 1.04 4.75 -14.96
CA MET C 116 0.44 5.11 -16.26
C MET C 116 -0.47 3.99 -16.79
N ASP C 117 -1.51 3.68 -16.02
CA ASP C 117 -2.50 2.70 -16.44
C ASP C 117 -3.85 3.06 -15.84
N PHE C 118 -4.90 2.45 -16.40
CA PHE C 118 -6.27 2.68 -15.96
C PHE C 118 -7.04 1.37 -15.99
N THR C 119 -8.13 1.32 -15.24
CA THR C 119 -8.95 0.13 -15.10
C THR C 119 -10.37 0.42 -15.57
N MET C 120 -10.97 -0.52 -16.29
CA MET C 120 -12.29 -0.36 -16.87
C MET C 120 -13.08 -1.65 -16.75
N THR C 121 -14.40 -1.52 -16.64
CA THR C 121 -15.32 -2.65 -16.64
C THR C 121 -16.32 -2.47 -17.77
N LEU C 122 -16.53 -3.51 -18.56
CA LEU C 122 -17.33 -3.38 -19.77
C LEU C 122 -18.02 -4.69 -20.10
N TYR C 123 -18.98 -4.60 -21.03
CA TYR C 123 -19.67 -5.76 -21.58
C TYR C 123 -19.17 -5.98 -23.01
N LEU C 124 -18.91 -7.23 -23.36
CA LEU C 124 -18.43 -7.59 -24.69
C LEU C 124 -19.43 -8.55 -25.34
N ARG C 125 -19.79 -8.26 -26.59
CA ARG C 125 -20.75 -9.06 -27.32
C ARG C 125 -20.19 -9.41 -28.70
N HIS C 126 -20.47 -10.64 -29.14
CA HIS C 126 -20.01 -11.13 -30.44
C HIS C 126 -21.21 -11.63 -31.25
N TYR C 127 -21.14 -11.43 -32.57
CA TYR C 127 -22.17 -11.89 -33.48
C TYR C 127 -21.52 -12.60 -34.65
N TRP C 128 -21.96 -13.83 -34.92
CA TRP C 128 -21.51 -14.57 -36.10
C TRP C 128 -22.54 -15.64 -36.41
N LYS C 129 -22.45 -16.19 -37.61
CA LYS C 129 -23.40 -17.18 -38.10
C LYS C 129 -22.70 -18.53 -38.30
N ASP C 130 -23.32 -19.58 -37.77
CA ASP C 130 -22.79 -20.94 -37.88
C ASP C 130 -23.94 -21.86 -38.26
N GLU C 131 -23.84 -22.48 -39.44
CA GLU C 131 -24.91 -23.36 -39.91
C GLU C 131 -24.95 -24.68 -39.15
N ARG C 132 -23.85 -25.07 -38.50
CA ARG C 132 -23.81 -26.34 -37.79
C ARG C 132 -24.68 -26.36 -36.55
N LEU C 133 -25.09 -25.20 -36.04
CA LEU C 133 -25.91 -25.12 -34.84
C LEU C 133 -27.39 -24.94 -35.13
N SER C 134 -27.80 -25.02 -36.39
CA SER C 134 -29.21 -24.85 -36.73
C SER C 134 -30.02 -26.06 -36.27
N PHE C 135 -31.17 -25.80 -35.66
CA PHE C 135 -32.04 -26.86 -35.18
C PHE C 135 -33.48 -26.59 -35.63
N PRO C 136 -34.22 -27.64 -35.99
CA PRO C 136 -35.61 -27.44 -36.43
C PRO C 136 -36.51 -27.05 -35.28
N SER C 137 -37.55 -26.28 -35.60
CA SER C 137 -38.56 -25.89 -34.62
C SER C 137 -39.82 -25.49 -35.37
N THR C 138 -40.94 -25.57 -34.66
CA THR C 138 -42.24 -25.17 -35.20
C THR C 138 -42.53 -23.69 -35.00
N ASN C 139 -41.61 -22.95 -34.38
CA ASN C 139 -41.81 -21.54 -34.10
C ASN C 139 -40.45 -20.86 -34.19
N ASN C 140 -40.33 -19.61 -33.71
CA ASN C 140 -39.03 -18.85 -33.76
C ASN C 140 -38.38 -18.60 -32.41
N LEU C 141 -38.65 -19.48 -31.45
CA LEU C 141 -38.07 -19.32 -30.14
C LEU C 141 -36.61 -19.77 -30.14
N SER C 142 -35.81 -19.11 -29.29
CA SER C 142 -34.38 -19.39 -29.20
C SER C 142 -34.08 -20.09 -27.88
N MET C 143 -32.93 -20.76 -27.83
CA MET C 143 -32.48 -21.48 -26.65
C MET C 143 -31.31 -20.75 -26.01
N THR C 144 -31.38 -20.59 -24.69
CA THR C 144 -30.35 -19.90 -23.92
C THR C 144 -29.53 -20.92 -23.15
N PHE C 145 -28.21 -20.82 -23.27
CA PHE C 145 -27.29 -21.73 -22.60
C PHE C 145 -26.35 -20.94 -21.70
N ASP C 146 -25.86 -21.60 -20.67
CA ASP C 146 -24.90 -21.00 -19.75
C ASP C 146 -23.48 -21.31 -20.24
N GLY C 147 -22.49 -21.04 -19.39
CA GLY C 147 -21.10 -21.14 -19.79
C GLY C 147 -20.58 -22.55 -19.99
N ARG C 148 -21.33 -23.57 -19.56
CA ARG C 148 -20.85 -24.94 -19.68
C ARG C 148 -20.83 -25.42 -21.13
N LEU C 149 -21.57 -24.76 -22.03
CA LEU C 149 -21.57 -25.15 -23.43
C LEU C 149 -20.41 -24.56 -24.22
N VAL C 150 -19.69 -23.58 -23.65
CA VAL C 150 -18.63 -22.90 -24.40
C VAL C 150 -17.51 -23.87 -24.77
N LYS C 151 -17.21 -24.81 -23.87
CA LYS C 151 -16.11 -25.75 -24.12
C LYS C 151 -16.42 -26.76 -25.20
N LYS C 152 -17.67 -26.85 -25.67
CA LYS C 152 -18.05 -27.84 -26.67
C LYS C 152 -18.19 -27.27 -28.07
N ILE C 153 -18.11 -25.96 -28.24
CA ILE C 153 -18.28 -25.33 -29.55
C ILE C 153 -17.11 -24.39 -29.80
N TRP C 154 -17.12 -23.78 -30.98
CA TRP C 154 -16.08 -22.84 -31.41
C TRP C 154 -16.53 -21.41 -31.15
N VAL C 155 -15.67 -20.64 -30.50
CA VAL C 155 -15.97 -19.24 -30.19
C VAL C 155 -14.74 -18.38 -30.52
N PRO C 156 -14.93 -17.12 -30.91
CA PRO C 156 -13.77 -16.27 -31.24
C PRO C 156 -12.91 -16.00 -30.02
N ASP C 157 -11.60 -15.99 -30.25
CA ASP C 157 -10.62 -15.78 -29.18
C ASP C 157 -10.10 -14.34 -29.19
N MET C 158 -10.95 -13.43 -28.71
CA MET C 158 -10.54 -12.04 -28.60
C MET C 158 -9.63 -11.83 -27.39
N PHE C 159 -8.75 -10.85 -27.49
CA PHE C 159 -7.88 -10.49 -26.38
C PHE C 159 -7.55 -9.01 -26.46
N PHE C 160 -7.12 -8.46 -25.33
CA PHE C 160 -6.83 -7.03 -25.22
C PHE C 160 -5.34 -6.78 -25.39
N VAL C 161 -5.00 -5.83 -26.25
CA VAL C 161 -3.61 -5.51 -26.53
C VAL C 161 -3.11 -4.50 -25.52
N HIS C 162 -1.83 -4.62 -25.14
CA HIS C 162 -1.18 -3.72 -24.20
C HIS C 162 -1.90 -3.69 -22.85
N SER C 163 -2.37 -4.85 -22.40
CA SER C 163 -3.02 -4.97 -21.11
C SER C 163 -2.06 -5.55 -20.08
N LYS C 164 -2.34 -5.29 -18.81
CA LYS C 164 -1.53 -5.79 -17.70
C LYS C 164 -2.17 -6.94 -16.95
N ARG C 165 -3.48 -6.91 -16.75
CA ARG C 165 -4.18 -7.99 -16.07
C ARG C 165 -5.67 -7.85 -16.35
N SER C 166 -6.37 -8.99 -16.39
CA SER C 166 -7.79 -8.99 -16.64
C SER C 166 -8.39 -10.31 -16.15
N PHE C 167 -9.69 -10.30 -15.91
CA PHE C 167 -10.40 -11.49 -15.46
C PHE C 167 -11.88 -11.36 -15.79
N ILE C 168 -12.58 -12.50 -15.71
CA ILE C 168 -14.02 -12.57 -15.94
C ILE C 168 -14.69 -12.86 -14.61
N HIS C 169 -15.73 -12.07 -14.30
CA HIS C 169 -16.42 -12.22 -13.03
C HIS C 169 -17.16 -13.56 -12.98
N ASP C 170 -17.19 -14.16 -11.79
CA ASP C 170 -17.74 -15.50 -11.62
C ASP C 170 -18.60 -15.58 -10.35
N THR C 171 -19.38 -14.54 -10.08
CA THR C 171 -20.28 -14.51 -8.93
C THR C 171 -21.69 -14.18 -9.40
N THR C 172 -22.67 -14.99 -9.00
CA THR C 172 -22.46 -16.17 -8.16
C THR C 172 -22.06 -17.38 -9.01
N THR C 173 -22.04 -17.17 -10.32
CA THR C 173 -21.55 -18.16 -11.26
C THR C 173 -20.89 -17.41 -12.42
N ASP C 174 -20.40 -18.16 -13.40
CA ASP C 174 -19.74 -17.54 -14.54
C ASP C 174 -20.70 -16.60 -15.26
N ASN C 175 -20.23 -15.39 -15.54
CA ASN C 175 -21.04 -14.38 -16.23
C ASN C 175 -20.85 -14.50 -17.75
N VAL C 176 -21.38 -15.59 -18.29
CA VAL C 176 -21.30 -15.88 -19.72
C VAL C 176 -22.68 -16.35 -20.17
N MET C 177 -23.15 -15.80 -21.29
CA MET C 177 -24.47 -16.13 -21.82
C MET C 177 -24.35 -16.46 -23.31
N LEU C 178 -25.08 -17.49 -23.74
CA LEU C 178 -25.12 -17.93 -25.12
C LEU C 178 -26.57 -18.07 -25.57
N ARG C 179 -26.90 -17.48 -26.71
CA ARG C 179 -28.22 -17.60 -27.29
C ARG C 179 -28.08 -17.98 -28.76
N VAL C 180 -28.86 -18.97 -29.19
CA VAL C 180 -28.79 -19.50 -30.54
C VAL C 180 -30.16 -19.38 -31.20
N GLN C 181 -30.18 -18.77 -32.39
CA GLN C 181 -31.40 -18.67 -33.17
C GLN C 181 -31.65 -19.96 -33.94
N PRO C 182 -32.90 -20.26 -34.30
CA PRO C 182 -33.17 -21.48 -35.09
C PRO C 182 -32.42 -21.53 -36.41
N ASP C 183 -32.23 -20.39 -37.06
CA ASP C 183 -31.50 -20.38 -38.33
C ASP C 183 -30.01 -20.67 -38.11
N GLY C 184 -29.44 -20.18 -37.01
CA GLY C 184 -28.05 -20.46 -36.71
C GLY C 184 -27.24 -19.25 -36.28
N LYS C 185 -27.89 -18.12 -36.03
CA LYS C 185 -27.21 -16.94 -35.54
C LYS C 185 -26.93 -17.08 -34.05
N VAL C 186 -25.74 -16.65 -33.63
CA VAL C 186 -25.24 -16.88 -32.28
C VAL C 186 -24.90 -15.54 -31.63
N LEU C 187 -25.26 -15.39 -30.37
CA LEU C 187 -24.88 -14.24 -29.56
C LEU C 187 -24.09 -14.72 -28.35
N TYR C 188 -22.93 -14.12 -28.13
CA TYR C 188 -21.99 -14.55 -27.09
C TYR C 188 -21.58 -13.32 -26.28
N SER C 189 -22.13 -13.20 -25.08
CA SER C 189 -21.92 -12.05 -24.21
C SER C 189 -21.20 -12.45 -22.93
N LEU C 190 -20.33 -11.58 -22.44
CA LEU C 190 -19.62 -11.84 -21.19
C LEU C 190 -19.20 -10.52 -20.57
N ARG C 191 -18.92 -10.56 -19.27
CA ARG C 191 -18.58 -9.38 -18.48
C ARG C 191 -17.14 -9.50 -17.99
N VAL C 192 -16.32 -8.50 -18.28
CA VAL C 192 -14.88 -8.57 -18.08
C VAL C 192 -14.36 -7.25 -17.53
N THR C 193 -13.33 -7.35 -16.69
CA THR C 193 -12.61 -6.19 -16.16
C THR C 193 -11.17 -6.25 -16.65
N VAL C 194 -10.68 -5.14 -17.20
CA VAL C 194 -9.38 -5.11 -17.86
C VAL C 194 -8.59 -3.90 -17.40
N THR C 195 -7.29 -4.09 -17.19
CA THR C 195 -6.35 -3.00 -16.89
C THR C 195 -5.44 -2.82 -18.09
N ALA C 196 -5.37 -1.59 -18.60
CA ALA C 196 -4.60 -1.30 -19.80
C ALA C 196 -3.63 -0.16 -19.55
N MET C 197 -2.57 -0.11 -20.34
CA MET C 197 -1.56 0.92 -20.19
C MET C 197 -1.91 2.14 -21.04
N CYS C 198 -1.39 3.30 -20.64
CA CYS C 198 -1.59 4.54 -21.38
C CYS C 198 -0.41 5.45 -21.11
N ASN C 199 0.35 5.79 -22.16
CA ASN C 199 1.46 6.71 -22.01
C ASN C 199 0.96 8.11 -21.68
N MET C 200 1.68 8.80 -20.78
CA MET C 200 1.31 10.13 -20.34
C MET C 200 2.52 11.04 -20.37
N ASP C 201 2.26 12.34 -20.55
CA ASP C 201 3.31 13.35 -20.58
C ASP C 201 2.90 14.47 -19.64
N PHE C 202 3.69 14.68 -18.58
CA PHE C 202 3.39 15.66 -17.55
C PHE C 202 4.25 16.92 -17.67
N SER C 203 4.68 17.25 -18.89
CA SER C 203 5.53 18.42 -19.07
C SER C 203 4.77 19.71 -18.74
N ARG C 204 3.48 19.76 -19.07
CA ARG C 204 2.67 20.96 -18.89
C ARG C 204 1.73 20.87 -17.70
N PHE C 205 2.05 20.03 -16.72
CA PHE C 205 1.22 19.93 -15.52
C PHE C 205 1.21 21.27 -14.79
N PRO C 206 0.04 21.72 -14.29
CA PRO C 206 -1.28 21.09 -14.30
C PRO C 206 -2.18 21.47 -15.48
N LEU C 207 -1.59 21.95 -16.57
CA LEU C 207 -2.35 22.31 -17.76
C LEU C 207 -2.26 21.24 -18.84
N ASP C 208 -2.08 19.98 -18.46
CA ASP C 208 -1.89 18.91 -19.42
C ASP C 208 -3.21 18.26 -19.81
N THR C 209 -3.23 17.67 -21.00
CA THR C 209 -4.36 16.92 -21.52
C THR C 209 -3.87 15.58 -22.02
N GLN C 210 -4.52 14.49 -21.60
CA GLN C 210 -4.08 13.14 -21.90
C GLN C 210 -5.14 12.43 -22.74
N THR C 211 -4.67 11.59 -23.67
CA THR C 211 -5.53 10.78 -24.52
C THR C 211 -5.17 9.32 -24.32
N CYS C 212 -6.13 8.51 -23.90
CA CYS C 212 -5.94 7.08 -23.70
C CYS C 212 -6.89 6.30 -24.59
N SER C 213 -6.53 5.04 -24.86
CA SER C 213 -7.33 4.19 -25.73
C SER C 213 -7.25 2.75 -25.24
N LEU C 214 -8.25 1.96 -25.66
CA LEU C 214 -8.30 0.53 -25.38
C LEU C 214 -8.46 -0.21 -26.70
N GLU C 215 -7.73 -1.31 -26.86
CA GLU C 215 -7.61 -1.98 -28.14
C GLU C 215 -8.05 -3.43 -28.02
N ILE C 216 -8.78 -3.91 -29.04
CA ILE C 216 -9.30 -5.27 -29.09
C ILE C 216 -8.81 -5.91 -30.39
N GLU C 217 -8.34 -7.16 -30.30
CA GLU C 217 -7.77 -7.83 -31.47
C GLU C 217 -7.86 -9.33 -31.28
N SER C 218 -7.97 -10.05 -32.40
CA SER C 218 -7.94 -11.51 -32.36
C SER C 218 -6.51 -12.01 -32.19
N TYR C 219 -6.37 -13.17 -31.56
CA TYR C 219 -5.04 -13.65 -31.19
C TYR C 219 -4.39 -14.53 -32.26
N ALA C 220 -5.11 -15.54 -32.76
CA ALA C 220 -4.50 -16.54 -33.61
C ALA C 220 -4.92 -16.47 -35.07
N TYR C 221 -6.04 -15.84 -35.39
CA TYR C 221 -6.56 -15.82 -36.75
C TYR C 221 -6.24 -14.49 -37.42
N THR C 222 -5.67 -14.55 -38.60
CA THR C 222 -5.36 -13.36 -39.37
C THR C 222 -6.60 -12.85 -40.11
N GLU C 223 -6.42 -11.78 -40.88
CA GLU C 223 -7.52 -11.23 -41.65
C GLU C 223 -8.00 -12.19 -42.73
N ASP C 224 -7.17 -13.14 -43.13
CA ASP C 224 -7.57 -14.12 -44.13
C ASP C 224 -8.61 -15.11 -43.58
N ASP C 225 -8.73 -15.24 -42.26
CA ASP C 225 -9.64 -16.20 -41.66
C ASP C 225 -10.75 -15.56 -40.84
N LEU C 226 -10.50 -14.41 -40.23
CA LEU C 226 -11.50 -13.74 -39.41
C LEU C 226 -11.50 -12.26 -39.76
N MET C 227 -12.68 -11.72 -40.05
CA MET C 227 -12.85 -10.31 -40.42
C MET C 227 -13.60 -9.61 -39.29
N LEU C 228 -12.89 -8.77 -38.55
CA LEU C 228 -13.44 -8.13 -37.36
C LEU C 228 -13.86 -6.70 -37.68
N TYR C 229 -15.06 -6.31 -37.24
CA TYR C 229 -15.57 -4.98 -37.51
C TYR C 229 -16.65 -4.63 -36.50
N TRP C 230 -16.92 -3.33 -36.37
CA TRP C 230 -18.00 -2.86 -35.52
C TRP C 230 -19.33 -3.13 -36.19
N LYS C 231 -20.28 -3.67 -35.43
CA LYS C 231 -21.53 -4.14 -36.02
C LYS C 231 -22.39 -2.98 -36.52
N LYS C 232 -22.49 -1.90 -35.75
CA LYS C 232 -23.37 -0.79 -36.09
C LYS C 232 -22.61 0.51 -36.25
N GLY C 233 -21.38 0.44 -36.78
CA GLY C 233 -20.62 1.66 -37.02
C GLY C 233 -20.32 2.39 -35.72
N ASN C 234 -20.60 3.69 -35.70
CA ASN C 234 -20.32 4.48 -34.50
C ASN C 234 -21.32 4.23 -33.38
N ASP C 235 -22.47 3.64 -33.69
CA ASP C 235 -23.50 3.42 -32.69
C ASP C 235 -23.25 2.17 -31.85
N SER C 236 -22.12 1.50 -32.03
CA SER C 236 -21.82 0.28 -31.31
C SER C 236 -21.24 0.52 -29.93
N LEU C 237 -20.98 1.77 -29.55
CA LEU C 237 -20.42 2.10 -28.25
C LEU C 237 -21.45 2.84 -27.42
N LYS C 238 -21.73 2.32 -26.23
CA LYS C 238 -22.64 2.95 -25.28
C LYS C 238 -21.94 3.11 -23.94
N THR C 239 -22.20 4.23 -23.28
CA THR C 239 -21.58 4.52 -21.99
C THR C 239 -22.67 4.75 -20.96
N ASP C 240 -22.35 4.44 -19.71
CA ASP C 240 -23.26 4.68 -18.61
C ASP C 240 -23.41 6.17 -18.35
N GLU C 241 -24.56 6.54 -17.77
CA GLU C 241 -24.81 7.94 -17.48
C GLU C 241 -24.01 8.43 -16.27
N ARG C 242 -23.63 7.53 -15.37
CA ARG C 242 -23.00 7.89 -14.11
C ARG C 242 -21.53 7.49 -14.07
N ILE C 243 -20.82 7.62 -15.18
CA ILE C 243 -19.39 7.34 -15.21
C ILE C 243 -18.63 8.64 -14.95
N SER C 244 -17.75 8.62 -13.95
CA SER C 244 -17.00 9.82 -13.59
C SER C 244 -15.75 9.40 -12.81
N LEU C 245 -14.82 10.35 -12.72
CA LEU C 245 -13.58 10.15 -11.98
C LEU C 245 -13.43 11.24 -10.93
N SER C 246 -12.65 10.95 -9.89
CA SER C 246 -12.50 11.88 -8.78
C SER C 246 -11.71 13.11 -9.19
N GLN C 247 -10.60 12.92 -9.92
CA GLN C 247 -9.67 14.00 -10.21
C GLN C 247 -9.54 14.32 -11.69
N PHE C 248 -10.39 13.77 -12.55
CA PHE C 248 -10.32 14.01 -13.99
C PHE C 248 -11.70 14.21 -14.57
N LEU C 249 -11.75 14.82 -15.75
CA LEU C 249 -12.98 14.99 -16.51
C LEU C 249 -12.86 14.18 -17.79
N ILE C 250 -13.87 13.36 -18.08
CA ILE C 250 -13.84 12.42 -19.20
C ILE C 250 -14.84 12.87 -20.25
N GLN C 251 -14.41 12.89 -21.51
CA GLN C 251 -15.28 13.29 -22.61
C GLN C 251 -14.74 12.72 -23.91
N GLU C 252 -15.55 12.86 -24.97
CA GLU C 252 -15.18 12.49 -26.33
C GLU C 252 -14.85 11.01 -26.46
N PHE C 253 -15.87 10.18 -26.23
CA PHE C 253 -15.77 8.75 -26.51
C PHE C 253 -16.07 8.50 -27.99
N HIS C 254 -15.14 7.84 -28.69
CA HIS C 254 -15.36 7.49 -30.08
C HIS C 254 -14.51 6.29 -30.43
N THR C 255 -14.86 5.63 -31.53
CA THR C 255 -14.26 4.36 -31.94
C THR C 255 -13.67 4.47 -33.33
N THR C 256 -12.56 3.76 -33.56
CA THR C 256 -11.89 3.72 -34.86
C THR C 256 -11.37 2.31 -35.11
N THR C 257 -10.91 2.08 -36.33
CA THR C 257 -10.33 0.80 -36.74
C THR C 257 -9.03 1.04 -37.48
N LYS C 258 -8.15 0.04 -37.44
CA LYS C 258 -6.84 0.16 -38.07
C LYS C 258 -6.25 -1.23 -38.27
N LEU C 259 -5.46 -1.37 -39.32
CA LEU C 259 -4.77 -2.64 -39.62
C LEU C 259 -3.41 -2.66 -38.95
N ALA C 260 -3.03 -3.83 -38.43
CA ALA C 260 -1.74 -4.04 -37.80
C ALA C 260 -1.02 -5.19 -38.48
N PHE C 261 0.31 -5.16 -38.42
CA PHE C 261 1.15 -6.16 -39.07
C PHE C 261 2.06 -6.82 -38.05
N TYR C 262 2.12 -8.14 -38.08
CA TYR C 262 3.07 -8.93 -37.29
C TYR C 262 3.87 -9.80 -38.24
N SER C 263 5.19 -9.83 -38.05
CA SER C 263 6.06 -10.56 -38.97
C SER C 263 5.87 -12.07 -38.88
N SER C 264 5.32 -12.58 -37.77
CA SER C 264 5.20 -14.02 -37.60
C SER C 264 4.09 -14.60 -38.47
N THR C 265 2.94 -13.92 -38.54
CA THR C 265 1.78 -14.49 -39.22
C THR C 265 1.21 -13.58 -40.29
N GLY C 266 1.20 -12.27 -40.09
CA GLY C 266 0.66 -11.37 -41.09
C GLY C 266 -0.22 -10.26 -40.54
N TRP C 267 -1.23 -9.88 -41.29
CA TRP C 267 -2.06 -8.73 -40.95
C TRP C 267 -3.19 -9.12 -40.00
N TYR C 268 -3.59 -8.16 -39.16
CA TYR C 268 -4.71 -8.33 -38.24
C TYR C 268 -5.56 -7.07 -38.26
N ASN C 269 -6.82 -7.22 -37.91
CA ASN C 269 -7.73 -6.08 -37.74
C ASN C 269 -7.81 -5.73 -36.25
N ARG C 270 -7.69 -4.44 -35.95
CA ARG C 270 -7.66 -3.97 -34.58
C ARG C 270 -8.71 -2.89 -34.38
N LEU C 271 -9.39 -2.94 -33.23
CA LEU C 271 -10.44 -2.00 -32.89
C LEU C 271 -9.98 -1.11 -31.74
N TYR C 272 -10.47 0.13 -31.72
CA TYR C 272 -10.05 1.11 -30.73
C TYR C 272 -11.26 1.72 -30.04
N ILE C 273 -11.06 2.09 -28.77
CA ILE C 273 -12.01 2.88 -28.00
C ILE C 273 -11.23 4.05 -27.40
N ASN C 274 -11.57 5.26 -27.80
CA ASN C 274 -10.78 6.44 -27.47
C ASN C 274 -11.54 7.38 -26.54
N PHE C 275 -10.80 8.05 -25.66
CA PHE C 275 -11.38 9.05 -24.77
C PHE C 275 -10.27 10.01 -24.33
N THR C 276 -10.68 11.14 -23.75
CA THR C 276 -9.77 12.21 -23.37
C THR C 276 -10.01 12.59 -21.91
N LEU C 277 -8.97 13.14 -21.27
CA LEU C 277 -9.01 13.50 -19.86
C LEU C 277 -8.59 14.94 -19.67
N ARG C 278 -9.15 15.58 -18.64
CA ARG C 278 -8.80 16.95 -18.27
C ARG C 278 -8.83 17.09 -16.76
N ARG C 279 -8.22 18.15 -16.25
CA ARG C 279 -8.13 18.41 -14.82
C ARG C 279 -9.00 19.60 -14.44
N HIS C 280 -9.09 19.85 -13.13
CA HIS C 280 -9.73 21.04 -12.58
C HIS C 280 -8.63 22.08 -12.38
N ILE C 281 -8.62 23.11 -13.23
CA ILE C 281 -7.53 24.07 -13.23
C ILE C 281 -7.52 24.90 -11.94
N PHE C 282 -8.70 25.35 -11.50
CA PHE C 282 -8.75 26.35 -10.45
C PHE C 282 -8.22 25.82 -9.12
N PHE C 283 -8.45 24.54 -8.81
CA PHE C 283 -7.93 23.98 -7.57
C PHE C 283 -6.41 24.07 -7.51
N PHE C 284 -5.74 23.71 -8.61
CA PHE C 284 -4.28 23.81 -8.63
C PHE C 284 -3.84 25.26 -8.64
N LEU C 285 -4.53 26.11 -9.41
CA LEU C 285 -4.21 27.52 -9.48
C LEU C 285 -4.16 28.13 -8.09
N LEU C 286 -5.28 28.08 -7.37
CA LEU C 286 -5.33 28.62 -6.01
C LEU C 286 -4.17 28.10 -5.18
N GLN C 287 -4.17 26.80 -4.91
CA GLN C 287 -3.25 26.17 -3.96
C GLN C 287 -1.80 26.50 -4.27
N THR C 288 -1.36 26.26 -5.51
CA THR C 288 0.05 26.49 -5.83
C THR C 288 0.35 27.97 -5.98
N TYR C 289 -0.30 28.64 -6.94
CA TYR C 289 0.19 29.94 -7.38
C TYR C 289 -0.15 31.06 -6.39
N PHE C 290 -1.29 30.98 -5.69
CA PHE C 290 -1.68 32.12 -4.85
C PHE C 290 -0.66 32.42 -3.75
N PRO C 291 -0.23 31.47 -2.92
CA PRO C 291 0.75 31.82 -1.87
C PRO C 291 2.06 32.35 -2.42
N ALA C 292 2.52 31.85 -3.57
CA ALA C 292 3.80 32.32 -4.11
C ALA C 292 3.74 33.80 -4.48
N THR C 293 2.67 34.20 -5.19
CA THR C 293 2.51 35.61 -5.54
C THR C 293 2.34 36.47 -4.30
N LEU C 294 1.57 35.97 -3.31
CA LEU C 294 1.39 36.74 -2.09
C LEU C 294 2.71 36.96 -1.36
N MET C 295 3.55 35.92 -1.27
CA MET C 295 4.83 36.06 -0.60
C MET C 295 5.76 36.99 -1.35
N VAL C 296 5.73 36.95 -2.69
CA VAL C 296 6.57 37.85 -3.47
C VAL C 296 6.17 39.30 -3.22
N MET C 297 4.87 39.58 -3.21
CA MET C 297 4.43 40.95 -2.94
C MET C 297 4.77 41.37 -1.51
N LEU C 298 4.65 40.44 -0.56
CA LEU C 298 5.04 40.75 0.81
C LEU C 298 6.52 41.09 0.91
N SER C 299 7.35 40.39 0.14
CA SER C 299 8.78 40.73 0.10
C SER C 299 9.02 42.08 -0.53
N TRP C 300 8.24 42.43 -1.56
CA TRP C 300 8.33 43.77 -2.13
C TRP C 300 8.01 44.84 -1.11
N VAL C 301 7.06 44.57 -0.21
CA VAL C 301 6.58 45.60 0.71
C VAL C 301 7.71 46.14 1.59
N SER C 302 8.77 45.37 1.79
CA SER C 302 9.84 45.78 2.70
C SER C 302 10.63 46.98 2.19
N PHE C 303 10.47 47.35 0.91
CA PHE C 303 11.22 48.48 0.37
C PHE C 303 10.77 49.82 0.91
N TRP C 304 9.61 49.89 1.57
CA TRP C 304 9.03 51.14 2.03
C TRP C 304 9.26 51.40 3.51
N ILE C 305 10.12 50.63 4.15
CA ILE C 305 10.46 50.80 5.56
C ILE C 305 11.78 51.56 5.66
N ASP C 306 11.84 52.52 6.57
CA ASP C 306 13.04 53.33 6.73
C ASP C 306 14.24 52.45 7.07
N ARG C 307 15.38 52.79 6.48
CA ARG C 307 16.58 51.95 6.62
C ARG C 307 17.12 51.95 8.04
N ARG C 308 16.77 52.96 8.84
CA ARG C 308 17.31 53.02 10.21
C ARG C 308 16.74 51.92 11.10
N ALA C 309 15.56 51.39 10.78
CA ALA C 309 14.94 50.32 11.58
C ALA C 309 15.59 49.00 11.21
N VAL C 310 16.87 48.87 11.60
CA VAL C 310 17.64 47.68 11.22
C VAL C 310 17.05 46.41 11.82
N PRO C 311 16.74 46.33 13.13
CA PRO C 311 16.07 45.12 13.63
C PRO C 311 14.56 45.18 13.44
N ALA C 312 14.13 45.64 12.27
CA ALA C 312 12.72 45.57 11.92
C ALA C 312 12.50 45.29 10.43
N ARG C 313 13.55 45.09 9.66
CA ARG C 313 13.48 44.91 8.21
C ARG C 313 14.12 43.61 7.76
N VAL C 314 15.26 43.24 8.37
CA VAL C 314 15.86 41.93 8.11
C VAL C 314 14.92 40.79 8.45
N PRO C 315 14.20 40.78 9.61
CA PRO C 315 13.31 39.67 9.92
C PRO C 315 12.25 39.38 8.85
N LEU C 316 11.70 40.43 8.23
CA LEU C 316 10.69 40.22 7.21
C LEU C 316 11.25 39.43 6.03
N GLY C 317 12.40 39.85 5.51
CA GLY C 317 13.05 39.16 4.42
C GLY C 317 13.47 37.75 4.77
N ILE C 318 14.01 37.56 5.98
CA ILE C 318 14.47 36.23 6.35
C ILE C 318 13.32 35.30 6.70
N THR C 319 12.13 35.83 6.99
CA THR C 319 10.98 35.01 7.30
C THR C 319 10.09 34.76 6.08
N THR C 320 10.27 35.54 5.01
CA THR C 320 9.63 35.19 3.75
C THR C 320 10.25 33.97 3.07
N VAL C 321 11.58 33.83 3.18
CA VAL C 321 12.26 32.70 2.55
C VAL C 321 11.82 31.38 3.18
N LEU C 322 11.70 31.35 4.51
CA LEU C 322 11.30 30.13 5.19
C LEU C 322 9.87 29.72 4.79
N THR C 323 8.96 30.68 4.71
CA THR C 323 7.60 30.38 4.29
C THR C 323 7.57 29.88 2.86
N MET C 324 8.35 30.50 1.97
CA MET C 324 8.40 30.04 0.59
C MET C 324 8.94 28.62 0.50
N SER C 325 9.97 28.31 1.29
CA SER C 325 10.55 26.98 1.28
C SER C 325 9.56 25.94 1.78
N THR C 326 8.83 26.26 2.85
CA THR C 326 7.83 25.32 3.36
C THR C 326 6.72 25.10 2.34
N ILE C 327 6.30 26.16 1.65
CA ILE C 327 5.28 26.03 0.61
C ILE C 327 5.76 25.11 -0.50
N ILE C 328 7.01 25.31 -0.95
CA ILE C 328 7.56 24.47 -2.02
C ILE C 328 7.64 23.01 -1.57
N THR C 329 8.09 22.79 -0.34
CA THR C 329 8.20 21.42 0.17
C THR C 329 6.83 20.75 0.23
N GLY C 330 5.82 21.47 0.71
CA GLY C 330 4.47 20.92 0.74
C GLY C 330 3.94 20.59 -0.64
N VAL C 331 4.18 21.49 -1.60
CA VAL C 331 3.73 21.25 -2.97
C VAL C 331 4.39 20.01 -3.54
N ASN C 332 5.70 19.88 -3.34
CA ASN C 332 6.40 18.68 -3.82
C ASN C 332 5.86 17.43 -3.15
N ALA C 333 5.54 17.51 -1.86
CA ALA C 333 5.03 16.35 -1.14
C ALA C 333 3.67 15.93 -1.68
N SER C 334 2.79 16.89 -1.97
CA SER C 334 1.44 16.53 -2.41
C SER C 334 1.42 16.04 -3.85
N MET C 335 2.39 16.45 -4.67
CA MET C 335 2.38 16.09 -6.08
C MET C 335 2.69 14.60 -6.26
N PRO C 336 2.27 14.01 -7.39
CA PRO C 336 2.70 12.65 -7.72
C PRO C 336 4.20 12.60 -7.99
N ARG C 337 4.79 11.43 -7.75
CA ARG C 337 6.23 11.25 -7.84
C ARG C 337 6.68 11.06 -9.29
N VAL C 338 6.61 12.15 -10.05
CA VAL C 338 7.15 12.20 -11.40
C VAL C 338 8.46 12.96 -11.38
N SER C 339 9.55 12.29 -11.77
CA SER C 339 10.90 12.83 -11.60
C SER C 339 11.42 13.47 -12.89
N TYR C 340 10.77 14.55 -13.32
CA TYR C 340 11.35 15.45 -14.30
C TYR C 340 10.65 16.79 -14.20
N ILE C 341 11.25 17.80 -14.84
CA ILE C 341 10.81 19.18 -14.69
C ILE C 341 9.42 19.35 -15.29
N LYS C 342 8.53 19.97 -14.52
CA LYS C 342 7.17 20.25 -14.94
C LYS C 342 6.96 21.77 -15.00
N ALA C 343 5.83 22.17 -15.57
CA ALA C 343 5.56 23.59 -15.77
C ALA C 343 5.42 24.33 -14.45
N VAL C 344 4.83 23.68 -13.44
CA VAL C 344 4.61 24.35 -12.16
C VAL C 344 5.93 24.56 -11.43
N ASP C 345 6.91 23.68 -11.65
CA ASP C 345 8.18 23.81 -10.97
C ASP C 345 8.95 25.04 -11.43
N ILE C 346 8.77 25.42 -12.70
CA ILE C 346 9.44 26.61 -13.22
C ILE C 346 8.95 27.86 -12.49
N TYR C 347 7.64 27.95 -12.29
CA TYR C 347 7.07 29.14 -11.65
C TYR C 347 7.55 29.26 -10.20
N LEU C 348 7.58 28.16 -9.47
CA LEU C 348 7.92 28.23 -8.05
C LEU C 348 9.39 28.57 -7.83
N TRP C 349 10.29 27.97 -8.60
CA TRP C 349 11.71 28.20 -8.38
C TRP C 349 12.17 29.55 -8.92
N VAL C 350 11.43 30.14 -9.87
CA VAL C 350 11.73 31.51 -10.28
C VAL C 350 11.37 32.49 -9.17
N SER C 351 10.23 32.27 -8.51
CA SER C 351 9.81 33.14 -7.42
C SER C 351 10.80 33.10 -6.25
N PHE C 352 11.43 31.94 -6.04
CA PHE C 352 12.41 31.82 -4.96
C PHE C 352 13.60 32.75 -5.19
N VAL C 353 13.96 32.99 -6.46
CA VAL C 353 15.05 33.90 -6.76
C VAL C 353 14.66 35.33 -6.44
N PHE C 354 13.42 35.72 -6.76
CA PHE C 354 12.96 37.07 -6.44
C PHE C 354 12.98 37.33 -4.94
N VAL C 355 12.55 36.35 -4.14
CA VAL C 355 12.61 36.50 -2.69
C VAL C 355 14.06 36.58 -2.21
N PHE C 356 14.93 35.78 -2.82
CA PHE C 356 16.35 35.78 -2.42
C PHE C 356 17.01 37.12 -2.73
N LEU C 357 16.68 37.72 -3.87
CA LEU C 357 17.31 38.99 -4.26
C LEU C 357 16.89 40.14 -3.35
N SER C 358 15.70 40.06 -2.75
CA SER C 358 15.26 41.14 -1.88
C SER C 358 16.15 41.26 -0.65
N VAL C 359 16.57 40.12 -0.09
CA VAL C 359 17.46 40.14 1.07
C VAL C 359 18.81 40.75 0.69
N LEU C 360 19.36 40.36 -0.46
CA LEU C 360 20.65 40.89 -0.88
C LEU C 360 20.59 42.39 -1.14
N GLU C 361 19.43 42.88 -1.58
CA GLU C 361 19.29 44.30 -1.88
C GLU C 361 19.50 45.15 -0.63
N TYR C 362 18.92 44.73 0.49
CA TYR C 362 19.07 45.49 1.73
C TYR C 362 20.51 45.46 2.24
N ALA C 363 21.22 44.34 2.04
CA ALA C 363 22.60 44.26 2.52
C ALA C 363 23.49 45.28 1.82
N ALA C 364 23.26 45.49 0.52
CA ALA C 364 24.03 46.49 -0.21
C ALA C 364 23.73 47.89 0.31
N VAL C 365 22.47 48.18 0.63
CA VAL C 365 22.10 49.49 1.16
C VAL C 365 22.74 49.71 2.52
N ASN C 366 22.68 48.70 3.39
CA ASN C 366 23.21 48.85 4.73
C ASN C 366 24.71 49.09 4.72
N TYR C 367 25.44 48.38 3.86
CA TYR C 367 26.89 48.51 3.82
C TYR C 367 27.32 49.89 3.37
N LEU C 368 26.67 50.42 2.32
CA LEU C 368 27.05 51.74 1.81
C LEU C 368 26.77 52.84 2.82
N THR C 369 25.66 52.72 3.55
CA THR C 369 25.36 53.70 4.59
C THR C 369 26.43 53.70 5.66
N THR C 370 26.89 52.51 6.07
CA THR C 370 27.91 52.41 7.11
C THR C 370 29.23 53.01 6.65
N VAL C 371 29.56 52.86 5.37
CA VAL C 371 30.81 53.42 4.84
C VAL C 371 30.80 54.93 4.97
N GLN C 372 29.68 55.57 4.63
CA GLN C 372 29.59 57.03 4.71
C GLN C 372 29.76 57.51 6.14
N GLU C 373 29.13 56.83 7.10
CA GLU C 373 29.19 57.25 8.49
C GLU C 373 30.63 57.25 9.00
N ARG C 374 31.39 56.21 8.67
CA ARG C 374 32.81 56.20 9.02
C ARG C 374 33.57 57.29 8.28
N LYS C 375 33.28 57.46 6.98
CA LYS C 375 34.02 58.42 6.17
C LYS C 375 33.78 59.85 6.66
N GLU C 376 32.52 60.20 6.93
CA GLU C 376 32.22 61.54 7.42
C GLU C 376 32.81 61.77 8.81
N GLN C 377 32.75 60.76 9.67
CA GLN C 377 33.33 60.88 11.01
C GLN C 377 34.81 60.53 11.00
N ASP C 451 16.99 60.33 4.76
CA ASP C 451 16.67 60.34 3.34
C ASP C 451 16.46 58.93 2.81
N THR C 452 16.01 58.82 1.58
CA THR C 452 15.79 57.53 0.94
C THR C 452 16.91 57.26 -0.05
N HIS C 453 17.56 56.11 0.09
CA HIS C 453 18.67 55.75 -0.78
C HIS C 453 18.17 55.53 -2.20
N ALA C 454 19.04 55.77 -3.17
CA ALA C 454 18.66 55.63 -4.57
C ALA C 454 18.31 54.18 -4.90
N ILE C 455 18.94 53.22 -4.23
CA ILE C 455 18.70 51.82 -4.53
C ILE C 455 17.25 51.44 -4.26
N ASP C 456 16.70 51.91 -3.13
CA ASP C 456 15.30 51.64 -2.83
C ASP C 456 14.38 52.27 -3.88
N LYS C 457 14.68 53.52 -4.27
CA LYS C 457 13.83 54.21 -5.24
C LYS C 457 13.83 53.48 -6.58
N TYR C 458 14.98 52.97 -7.02
CA TYR C 458 15.01 52.24 -8.28
C TYR C 458 14.38 50.86 -8.15
N SER C 459 14.57 50.20 -7.01
CA SER C 459 14.00 48.87 -6.82
C SER C 459 12.48 48.90 -6.84
N ARG C 460 11.88 49.93 -6.21
CA ARG C 460 10.43 50.04 -6.16
C ARG C 460 9.81 50.02 -7.56
N ILE C 461 10.54 50.48 -8.56
CA ILE C 461 10.04 50.48 -9.93
C ILE C 461 10.49 49.23 -10.69
N ILE C 462 11.72 48.76 -10.41
CA ILE C 462 12.29 47.68 -11.22
C ILE C 462 11.64 46.34 -10.89
N PHE C 463 11.45 46.03 -9.60
CA PHE C 463 10.98 44.70 -9.25
C PHE C 463 9.59 44.38 -9.80
N PRO C 464 8.55 45.19 -9.60
CA PRO C 464 7.24 44.82 -10.14
C PRO C 464 7.22 44.69 -11.66
N ALA C 465 7.97 45.55 -12.36
CA ALA C 465 7.99 45.45 -13.82
C ALA C 465 8.60 44.14 -14.28
N ALA C 466 9.69 43.72 -13.65
CA ALA C 466 10.31 42.45 -14.01
C ALA C 466 9.38 41.27 -13.72
N TYR C 467 8.69 41.30 -12.57
CA TYR C 467 7.78 40.20 -12.26
C TYR C 467 6.62 40.15 -13.24
N ILE C 468 6.08 41.32 -13.61
CA ILE C 468 4.97 41.34 -14.57
C ILE C 468 5.43 40.83 -15.93
N LEU C 469 6.63 41.21 -16.37
CA LEU C 469 7.14 40.70 -17.63
C LEU C 469 7.31 39.19 -17.60
N PHE C 470 7.85 38.66 -16.50
CA PHE C 470 7.99 37.22 -16.37
C PHE C 470 6.64 36.52 -16.42
N ASN C 471 5.65 37.08 -15.72
CA ASN C 471 4.32 36.47 -15.73
C ASN C 471 3.73 36.47 -17.14
N LEU C 472 3.87 37.58 -17.87
CA LEU C 472 3.34 37.65 -19.22
C LEU C 472 3.99 36.60 -20.12
N ILE C 473 5.32 36.49 -20.06
CA ILE C 473 5.99 35.51 -20.91
C ILE C 473 5.58 34.09 -20.53
N TYR C 474 5.54 33.80 -19.23
CA TYR C 474 5.22 32.45 -18.77
C TYR C 474 3.81 32.05 -19.18
N TRP C 475 2.84 32.95 -19.01
CA TRP C 475 1.47 32.62 -19.38
C TRP C 475 1.24 32.67 -20.88
N SER C 476 2.11 33.32 -21.64
CA SER C 476 2.01 33.22 -23.10
C SER C 476 2.55 31.89 -23.60
N ILE C 477 3.63 31.39 -23.00
CA ILE C 477 4.21 30.12 -23.45
C ILE C 477 3.26 28.96 -23.15
N PHE C 478 2.76 28.89 -21.93
CA PHE C 478 1.95 27.75 -21.48
C PHE C 478 0.46 27.99 -21.60
N SER C 479 0.04 29.04 -22.30
CA SER C 479 -1.37 29.36 -22.52
C SER C 479 -2.13 29.55 -21.21
N LYS D 74 -12.75 -35.47 -37.40
CA LYS D 74 -12.05 -34.84 -36.29
C LYS D 74 -10.62 -34.46 -36.69
N SER D 75 -10.22 -33.23 -36.35
CA SER D 75 -8.88 -32.77 -36.69
C SER D 75 -7.80 -33.56 -35.95
N GLU D 76 -8.04 -33.91 -34.69
CA GLU D 76 -7.05 -34.63 -33.90
C GLU D 76 -6.85 -36.07 -34.36
N GLN D 77 -7.74 -36.58 -35.21
CA GLN D 77 -7.59 -37.94 -35.73
C GLN D 77 -6.61 -38.02 -36.90
N LEU D 78 -6.29 -36.89 -37.55
CA LEU D 78 -5.27 -36.90 -38.57
C LEU D 78 -3.88 -37.11 -37.97
N LEU D 79 -3.67 -36.61 -36.75
CA LEU D 79 -2.42 -36.84 -36.02
C LEU D 79 -2.59 -38.06 -35.14
N ARG D 80 -1.70 -39.03 -35.30
CA ARG D 80 -1.80 -40.29 -34.56
C ARG D 80 -1.36 -40.05 -33.12
N ILE D 81 -2.28 -39.45 -32.35
CA ILE D 81 -1.99 -39.14 -30.96
C ILE D 81 -1.79 -40.41 -30.15
N ASP D 82 -2.65 -41.41 -30.35
CA ASP D 82 -2.61 -42.62 -29.54
C ASP D 82 -1.56 -43.62 -30.00
N ASP D 83 -0.94 -43.41 -31.15
CA ASP D 83 0.06 -44.34 -31.67
C ASP D 83 1.48 -43.98 -31.26
N HIS D 84 1.67 -42.89 -30.52
CA HIS D 84 3.00 -42.46 -30.12
C HIS D 84 2.98 -42.09 -28.64
N ASP D 85 4.12 -42.29 -27.98
CA ASP D 85 4.28 -41.92 -26.58
C ASP D 85 4.87 -40.51 -26.52
N PHE D 86 4.11 -39.57 -25.97
CA PHE D 86 4.50 -38.17 -25.92
C PHE D 86 5.11 -37.79 -24.58
N SER D 87 5.47 -38.76 -23.76
CA SER D 87 6.18 -38.49 -22.52
C SER D 87 7.69 -38.38 -22.71
N MET D 88 8.18 -38.65 -23.92
CA MET D 88 9.60 -38.58 -24.24
C MET D 88 9.83 -37.55 -25.33
N ARG D 89 11.00 -36.91 -25.28
CA ARG D 89 11.33 -35.88 -26.25
C ARG D 89 11.54 -36.48 -27.64
N PRO D 90 11.31 -35.70 -28.70
CA PRO D 90 11.63 -36.18 -30.05
C PRO D 90 13.11 -36.49 -30.19
N GLY D 91 13.40 -37.53 -30.96
CA GLY D 91 14.78 -37.98 -31.11
C GLY D 91 15.38 -38.50 -29.83
N PHE D 92 14.60 -39.18 -29.00
CA PHE D 92 15.11 -39.72 -27.75
C PHE D 92 16.16 -40.79 -28.01
N GLY D 93 17.19 -40.83 -27.18
CA GLY D 93 18.26 -41.79 -27.31
C GLY D 93 19.36 -41.39 -28.25
N GLY D 94 19.23 -40.26 -28.95
CA GLY D 94 20.24 -39.83 -29.89
C GLY D 94 20.64 -38.38 -29.66
N PRO D 95 20.92 -37.67 -30.74
CA PRO D 95 21.33 -36.27 -30.62
C PRO D 95 20.21 -35.39 -30.06
N ALA D 96 20.62 -34.29 -29.44
CA ALA D 96 19.67 -33.36 -28.86
C ALA D 96 18.88 -32.65 -29.95
N ILE D 97 17.67 -32.22 -29.59
CA ILE D 97 16.80 -31.49 -30.51
C ILE D 97 17.10 -30.00 -30.37
N PRO D 98 17.44 -29.30 -31.44
CA PRO D 98 17.71 -27.86 -31.35
C PRO D 98 16.41 -27.06 -31.32
N VAL D 99 16.31 -26.14 -30.37
CA VAL D 99 15.12 -25.31 -30.17
C VAL D 99 15.52 -23.85 -30.29
N GLY D 100 14.83 -23.11 -31.15
CA GLY D 100 15.07 -21.68 -31.28
C GLY D 100 14.05 -20.86 -30.51
N VAL D 101 14.45 -19.65 -30.12
CA VAL D 101 13.63 -18.77 -29.31
C VAL D 101 13.61 -17.38 -29.92
N ASP D 102 12.42 -16.79 -30.03
CA ASP D 102 12.24 -15.39 -30.41
C ASP D 102 11.48 -14.68 -29.31
N VAL D 103 11.85 -13.43 -29.05
CA VAL D 103 11.26 -12.63 -27.99
C VAL D 103 10.89 -11.26 -28.55
N GLN D 104 9.69 -10.79 -28.21
CA GLN D 104 9.26 -9.44 -28.53
C GLN D 104 8.76 -8.77 -27.25
N VAL D 105 9.40 -7.68 -26.86
CA VAL D 105 9.07 -6.99 -25.62
C VAL D 105 7.89 -6.06 -25.88
N GLU D 106 6.85 -6.18 -25.06
CA GLU D 106 5.64 -5.38 -25.26
C GLU D 106 5.70 -4.08 -24.46
N SER D 107 5.96 -4.16 -23.16
CA SER D 107 6.04 -2.96 -22.34
C SER D 107 6.78 -3.28 -21.05
N LEU D 108 7.26 -2.22 -20.40
CA LEU D 108 7.83 -2.29 -19.06
C LEU D 108 6.84 -1.67 -18.08
N ASP D 109 6.40 -2.46 -17.11
CA ASP D 109 5.30 -2.03 -16.25
C ASP D 109 5.77 -1.06 -15.17
N SER D 110 6.71 -1.49 -14.34
CA SER D 110 7.16 -0.68 -13.21
C SER D 110 8.52 -1.16 -12.75
N ILE D 111 9.14 -0.36 -11.90
CA ILE D 111 10.43 -0.70 -11.30
C ILE D 111 10.41 -0.28 -9.83
N SER D 112 10.85 -1.18 -8.96
CA SER D 112 10.85 -0.95 -7.52
C SER D 112 12.30 -0.86 -7.04
N GLU D 113 12.66 0.29 -6.48
CA GLU D 113 14.03 0.51 -6.05
C GLU D 113 14.29 -0.11 -4.68
N VAL D 114 13.29 -0.12 -3.80
CA VAL D 114 13.48 -0.67 -2.46
C VAL D 114 13.66 -2.19 -2.53
N ASP D 115 12.84 -2.86 -3.35
CA ASP D 115 12.92 -4.31 -3.50
C ASP D 115 13.84 -4.75 -4.63
N MET D 116 14.28 -3.82 -5.48
CA MET D 116 15.24 -4.11 -6.55
C MET D 116 14.71 -5.18 -7.51
N ASP D 117 13.60 -4.86 -8.18
CA ASP D 117 13.03 -5.73 -9.19
C ASP D 117 12.25 -4.91 -10.20
N PHE D 118 11.95 -5.51 -11.34
CA PHE D 118 11.23 -4.86 -12.42
C PHE D 118 10.24 -5.86 -13.04
N THR D 119 9.24 -5.32 -13.72
CA THR D 119 8.18 -6.13 -14.33
C THR D 119 8.18 -5.90 -15.84
N MET D 120 8.06 -6.98 -16.60
CA MET D 120 8.11 -6.93 -18.06
C MET D 120 7.04 -7.84 -18.63
N THR D 121 6.50 -7.46 -19.79
CA THR D 121 5.54 -8.26 -20.54
C THR D 121 6.11 -8.52 -21.93
N LEU D 122 6.02 -9.76 -22.39
CA LEU D 122 6.69 -10.14 -23.63
C LEU D 122 5.97 -11.30 -24.29
N TYR D 123 6.31 -11.52 -25.56
CA TYR D 123 5.85 -12.68 -26.33
C TYR D 123 6.99 -13.68 -26.44
N LEU D 124 6.72 -14.94 -26.14
CA LEU D 124 7.72 -16.00 -26.19
C LEU D 124 7.34 -16.99 -27.29
N ARG D 125 8.29 -17.27 -28.18
CA ARG D 125 8.06 -18.16 -29.30
C ARG D 125 9.15 -19.23 -29.33
N HIS D 126 8.76 -20.45 -29.69
CA HIS D 126 9.69 -21.57 -29.81
C HIS D 126 9.57 -22.19 -31.19
N TYR D 127 10.67 -22.73 -31.70
CA TYR D 127 10.70 -23.43 -32.97
C TYR D 127 11.43 -24.75 -32.80
N TRP D 128 10.77 -25.85 -33.16
CA TRP D 128 11.41 -27.16 -33.14
C TRP D 128 10.67 -28.06 -34.13
N LYS D 129 11.30 -29.18 -34.45
CA LYS D 129 10.79 -30.11 -35.45
C LYS D 129 10.48 -31.47 -34.82
N ASP D 130 9.32 -32.02 -35.16
CA ASP D 130 8.89 -33.31 -34.65
C ASP D 130 8.27 -34.09 -35.79
N GLU D 131 8.86 -35.24 -36.12
CA GLU D 131 8.34 -36.06 -37.22
C GLU D 131 7.05 -36.78 -36.85
N ARG D 132 6.78 -36.96 -35.56
CA ARG D 132 5.59 -37.68 -35.13
C ARG D 132 4.30 -36.91 -35.38
N LEU D 133 4.38 -35.60 -35.63
CA LEU D 133 3.20 -34.79 -35.89
C LEU D 133 2.94 -34.58 -37.38
N SER D 134 3.73 -35.20 -38.25
CA SER D 134 3.54 -35.03 -39.68
C SER D 134 2.24 -35.68 -40.13
N PHE D 135 1.52 -35.00 -41.02
CA PHE D 135 0.26 -35.51 -41.55
C PHE D 135 0.23 -35.34 -43.06
N PRO D 136 -0.36 -36.30 -43.78
CA PRO D 136 -0.49 -36.15 -45.23
C PRO D 136 -1.45 -35.03 -45.59
N SER D 137 -1.18 -34.37 -46.71
CA SER D 137 -2.01 -33.26 -47.16
C SER D 137 -1.90 -33.14 -48.66
N THR D 138 -2.98 -32.65 -49.28
CA THR D 138 -3.02 -32.38 -50.70
C THR D 138 -2.57 -30.96 -51.03
N ASN D 139 -2.24 -30.15 -50.02
CA ASN D 139 -1.80 -28.78 -50.20
C ASN D 139 -0.77 -28.47 -49.12
N ASN D 140 -0.35 -27.20 -48.96
CA ASN D 140 0.60 -26.87 -47.84
C ASN D 140 0.01 -26.10 -46.69
N LEU D 141 -1.31 -26.11 -46.58
CA LEU D 141 -1.98 -25.39 -45.52
C LEU D 141 -1.62 -26.00 -44.16
N SER D 142 -1.45 -25.14 -43.17
CA SER D 142 -1.11 -25.56 -41.82
C SER D 142 -2.35 -25.55 -40.93
N MET D 143 -2.28 -26.34 -39.87
CA MET D 143 -3.40 -26.46 -38.92
C MET D 143 -3.07 -25.71 -37.64
N THR D 144 -4.03 -24.92 -37.17
CA THR D 144 -3.88 -24.10 -35.98
C THR D 144 -4.75 -24.67 -34.86
N PHE D 145 -4.17 -24.77 -33.66
CA PHE D 145 -4.86 -25.29 -32.50
C PHE D 145 -4.72 -24.32 -31.34
N ASP D 146 -5.64 -24.42 -30.38
CA ASP D 146 -5.60 -23.62 -29.18
C ASP D 146 -4.82 -24.35 -28.10
N GLY D 147 -4.90 -23.86 -26.86
CA GLY D 147 -4.13 -24.43 -25.76
C GLY D 147 -4.59 -25.80 -25.30
N ARG D 148 -5.75 -26.27 -25.76
CA ARG D 148 -6.24 -27.57 -25.32
C ARG D 148 -5.43 -28.73 -25.89
N LEU D 149 -4.65 -28.50 -26.94
CA LEU D 149 -3.80 -29.55 -27.50
C LEU D 149 -2.46 -29.67 -26.79
N VAL D 150 -2.10 -28.70 -25.93
CA VAL D 150 -0.80 -28.71 -25.29
C VAL D 150 -0.64 -29.92 -24.38
N LYS D 151 -1.70 -30.29 -23.67
CA LYS D 151 -1.63 -31.37 -22.70
C LYS D 151 -1.48 -32.75 -23.34
N LYS D 152 -1.62 -32.85 -24.66
CA LYS D 152 -1.52 -34.14 -25.34
C LYS D 152 -0.20 -34.36 -26.06
N ILE D 153 0.65 -33.34 -26.17
CA ILE D 153 1.90 -33.44 -26.91
C ILE D 153 3.04 -32.94 -26.03
N TRP D 154 4.25 -33.06 -26.56
CA TRP D 154 5.46 -32.66 -25.85
C TRP D 154 5.87 -31.25 -26.25
N VAL D 155 6.13 -30.41 -25.25
CA VAL D 155 6.54 -29.02 -25.48
C VAL D 155 7.70 -28.69 -24.56
N PRO D 156 8.58 -27.75 -24.94
CA PRO D 156 9.70 -27.41 -24.06
C PRO D 156 9.23 -26.78 -22.75
N ASP D 157 9.94 -27.11 -21.68
CA ASP D 157 9.62 -26.60 -20.35
C ASP D 157 10.54 -25.43 -19.98
N MET D 158 10.35 -24.31 -20.68
CA MET D 158 11.14 -23.12 -20.40
C MET D 158 10.65 -22.44 -19.12
N PHE D 159 11.59 -21.83 -18.40
CA PHE D 159 11.26 -21.07 -17.21
C PHE D 159 12.25 -19.93 -17.05
N PHE D 160 11.86 -18.93 -16.27
CA PHE D 160 12.65 -17.72 -16.08
C PHE D 160 13.44 -17.80 -14.79
N VAL D 161 14.76 -17.62 -14.88
CA VAL D 161 15.64 -17.72 -13.73
C VAL D 161 15.58 -16.43 -12.93
N HIS D 162 15.81 -16.53 -11.62
CA HIS D 162 15.86 -15.38 -10.73
C HIS D 162 14.57 -14.56 -10.78
N SER D 163 13.44 -15.24 -10.91
CA SER D 163 12.14 -14.59 -10.93
C SER D 163 11.46 -14.72 -9.58
N LYS D 164 10.52 -13.80 -9.34
CA LYS D 164 9.74 -13.80 -8.10
C LYS D 164 8.31 -14.25 -8.30
N ARG D 165 7.67 -13.84 -9.40
CA ARG D 165 6.32 -14.28 -9.72
C ARG D 165 6.07 -14.06 -11.20
N SER D 166 5.24 -14.91 -11.78
CA SER D 166 4.90 -14.81 -13.20
C SER D 166 3.60 -15.54 -13.46
N PHE D 167 2.97 -15.19 -14.57
CA PHE D 167 1.70 -15.82 -14.95
C PHE D 167 1.45 -15.63 -16.43
N ILE D 168 0.47 -16.37 -16.95
CA ILE D 168 0.06 -16.31 -18.34
C ILE D 168 -1.35 -15.74 -18.40
N HIS D 169 -1.56 -14.78 -19.29
CA HIS D 169 -2.86 -14.14 -19.41
C HIS D 169 -3.90 -15.12 -19.95
N ASP D 170 -5.13 -15.02 -19.46
CA ASP D 170 -6.19 -15.97 -19.79
C ASP D 170 -7.51 -15.26 -20.07
N THR D 171 -7.46 -14.17 -20.84
CA THR D 171 -8.67 -13.44 -21.23
C THR D 171 -8.66 -13.19 -22.72
N THR D 172 -9.74 -13.58 -23.41
CA THR D 172 -10.90 -14.20 -22.78
C THR D 172 -10.73 -15.71 -22.66
N THR D 173 -9.60 -16.19 -23.16
CA THR D 173 -9.20 -17.59 -23.02
C THR D 173 -7.68 -17.62 -22.89
N ASP D 174 -7.13 -18.83 -22.82
CA ASP D 174 -5.68 -18.97 -22.74
C ASP D 174 -5.02 -18.37 -23.99
N ASN D 175 -4.01 -17.53 -23.76
CA ASN D 175 -3.27 -16.93 -24.86
C ASN D 175 -2.13 -17.85 -25.30
N VAL D 176 -2.52 -19.00 -25.82
CA VAL D 176 -1.59 -20.04 -26.28
C VAL D 176 -1.98 -20.44 -27.69
N MET D 177 -0.99 -20.50 -28.59
CA MET D 177 -1.22 -20.85 -29.97
C MET D 177 -0.25 -21.93 -30.40
N LEU D 178 -0.76 -22.91 -31.15
CA LEU D 178 0.06 -23.97 -31.72
C LEU D 178 -0.23 -24.08 -33.20
N ARG D 179 0.82 -24.10 -34.02
CA ARG D 179 0.70 -24.22 -35.46
C ARG D 179 1.63 -25.32 -35.95
N VAL D 180 1.11 -26.22 -36.76
CA VAL D 180 1.84 -27.40 -37.22
C VAL D 180 1.93 -27.36 -38.75
N GLN D 181 3.15 -27.40 -39.27
CA GLN D 181 3.36 -27.52 -40.70
C GLN D 181 3.18 -28.98 -41.14
N PRO D 182 2.84 -29.20 -42.40
CA PRO D 182 2.67 -30.60 -42.87
C PRO D 182 3.91 -31.46 -42.70
N ASP D 183 5.10 -30.89 -42.89
CA ASP D 183 6.32 -31.68 -42.74
C ASP D 183 6.58 -32.04 -41.28
N GLY D 184 6.24 -31.15 -40.35
CA GLY D 184 6.41 -31.44 -38.95
C GLY D 184 6.96 -30.29 -38.12
N LYS D 185 7.17 -29.13 -38.73
CA LYS D 185 7.63 -27.97 -38.00
C LYS D 185 6.51 -27.45 -37.09
N VAL D 186 6.88 -27.03 -35.89
CA VAL D 186 5.93 -26.63 -34.85
C VAL D 186 6.28 -25.23 -34.38
N LEU D 187 5.26 -24.40 -34.17
CA LEU D 187 5.40 -23.08 -33.59
C LEU D 187 4.59 -23.03 -32.29
N TYR D 188 5.19 -22.47 -31.25
CA TYR D 188 4.58 -22.41 -29.92
C TYR D 188 4.74 -21.00 -29.38
N SER D 189 3.67 -20.23 -29.39
CA SER D 189 3.69 -18.84 -28.94
C SER D 189 2.75 -18.66 -27.76
N LEU D 190 3.16 -17.83 -26.80
CA LEU D 190 2.33 -17.52 -25.64
C LEU D 190 2.74 -16.17 -25.08
N ARG D 191 1.83 -15.57 -24.31
CA ARG D 191 2.01 -14.24 -23.76
C ARG D 191 2.12 -14.33 -22.25
N VAL D 192 3.21 -13.80 -21.70
CA VAL D 192 3.58 -14.03 -20.30
C VAL D 192 4.10 -12.75 -19.68
N THR D 193 3.76 -12.53 -18.41
CA THR D 193 4.24 -11.41 -17.62
C THR D 193 5.12 -11.94 -16.49
N VAL D 194 6.30 -11.35 -16.31
CA VAL D 194 7.30 -11.88 -15.40
C VAL D 194 7.91 -10.75 -14.60
N THR D 195 8.16 -10.99 -13.32
CA THR D 195 8.88 -10.08 -12.43
C THR D 195 10.20 -10.72 -12.04
N ALA D 196 11.30 -10.02 -12.27
CA ALA D 196 12.63 -10.56 -12.06
C ALA D 196 13.45 -9.62 -11.18
N MET D 197 14.42 -10.20 -10.47
CA MET D 197 15.25 -9.42 -9.56
C MET D 197 16.42 -8.77 -10.31
N CYS D 198 16.87 -7.63 -9.77
CA CYS D 198 18.01 -6.93 -10.34
C CYS D 198 18.69 -6.15 -9.22
N ASN D 199 19.92 -6.52 -8.89
CA ASN D 199 20.66 -5.82 -7.84
C ASN D 199 21.02 -4.42 -8.30
N MET D 200 20.89 -3.46 -7.38
CA MET D 200 21.13 -2.05 -7.67
C MET D 200 22.12 -1.49 -6.66
N ASP D 201 22.89 -0.49 -7.10
CA ASP D 201 23.87 0.19 -6.27
C ASP D 201 23.57 1.68 -6.30
N PHE D 202 23.29 2.25 -5.12
CA PHE D 202 22.95 3.67 -4.99
C PHE D 202 24.08 4.49 -4.39
N SER D 203 25.32 4.03 -4.52
CA SER D 203 26.46 4.78 -3.96
C SER D 203 26.60 6.14 -4.62
N ARG D 204 26.32 6.24 -5.92
CA ARG D 204 26.51 7.46 -6.68
C ARG D 204 25.19 8.13 -7.07
N PHE D 205 24.12 7.87 -6.33
CA PHE D 205 22.85 8.51 -6.59
C PHE D 205 23.00 10.03 -6.45
N PRO D 206 22.40 10.84 -7.33
CA PRO D 206 21.56 10.48 -8.48
C PRO D 206 22.30 10.37 -9.81
N LEU D 207 23.62 10.26 -9.78
CA LEU D 207 24.42 10.08 -11.00
C LEU D 207 24.78 8.62 -11.24
N ASP D 208 23.93 7.70 -10.83
CA ASP D 208 24.23 6.28 -10.92
C ASP D 208 23.72 5.68 -12.23
N THR D 209 24.30 4.55 -12.60
CA THR D 209 23.88 3.79 -13.78
C THR D 209 23.66 2.35 -13.36
N GLN D 210 22.53 1.78 -13.78
CA GLN D 210 22.14 0.43 -13.40
C GLN D 210 22.03 -0.44 -14.65
N THR D 211 22.40 -1.71 -14.52
CA THR D 211 22.28 -2.69 -15.59
C THR D 211 21.46 -3.87 -15.08
N CYS D 212 20.38 -4.19 -15.78
CA CYS D 212 19.53 -5.33 -15.44
C CYS D 212 19.46 -6.29 -16.61
N SER D 213 19.02 -7.52 -16.33
CA SER D 213 18.93 -8.56 -17.34
C SER D 213 17.82 -9.52 -17.00
N LEU D 214 17.36 -10.26 -18.01
CA LEU D 214 16.34 -11.29 -17.87
C LEU D 214 16.86 -12.56 -18.50
N GLU D 215 16.71 -13.69 -17.81
CA GLU D 215 17.35 -14.93 -18.21
C GLU D 215 16.31 -16.02 -18.47
N ILE D 216 16.57 -16.85 -19.48
CA ILE D 216 15.69 -17.93 -19.88
C ILE D 216 16.50 -19.22 -19.95
N GLU D 217 15.98 -20.29 -19.36
CA GLU D 217 16.70 -21.55 -19.30
C GLU D 217 15.71 -22.70 -19.18
N SER D 218 16.08 -23.85 -19.72
CA SER D 218 15.29 -25.06 -19.55
C SER D 218 15.42 -25.59 -18.13
N TYR D 219 14.37 -26.27 -17.66
CA TYR D 219 14.33 -26.69 -16.26
C TYR D 219 14.85 -28.11 -16.05
N ALA D 220 14.45 -29.06 -16.92
CA ALA D 220 14.73 -30.47 -16.69
C ALA D 220 15.72 -31.09 -17.67
N TYR D 221 15.91 -30.50 -18.84
CA TYR D 221 16.74 -31.09 -19.88
C TYR D 221 18.09 -30.39 -19.95
N THR D 222 19.16 -31.17 -19.92
CA THR D 222 20.51 -30.65 -19.99
C THR D 222 20.89 -30.37 -21.44
N GLU D 223 22.16 -29.98 -21.65
CA GLU D 223 22.64 -29.71 -23.00
C GLU D 223 22.72 -30.98 -23.84
N ASP D 224 22.79 -32.14 -23.19
CA ASP D 224 22.85 -33.40 -23.93
C ASP D 224 21.52 -33.73 -24.61
N ASP D 225 20.40 -33.26 -24.07
CA ASP D 225 19.08 -33.60 -24.59
C ASP D 225 18.36 -32.46 -25.27
N LEU D 226 18.60 -31.23 -24.85
CA LEU D 226 17.94 -30.06 -25.45
C LEU D 226 18.97 -28.97 -25.65
N MET D 227 19.08 -28.49 -26.89
CA MET D 227 20.05 -27.47 -27.26
C MET D 227 19.31 -26.17 -27.57
N LEU D 228 19.51 -25.15 -26.74
CA LEU D 228 18.78 -23.90 -26.85
C LEU D 228 19.66 -22.82 -27.49
N TYR D 229 19.08 -22.02 -28.37
CA TYR D 229 19.82 -20.95 -29.02
C TYR D 229 18.85 -19.91 -29.57
N TRP D 230 19.38 -18.71 -29.81
CA TRP D 230 18.62 -17.67 -30.49
C TRP D 230 18.50 -18.01 -31.96
N LYS D 231 17.28 -17.90 -32.51
CA LYS D 231 17.05 -18.36 -33.87
C LYS D 231 17.76 -17.49 -34.91
N LYS D 232 17.66 -16.16 -34.76
CA LYS D 232 18.17 -15.25 -35.76
C LYS D 232 19.26 -14.33 -35.20
N GLY D 233 20.09 -14.84 -34.30
CA GLY D 233 21.18 -14.04 -33.78
C GLY D 233 20.68 -12.82 -33.03
N ASN D 234 21.22 -11.65 -33.34
CA ASN D 234 20.80 -10.46 -32.64
C ASN D 234 19.43 -9.97 -33.08
N ASP D 235 19.00 -10.37 -34.27
CA ASP D 235 17.75 -9.88 -34.82
C ASP D 235 16.53 -10.54 -34.19
N SER D 236 16.72 -11.42 -33.22
CA SER D 236 15.62 -12.14 -32.59
C SER D 236 14.90 -11.33 -31.52
N LEU D 237 15.43 -10.18 -31.14
CA LEU D 237 14.84 -9.34 -30.11
C LEU D 237 14.23 -8.11 -30.77
N LYS D 238 12.93 -7.93 -30.57
CA LYS D 238 12.20 -6.77 -31.08
C LYS D 238 11.57 -6.03 -29.91
N THR D 239 11.59 -4.71 -29.97
CA THR D 239 11.02 -3.88 -28.91
C THR D 239 9.95 -2.97 -29.48
N ASP D 240 8.93 -2.72 -28.67
CA ASP D 240 7.86 -1.82 -29.06
C ASP D 240 8.39 -0.38 -29.17
N GLU D 241 7.75 0.40 -30.04
CA GLU D 241 8.21 1.77 -30.26
C GLU D 241 7.89 2.67 -29.09
N ARG D 242 6.85 2.35 -28.30
CA ARG D 242 6.35 3.23 -27.25
C ARG D 242 6.62 2.68 -25.86
N ILE D 243 7.78 2.06 -25.66
CA ILE D 243 8.17 1.58 -24.34
C ILE D 243 8.97 2.65 -23.62
N SER D 244 8.57 2.97 -22.39
CA SER D 244 9.24 4.00 -21.62
C SER D 244 8.86 3.85 -20.15
N LEU D 245 9.59 4.57 -19.30
CA LEU D 245 9.34 4.61 -17.87
C LEU D 245 9.17 6.05 -17.43
N SER D 246 8.47 6.22 -16.31
CA SER D 246 8.13 7.56 -15.83
C SER D 246 9.38 8.33 -15.39
N GLN D 247 10.33 7.64 -14.75
CA GLN D 247 11.46 8.30 -14.12
C GLN D 247 12.82 7.79 -14.59
N PHE D 248 12.86 6.99 -15.66
CA PHE D 248 14.11 6.41 -16.14
C PHE D 248 14.20 6.55 -17.65
N LEU D 249 15.43 6.42 -18.15
CA LEU D 249 15.69 6.39 -19.59
C LEU D 249 16.28 5.03 -19.95
N ILE D 250 15.66 4.36 -20.92
CA ILE D 250 16.00 2.98 -21.27
C ILE D 250 16.64 2.96 -22.65
N GLN D 251 17.74 2.22 -22.78
CA GLN D 251 18.40 2.05 -24.07
C GLN D 251 19.30 0.83 -24.02
N GLU D 252 19.95 0.56 -25.16
CA GLU D 252 20.95 -0.50 -25.29
C GLU D 252 20.37 -1.89 -25.01
N PHE D 253 19.41 -2.28 -25.84
CA PHE D 253 18.89 -3.65 -25.82
C PHE D 253 19.77 -4.56 -26.67
N HIS D 254 20.25 -5.66 -26.08
CA HIS D 254 21.02 -6.64 -26.82
C HIS D 254 20.93 -7.98 -26.10
N THR D 255 21.34 -9.03 -26.81
CA THR D 255 21.19 -10.40 -26.35
C THR D 255 22.53 -11.13 -26.35
N THR D 256 22.75 -11.95 -25.33
CA THR D 256 23.95 -12.77 -25.22
C THR D 256 23.58 -14.16 -24.70
N THR D 257 24.55 -15.07 -24.79
CA THR D 257 24.37 -16.45 -24.33
C THR D 257 25.53 -16.84 -23.42
N LYS D 258 25.28 -17.83 -22.56
CA LYS D 258 26.30 -18.30 -21.64
C LYS D 258 25.90 -19.66 -21.10
N LEU D 259 26.89 -20.52 -20.84
CA LEU D 259 26.66 -21.84 -20.27
C LEU D 259 26.68 -21.76 -18.75
N ALA D 260 25.79 -22.50 -18.11
CA ALA D 260 25.69 -22.55 -16.66
C ALA D 260 25.86 -23.99 -16.19
N PHE D 261 26.37 -24.15 -14.97
CA PHE D 261 26.66 -25.46 -14.39
C PHE D 261 25.86 -25.67 -13.13
N TYR D 262 25.27 -26.85 -12.99
CA TYR D 262 24.63 -27.29 -11.77
C TYR D 262 25.20 -28.65 -11.38
N SER D 263 25.67 -28.76 -10.14
CA SER D 263 26.35 -29.99 -9.71
C SER D 263 25.39 -31.17 -9.64
N SER D 264 24.09 -30.91 -9.48
CA SER D 264 23.13 -32.01 -9.33
C SER D 264 22.89 -32.72 -10.66
N THR D 265 22.82 -31.97 -11.76
CA THR D 265 22.46 -32.58 -13.03
C THR D 265 23.48 -32.36 -14.14
N GLY D 266 24.08 -31.17 -14.22
CA GLY D 266 25.05 -30.92 -15.26
C GLY D 266 24.98 -29.55 -15.90
N TRP D 267 25.35 -29.46 -17.18
CA TRP D 267 25.42 -28.20 -17.89
C TRP D 267 24.07 -27.82 -18.48
N TYR D 268 23.82 -26.51 -18.55
CA TYR D 268 22.63 -25.96 -19.17
C TYR D 268 22.99 -24.75 -20.00
N ASN D 269 22.14 -24.42 -20.96
CA ASN D 269 22.27 -23.21 -21.76
C ASN D 269 21.39 -22.12 -21.18
N ARG D 270 21.88 -20.89 -21.20
CA ARG D 270 21.16 -19.75 -20.65
C ARG D 270 21.18 -18.60 -21.65
N LEU D 271 20.05 -17.91 -21.78
CA LEU D 271 19.90 -16.79 -22.68
C LEU D 271 19.64 -15.51 -21.88
N TYR D 272 20.23 -14.40 -22.33
CA TYR D 272 20.17 -13.14 -21.61
C TYR D 272 19.55 -12.06 -22.48
N ILE D 273 18.85 -11.14 -21.83
CA ILE D 273 18.35 -9.91 -22.46
C ILE D 273 18.79 -8.74 -21.59
N ASN D 274 19.62 -7.87 -22.14
CA ASN D 274 20.27 -6.83 -21.35
C ASN D 274 19.77 -5.44 -21.75
N PHE D 275 19.72 -4.54 -20.77
CA PHE D 275 19.40 -3.15 -20.99
C PHE D 275 19.98 -2.32 -19.85
N THR D 276 19.99 -1.00 -20.05
CA THR D 276 20.61 -0.08 -19.11
C THR D 276 19.64 1.06 -18.79
N LEU D 277 19.75 1.60 -17.57
CA LEU D 277 18.85 2.64 -17.07
C LEU D 277 19.64 3.87 -16.66
N ARG D 278 19.04 5.04 -16.89
CA ARG D 278 19.62 6.31 -16.50
C ARG D 278 18.53 7.23 -15.97
N ARG D 279 18.93 8.23 -15.19
CA ARG D 279 18.00 9.17 -14.56
C ARG D 279 18.05 10.52 -15.27
N HIS D 280 17.21 11.43 -14.79
CA HIS D 280 17.21 12.83 -15.24
C HIS D 280 18.05 13.62 -14.25
N ILE D 281 19.20 14.09 -14.71
CA ILE D 281 20.15 14.75 -13.79
C ILE D 281 19.61 16.10 -13.33
N PHE D 282 19.04 16.89 -14.25
CA PHE D 282 18.74 18.28 -13.95
C PHE D 282 17.63 18.41 -12.91
N PHE D 283 16.65 17.50 -12.92
CA PHE D 283 15.59 17.58 -11.91
C PHE D 283 16.13 17.46 -10.51
N PHE D 284 17.06 16.53 -10.29
CA PHE D 284 17.66 16.39 -8.96
C PHE D 284 18.63 17.53 -8.68
N LEU D 285 19.40 17.95 -9.69
CA LEU D 285 20.33 19.06 -9.56
C LEU D 285 19.62 20.29 -9.01
N LEU D 286 18.62 20.79 -9.73
CA LEU D 286 17.88 21.96 -9.28
C LEU D 286 17.38 21.76 -7.85
N GLN D 287 16.47 20.79 -7.67
CA GLN D 287 15.77 20.55 -6.41
C GLN D 287 16.71 20.48 -5.22
N THR D 288 17.69 19.58 -5.25
CA THR D 288 18.57 19.42 -4.10
C THR D 288 19.62 20.53 -4.03
N TYR D 289 20.45 20.63 -5.07
CA TYR D 289 21.68 21.40 -4.93
C TYR D 289 21.45 22.91 -4.92
N PHE D 290 20.42 23.40 -5.64
CA PHE D 290 20.24 24.85 -5.72
C PHE D 290 19.98 25.49 -4.37
N PRO D 291 19.00 25.04 -3.56
CA PRO D 291 18.78 25.70 -2.27
C PRO D 291 19.96 25.65 -1.32
N ALA D 292 20.73 24.55 -1.33
CA ALA D 292 21.88 24.45 -0.43
C ALA D 292 22.91 25.52 -0.72
N THR D 293 23.26 25.67 -2.00
CA THR D 293 24.22 26.70 -2.38
C THR D 293 23.67 28.10 -2.10
N LEU D 294 22.37 28.31 -2.37
CA LEU D 294 21.78 29.61 -2.10
C LEU D 294 21.87 29.96 -0.62
N MET D 295 21.56 29.00 0.26
CA MET D 295 21.60 29.27 1.69
C MET D 295 23.02 29.48 2.18
N VAL D 296 23.99 28.75 1.62
CA VAL D 296 25.38 28.96 2.01
C VAL D 296 25.84 30.37 1.64
N MET D 297 25.50 30.82 0.43
CA MET D 297 25.86 32.19 0.05
C MET D 297 25.14 33.22 0.91
N LEU D 298 23.87 32.95 1.26
CA LEU D 298 23.16 33.86 2.13
C LEU D 298 23.82 33.96 3.50
N SER D 299 24.32 32.84 4.01
CA SER D 299 25.07 32.87 5.27
C SER D 299 26.36 33.66 5.12
N TRP D 300 27.03 33.53 3.97
CA TRP D 300 28.23 34.33 3.72
C TRP D 300 27.92 35.81 3.76
N VAL D 301 26.73 36.20 3.28
CA VAL D 301 26.40 37.62 3.16
C VAL D 301 26.50 38.34 4.50
N SER D 302 26.27 37.64 5.60
CA SER D 302 26.20 38.30 6.92
C SER D 302 27.54 38.90 7.35
N PHE D 303 28.64 38.54 6.69
CA PHE D 303 29.94 39.06 7.07
C PHE D 303 30.11 40.55 6.78
N TRP D 304 29.22 41.15 6.00
CA TRP D 304 29.36 42.54 5.57
C TRP D 304 28.50 43.50 6.38
N ILE D 305 27.91 43.04 7.49
CA ILE D 305 27.06 43.87 8.34
C ILE D 305 27.86 44.30 9.55
N ASP D 306 27.71 45.57 9.93
CA ASP D 306 28.47 46.12 11.04
C ASP D 306 28.19 45.36 12.33
N ARG D 307 29.24 45.14 13.12
CA ARG D 307 29.13 44.34 14.33
C ARG D 307 28.26 45.00 15.39
N ARG D 308 28.17 46.33 15.38
CA ARG D 308 27.40 47.02 16.41
C ARG D 308 25.91 46.73 16.31
N ALA D 309 25.42 46.32 15.15
CA ALA D 309 24.00 45.98 14.98
C ALA D 309 23.77 44.55 15.49
N VAL D 310 23.89 44.39 16.81
CA VAL D 310 23.85 43.07 17.41
C VAL D 310 22.51 42.36 17.16
N PRO D 311 21.34 42.99 17.40
CA PRO D 311 20.09 42.30 17.07
C PRO D 311 19.71 42.45 15.60
N ALA D 312 20.69 42.32 14.71
CA ALA D 312 20.41 42.29 13.28
C ALA D 312 21.32 41.31 12.54
N ARG D 313 22.17 40.58 13.24
CA ARG D 313 23.14 39.68 12.63
C ARG D 313 22.99 38.26 13.16
N VAL D 314 22.69 38.10 14.44
CA VAL D 314 22.34 36.79 14.98
C VAL D 314 21.12 36.17 14.28
N PRO D 315 20.01 36.91 14.04
CA PRO D 315 18.84 36.30 13.40
C PRO D 315 19.12 35.65 12.05
N LEU D 316 19.95 36.29 11.22
CA LEU D 316 20.23 35.76 9.89
C LEU D 316 20.92 34.38 9.99
N GLY D 317 21.96 34.31 10.80
CA GLY D 317 22.68 33.07 11.00
C GLY D 317 21.83 31.99 11.65
N ILE D 318 21.02 32.36 12.64
CA ILE D 318 20.23 31.36 13.34
C ILE D 318 19.03 30.91 12.51
N THR D 319 18.60 31.70 11.53
CA THR D 319 17.48 31.34 10.68
C THR D 319 17.92 30.65 9.40
N THR D 320 19.20 30.76 9.03
CA THR D 320 19.71 29.95 7.93
C THR D 320 19.84 28.48 8.29
N VAL D 321 20.24 28.17 9.53
CA VAL D 321 20.37 26.78 9.96
C VAL D 321 19.02 26.09 9.94
N LEU D 322 17.96 26.79 10.37
CA LEU D 322 16.63 26.20 10.36
C LEU D 322 16.18 25.86 8.95
N THR D 323 16.41 26.77 7.99
CA THR D 323 16.04 26.50 6.61
C THR D 323 16.84 25.33 6.05
N MET D 324 18.14 25.26 6.36
CA MET D 324 18.96 24.16 5.90
C MET D 324 18.45 22.83 6.46
N SER D 325 18.09 22.82 7.74
CA SER D 325 17.57 21.60 8.37
C SER D 325 16.26 21.16 7.72
N THR D 326 15.36 22.12 7.46
CA THR D 326 14.10 21.78 6.82
C THR D 326 14.33 21.22 5.42
N ILE D 327 15.26 21.81 4.67
CA ILE D 327 15.55 21.33 3.32
C ILE D 327 16.11 19.91 3.38
N ILE D 328 17.03 19.65 4.32
CA ILE D 328 17.61 18.32 4.45
C ILE D 328 16.53 17.29 4.79
N THR D 329 15.65 17.64 5.74
CA THR D 329 14.59 16.72 6.12
C THR D 329 13.66 16.43 4.95
N GLY D 330 13.29 17.46 4.21
CA GLY D 330 12.41 17.25 3.05
C GLY D 330 13.05 16.38 2.00
N VAL D 331 14.33 16.63 1.70
CA VAL D 331 15.04 15.83 0.69
C VAL D 331 15.11 14.38 1.14
N ASN D 332 15.44 14.14 2.41
CA ASN D 332 15.52 12.78 2.91
C ASN D 332 14.16 12.09 2.83
N ALA D 333 13.08 12.81 3.16
CA ALA D 333 11.75 12.23 3.11
C ALA D 333 11.37 11.85 1.69
N SER D 334 11.69 12.71 0.71
CA SER D 334 11.27 12.46 -0.65
C SER D 334 12.03 11.31 -1.31
N MET D 335 13.30 11.12 -0.95
CA MET D 335 14.12 10.10 -1.60
C MET D 335 13.71 8.70 -1.14
N PRO D 336 14.10 7.67 -1.91
CA PRO D 336 13.81 6.29 -1.48
C PRO D 336 14.55 5.93 -0.20
N ARG D 337 13.98 4.97 0.53
CA ARG D 337 14.49 4.57 1.84
C ARG D 337 15.62 3.55 1.71
N VAL D 338 16.77 4.03 1.23
CA VAL D 338 17.98 3.22 1.16
C VAL D 338 18.89 3.61 2.32
N SER D 339 19.25 2.63 3.14
CA SER D 339 19.93 2.90 4.42
C SER D 339 21.45 2.73 4.30
N TYR D 340 22.06 3.57 3.48
CA TYR D 340 23.50 3.77 3.54
C TYR D 340 23.84 5.09 2.84
N ILE D 341 25.07 5.55 3.03
CA ILE D 341 25.47 6.87 2.59
C ILE D 341 25.51 6.94 1.08
N LYS D 342 24.88 7.97 0.52
CA LYS D 342 24.84 8.22 -0.92
C LYS D 342 25.58 9.53 -1.22
N ALA D 343 25.82 9.76 -2.51
CA ALA D 343 26.61 10.91 -2.92
C ALA D 343 25.89 12.21 -2.59
N VAL D 344 24.56 12.22 -2.65
CA VAL D 344 23.80 13.43 -2.36
C VAL D 344 23.90 13.78 -0.87
N ASP D 345 23.96 12.77 0.00
CA ASP D 345 23.98 13.02 1.43
C ASP D 345 25.27 13.72 1.86
N ILE D 346 26.38 13.40 1.21
CA ILE D 346 27.65 14.01 1.57
C ILE D 346 27.62 15.51 1.32
N TYR D 347 27.05 15.92 0.18
CA TYR D 347 27.05 17.34 -0.19
C TYR D 347 26.20 18.16 0.77
N LEU D 348 25.06 17.60 1.22
CA LEU D 348 24.15 18.38 2.05
C LEU D 348 24.71 18.58 3.45
N TRP D 349 25.35 17.55 4.01
CA TRP D 349 25.85 17.68 5.38
C TRP D 349 27.13 18.50 5.45
N VAL D 350 27.93 18.53 4.38
CA VAL D 350 29.08 19.43 4.36
C VAL D 350 28.62 20.88 4.30
N SER D 351 27.56 21.15 3.56
CA SER D 351 27.00 22.50 3.52
C SER D 351 26.42 22.89 4.88
N PHE D 352 25.92 21.92 5.64
CA PHE D 352 25.40 22.22 6.97
C PHE D 352 26.50 22.67 7.91
N VAL D 353 27.71 22.15 7.73
CA VAL D 353 28.84 22.55 8.58
C VAL D 353 29.24 24.00 8.28
N PHE D 354 29.22 24.38 7.00
CA PHE D 354 29.59 25.75 6.64
C PHE D 354 28.65 26.77 7.26
N VAL D 355 27.35 26.50 7.23
CA VAL D 355 26.39 27.42 7.84
C VAL D 355 26.56 27.44 9.35
N PHE D 356 26.87 26.30 9.96
CA PHE D 356 27.05 26.22 11.40
C PHE D 356 28.25 27.05 11.85
N LEU D 357 29.34 27.02 11.08
CA LEU D 357 30.56 27.71 11.50
C LEU D 357 30.44 29.23 11.37
N SER D 358 29.49 29.72 10.57
CA SER D 358 29.30 31.16 10.47
C SER D 358 28.72 31.73 11.76
N VAL D 359 27.91 30.94 12.47
CA VAL D 359 27.36 31.40 13.74
C VAL D 359 28.46 31.49 14.79
N LEU D 360 29.34 30.49 14.83
CA LEU D 360 30.45 30.52 15.79
C LEU D 360 31.38 31.68 15.50
N GLU D 361 31.54 32.05 14.22
CA GLU D 361 32.46 33.11 13.85
C GLU D 361 32.03 34.44 14.46
N TYR D 362 30.73 34.74 14.44
CA TYR D 362 30.26 35.99 15.02
C TYR D 362 30.40 36.01 16.53
N ALA D 363 30.18 34.88 17.20
CA ALA D 363 30.28 34.85 18.66
C ALA D 363 31.68 35.18 19.13
N ALA D 364 32.70 34.72 18.38
CA ALA D 364 34.07 35.09 18.70
C ALA D 364 34.30 36.58 18.57
N VAL D 365 33.73 37.20 17.51
CA VAL D 365 33.89 38.63 17.30
C VAL D 365 33.23 39.41 18.43
N ASN D 366 32.02 39.00 18.81
CA ASN D 366 31.29 39.72 19.85
C ASN D 366 32.01 39.64 21.19
N TYR D 367 32.55 38.46 21.52
CA TYR D 367 33.21 38.28 22.81
C TYR D 367 34.49 39.11 22.90
N LEU D 368 35.30 39.10 21.84
CA LEU D 368 36.57 39.82 21.87
C LEU D 368 36.35 41.33 21.98
N THR D 369 35.35 41.85 21.27
CA THR D 369 35.04 43.27 21.39
C THR D 369 34.61 43.62 22.82
N THR D 370 33.78 42.76 23.43
CA THR D 370 33.34 42.99 24.80
C THR D 370 34.52 42.97 25.77
N VAL D 371 35.52 42.12 25.50
CA VAL D 371 36.69 42.04 26.36
C VAL D 371 37.41 43.37 26.42
N GLN D 372 37.58 44.01 25.26
CA GLN D 372 38.28 45.29 25.21
C GLN D 372 37.54 46.37 25.99
N GLU D 373 36.21 46.38 25.88
CA GLU D 373 35.42 47.44 26.52
C GLU D 373 35.64 47.44 28.04
N ARG D 374 35.62 46.27 28.66
CA ARG D 374 35.89 46.19 30.09
C ARG D 374 37.33 46.58 30.40
N LYS D 375 38.27 46.15 29.55
CA LYS D 375 39.68 46.42 29.82
C LYS D 375 39.99 47.90 29.70
N GLU D 376 39.52 48.55 28.63
CA GLU D 376 39.79 49.97 28.45
C GLU D 376 39.07 50.81 29.52
N GLN D 377 37.84 50.44 29.85
CA GLN D 377 37.08 51.18 30.85
C GLN D 377 37.54 50.82 32.26
N ASP D 451 35.12 50.46 13.20
CA ASP D 451 36.06 49.78 12.32
C ASP D 451 35.59 48.36 12.03
N THR D 452 36.41 47.60 11.31
CA THR D 452 36.12 46.22 10.98
C THR D 452 37.14 45.31 11.64
N HIS D 453 36.66 44.30 12.36
CA HIS D 453 37.54 43.37 13.05
C HIS D 453 38.32 42.54 12.04
N ALA D 454 39.49 42.05 12.47
CA ALA D 454 40.33 41.26 11.57
C ALA D 454 39.65 39.95 11.16
N ILE D 455 38.87 39.36 12.07
CA ILE D 455 38.26 38.07 11.80
C ILE D 455 37.30 38.17 10.61
N ASP D 456 36.50 39.23 10.56
CA ASP D 456 35.61 39.43 9.42
C ASP D 456 36.40 39.58 8.12
N LYS D 457 37.46 40.38 8.16
CA LYS D 457 38.25 40.63 6.95
C LYS D 457 38.85 39.34 6.42
N TYR D 458 39.35 38.47 7.30
CA TYR D 458 39.93 37.21 6.84
C TYR D 458 38.84 36.24 6.41
N SER D 459 37.70 36.21 7.10
CA SER D 459 36.64 35.28 6.75
C SER D 459 36.07 35.55 5.37
N ARG D 460 35.91 36.83 5.03
CA ARG D 460 35.33 37.20 3.73
C ARG D 460 36.09 36.58 2.58
N ILE D 461 37.39 36.33 2.76
CA ILE D 461 38.20 35.70 1.71
C ILE D 461 38.30 34.20 1.93
N ILE D 462 38.39 33.76 3.19
CA ILE D 462 38.65 32.34 3.46
C ILE D 462 37.45 31.47 3.09
N PHE D 463 36.24 31.90 3.45
CA PHE D 463 35.08 31.04 3.24
C PHE D 463 34.83 30.70 1.78
N PRO D 464 34.74 31.67 0.85
CA PRO D 464 34.47 31.29 -0.55
C PRO D 464 35.54 30.39 -1.16
N ALA D 465 36.81 30.62 -0.81
CA ALA D 465 37.87 29.77 -1.36
C ALA D 465 37.72 28.33 -0.89
N ALA D 466 37.40 28.13 0.39
CA ALA D 466 37.19 26.78 0.90
C ALA D 466 36.01 26.11 0.22
N TYR D 467 34.90 26.84 0.03
CA TYR D 467 33.75 26.23 -0.61
C TYR D 467 34.04 25.89 -2.07
N ILE D 468 34.77 26.76 -2.78
CA ILE D 468 35.10 26.48 -4.18
C ILE D 468 36.00 25.26 -4.28
N LEU D 469 36.98 25.15 -3.37
CA LEU D 469 37.84 23.96 -3.38
C LEU D 469 37.04 22.70 -3.11
N PHE D 470 36.12 22.74 -2.16
CA PHE D 470 35.27 21.58 -1.88
C PHE D 470 34.45 21.21 -3.12
N ASN D 471 33.87 22.21 -3.79
CA ASN D 471 33.08 21.91 -4.99
C ASN D 471 33.93 21.29 -6.08
N LEU D 472 35.15 21.81 -6.29
CA LEU D 472 36.02 21.25 -7.32
C LEU D 472 36.35 19.80 -7.01
N ILE D 473 36.74 19.51 -5.77
CA ILE D 473 37.09 18.13 -5.41
C ILE D 473 35.87 17.22 -5.56
N TYR D 474 34.71 17.66 -5.07
CA TYR D 474 33.51 16.83 -5.12
C TYR D 474 33.11 16.49 -6.55
N TRP D 475 33.08 17.50 -7.42
CA TRP D 475 32.68 17.24 -8.80
C TRP D 475 33.77 16.57 -9.61
N SER D 476 35.02 16.58 -9.13
CA SER D 476 36.05 15.76 -9.76
C SER D 476 35.87 14.29 -9.40
N ILE D 477 35.56 14.00 -8.14
CA ILE D 477 35.43 12.60 -7.72
C ILE D 477 34.18 11.97 -8.32
N PHE D 478 33.05 12.65 -8.25
CA PHE D 478 31.76 12.09 -8.66
C PHE D 478 31.39 12.46 -10.09
N SER D 479 32.30 13.08 -10.84
CA SER D 479 32.09 13.44 -12.24
C SER D 479 30.86 14.31 -12.45
N LYS E 74 4.62 -47.34 -24.19
CA LYS E 74 4.32 -46.31 -23.21
C LYS E 74 5.33 -46.35 -22.05
N SER E 75 5.86 -45.19 -21.70
CA SER E 75 6.85 -45.13 -20.62
C SER E 75 6.24 -45.47 -19.27
N GLU E 76 4.98 -45.09 -19.04
CA GLU E 76 4.33 -45.41 -17.77
C GLU E 76 4.04 -46.90 -17.62
N GLN E 77 4.09 -47.67 -18.68
CA GLN E 77 3.85 -49.11 -18.59
C GLN E 77 5.07 -49.89 -18.11
N LEU E 78 6.27 -49.28 -18.18
CA LEU E 78 7.45 -49.93 -17.60
C LEU E 78 7.34 -49.99 -16.08
N LEU E 79 6.75 -48.96 -15.46
CA LEU E 79 6.51 -48.95 -14.03
C LEU E 79 5.11 -49.51 -13.77
N ARG E 80 5.05 -50.59 -12.99
CA ARG E 80 3.78 -51.28 -12.75
C ARG E 80 2.94 -50.45 -11.79
N ILE E 81 2.34 -49.39 -12.34
CA ILE E 81 1.54 -48.46 -11.55
C ILE E 81 0.32 -49.18 -10.97
N ASP E 82 -0.38 -49.95 -11.80
CA ASP E 82 -1.61 -50.60 -11.37
C ASP E 82 -1.37 -51.88 -10.59
N ASP E 83 -0.14 -52.38 -10.53
CA ASP E 83 0.17 -53.61 -9.81
C ASP E 83 0.60 -53.37 -8.37
N HIS E 84 0.62 -52.11 -7.92
CA HIS E 84 0.99 -51.78 -6.56
C HIS E 84 0.08 -50.68 -6.04
N ASP E 85 -0.06 -50.63 -4.71
CA ASP E 85 -0.84 -49.60 -4.05
C ASP E 85 0.11 -48.50 -3.57
N PHE E 86 -0.10 -47.28 -4.05
CA PHE E 86 0.79 -46.16 -3.74
C PHE E 86 0.21 -45.23 -2.68
N SER E 87 -0.84 -45.66 -1.98
CA SER E 87 -1.36 -44.90 -0.85
C SER E 87 -0.65 -45.21 0.45
N MET E 88 0.33 -46.13 0.43
CA MET E 88 1.11 -46.47 1.60
C MET E 88 2.60 -46.24 1.31
N ARG E 89 3.35 -45.94 2.36
CA ARG E 89 4.77 -45.66 2.20
C ARG E 89 5.52 -46.93 1.82
N PRO E 90 6.67 -46.78 1.17
CA PRO E 90 7.50 -47.96 0.86
C PRO E 90 7.95 -48.66 2.14
N GLY E 91 8.03 -49.98 2.07
CA GLY E 91 8.39 -50.76 3.25
C GLY E 91 7.41 -50.64 4.38
N PHE E 92 6.11 -50.64 4.09
CA PHE E 92 5.09 -50.50 5.11
C PHE E 92 5.19 -51.62 6.13
N GLY E 93 5.11 -51.26 7.41
CA GLY E 93 5.19 -52.23 8.49
C GLY E 93 6.58 -52.56 8.97
N GLY E 94 7.61 -51.94 8.40
CA GLY E 94 8.97 -52.21 8.81
C GLY E 94 9.71 -50.98 9.30
N PRO E 95 11.02 -50.95 9.11
CA PRO E 95 11.80 -49.80 9.54
C PRO E 95 11.46 -48.55 8.74
N ALA E 96 11.74 -47.40 9.36
CA ALA E 96 11.49 -46.12 8.72
C ALA E 96 12.38 -45.95 7.50
N ILE E 97 11.85 -45.28 6.48
CA ILE E 97 12.57 -45.02 5.24
C ILE E 97 13.34 -43.70 5.40
N PRO E 98 14.66 -43.69 5.22
CA PRO E 98 15.42 -42.44 5.33
C PRO E 98 15.19 -41.56 4.10
N VAL E 99 15.04 -40.26 4.32
CA VAL E 99 14.85 -39.28 3.25
C VAL E 99 15.88 -38.18 3.44
N GLY E 100 16.67 -37.92 2.40
CA GLY E 100 17.65 -36.85 2.43
C GLY E 100 17.12 -35.57 1.81
N VAL E 101 17.65 -34.44 2.25
CA VAL E 101 17.19 -33.13 1.82
C VAL E 101 18.40 -32.27 1.45
N ASP E 102 18.30 -31.59 0.31
CA ASP E 102 19.27 -30.58 -0.10
C ASP E 102 18.55 -29.28 -0.39
N VAL E 103 19.15 -28.16 -0.04
CA VAL E 103 18.55 -26.85 -0.21
C VAL E 103 19.57 -25.93 -0.86
N GLN E 104 19.13 -25.15 -1.85
CA GLN E 104 19.95 -24.11 -2.45
C GLN E 104 19.16 -22.80 -2.40
N VAL E 105 19.71 -21.81 -1.73
CA VAL E 105 19.03 -20.51 -1.56
C VAL E 105 19.31 -19.66 -2.80
N GLU E 106 18.25 -19.14 -3.40
CA GLU E 106 18.40 -18.36 -4.63
C GLU E 106 18.43 -16.86 -4.37
N SER E 107 17.49 -16.36 -3.56
CA SER E 107 17.46 -14.93 -3.26
C SER E 107 16.60 -14.69 -2.04
N LEU E 108 16.81 -13.52 -1.42
CA LEU E 108 15.95 -13.01 -0.36
C LEU E 108 15.17 -11.82 -0.91
N ASP E 109 13.85 -11.95 -0.96
CA ASP E 109 13.04 -10.96 -1.65
C ASP E 109 12.91 -9.67 -0.84
N SER E 110 12.46 -9.77 0.41
CA SER E 110 12.20 -8.58 1.20
C SER E 110 12.20 -8.96 2.67
N ILE E 111 12.10 -7.94 3.53
CA ILE E 111 11.98 -8.12 4.96
C ILE E 111 11.10 -7.00 5.51
N SER E 112 10.19 -7.34 6.41
CA SER E 112 9.25 -6.39 7.00
C SER E 112 9.50 -6.33 8.50
N GLU E 113 9.79 -5.14 9.00
CA GLU E 113 10.06 -4.99 10.43
C GLU E 113 8.78 -4.79 11.23
N VAL E 114 7.74 -4.22 10.61
CA VAL E 114 6.48 -4.03 11.32
C VAL E 114 5.80 -5.38 11.57
N ASP E 115 5.73 -6.23 10.55
CA ASP E 115 5.09 -7.54 10.67
C ASP E 115 6.05 -8.65 11.04
N MET E 116 7.36 -8.38 11.05
CA MET E 116 8.38 -9.33 11.50
C MET E 116 8.34 -10.62 10.67
N ASP E 117 8.66 -10.47 9.38
CA ASP E 117 8.68 -11.60 8.47
C ASP E 117 9.71 -11.36 7.38
N PHE E 118 10.02 -12.42 6.63
CA PHE E 118 10.94 -12.35 5.50
C PHE E 118 10.49 -13.32 4.42
N THR E 119 10.89 -13.03 3.18
CA THR E 119 10.53 -13.83 2.03
C THR E 119 11.78 -14.40 1.39
N MET E 120 11.75 -15.70 1.07
CA MET E 120 12.90 -16.39 0.51
C MET E 120 12.47 -17.29 -0.64
N THR E 121 13.34 -17.44 -1.63
CA THR E 121 13.12 -18.35 -2.75
C THR E 121 14.26 -19.37 -2.78
N LEU E 122 13.91 -20.64 -2.89
CA LEU E 122 14.91 -21.70 -2.75
C LEU E 122 14.50 -22.91 -3.57
N TYR E 123 15.46 -23.82 -3.75
CA TYR E 123 15.25 -25.13 -4.36
C TYR E 123 15.20 -26.18 -3.26
N LEU E 124 14.26 -27.10 -3.37
CA LEU E 124 14.12 -28.19 -2.41
C LEU E 124 14.28 -29.52 -3.14
N ARG E 125 15.07 -30.42 -2.56
CA ARG E 125 15.36 -31.71 -3.18
C ARG E 125 15.17 -32.83 -2.16
N HIS E 126 14.66 -33.97 -2.64
CA HIS E 126 14.44 -35.14 -1.80
C HIS E 126 15.14 -36.35 -2.41
N TYR E 127 15.61 -37.26 -1.55
CA TYR E 127 16.22 -38.50 -1.98
C TYR E 127 15.65 -39.65 -1.18
N TRP E 128 15.16 -40.68 -1.86
CA TRP E 128 14.68 -41.89 -1.20
C TRP E 128 14.70 -43.02 -2.21
N LYS E 129 14.59 -44.25 -1.70
CA LYS E 129 14.66 -45.45 -2.52
C LYS E 129 13.36 -46.23 -2.42
N ASP E 130 12.85 -46.64 -3.58
CA ASP E 130 11.63 -47.43 -3.67
C ASP E 130 11.83 -48.53 -4.69
N GLU E 131 11.69 -49.79 -4.27
CA GLU E 131 11.88 -50.90 -5.19
C GLU E 131 10.72 -51.08 -6.15
N ARG E 132 9.53 -50.56 -5.82
CA ARG E 132 8.38 -50.69 -6.70
C ARG E 132 8.55 -49.91 -8.00
N LEU E 133 9.47 -48.95 -8.06
CA LEU E 133 9.75 -48.19 -9.27
C LEU E 133 10.92 -48.75 -10.06
N SER E 134 11.48 -49.89 -9.65
CA SER E 134 12.55 -50.51 -10.40
C SER E 134 12.04 -51.03 -11.74
N PHE E 135 12.82 -50.81 -12.79
CA PHE E 135 12.46 -51.24 -14.12
C PHE E 135 13.63 -51.91 -14.81
N PRO E 136 13.40 -52.93 -15.62
CA PRO E 136 14.49 -53.56 -16.36
C PRO E 136 15.04 -52.62 -17.43
N SER E 137 16.34 -52.76 -17.69
CA SER E 137 16.98 -51.94 -18.70
C SER E 137 18.25 -52.65 -19.18
N THR E 138 18.63 -52.35 -20.41
CA THR E 138 19.86 -52.88 -21.00
C THR E 138 21.04 -51.93 -20.82
N ASN E 139 20.84 -50.80 -20.13
CA ASN E 139 21.89 -49.82 -19.92
C ASN E 139 21.63 -49.13 -18.58
N ASN E 140 22.33 -48.04 -18.25
CA ASN E 140 22.03 -47.29 -16.97
C ASN E 140 21.37 -45.93 -17.19
N LEU E 141 20.60 -45.81 -18.26
CA LEU E 141 19.92 -44.56 -18.55
C LEU E 141 18.72 -44.39 -17.63
N SER E 142 18.49 -43.15 -17.20
CA SER E 142 17.40 -42.81 -16.32
C SER E 142 16.29 -42.11 -17.10
N MET E 143 15.07 -42.20 -16.57
CA MET E 143 13.90 -41.62 -17.20
C MET E 143 13.44 -40.39 -16.42
N THR E 144 13.15 -39.31 -17.14
CA THR E 144 12.74 -38.04 -16.55
C THR E 144 11.24 -37.86 -16.79
N PHE E 145 10.53 -37.44 -15.74
CA PHE E 145 9.10 -37.22 -15.81
C PHE E 145 8.77 -35.83 -15.30
N ASP E 146 7.64 -35.31 -15.76
CA ASP E 146 7.16 -34.00 -15.33
C ASP E 146 6.24 -34.16 -14.12
N GLY E 147 5.53 -33.09 -13.76
CA GLY E 147 4.70 -33.08 -12.58
C GLY E 147 3.44 -33.93 -12.66
N ARG E 148 3.13 -34.47 -13.83
CA ARG E 148 1.92 -35.28 -13.97
C ARG E 148 2.04 -36.65 -13.31
N LEU E 149 3.27 -37.15 -13.12
CA LEU E 149 3.47 -38.44 -12.50
C LEU E 149 3.40 -38.40 -10.98
N VAL E 150 3.48 -37.21 -10.38
CA VAL E 150 3.50 -37.09 -8.92
C VAL E 150 2.22 -37.65 -8.32
N LYS E 151 1.08 -37.43 -8.98
CA LYS E 151 -0.20 -37.87 -8.47
C LYS E 151 -0.36 -39.38 -8.47
N LYS E 152 0.53 -40.13 -9.14
CA LYS E 152 0.38 -41.57 -9.27
C LYS E 152 1.32 -42.36 -8.36
N ILE E 153 2.27 -41.71 -7.69
CA ILE E 153 3.22 -42.39 -6.82
C ILE E 153 3.25 -41.70 -5.47
N TRP E 154 4.01 -42.27 -4.54
CA TRP E 154 4.12 -41.75 -3.19
C TRP E 154 5.31 -40.81 -3.08
N VAL E 155 5.07 -39.62 -2.54
CA VAL E 155 6.12 -38.62 -2.35
C VAL E 155 6.04 -38.05 -0.95
N PRO E 156 7.14 -37.61 -0.36
CA PRO E 156 7.09 -37.06 1.01
C PRO E 156 6.36 -35.72 1.04
N ASP E 157 5.59 -35.53 2.11
CA ASP E 157 4.78 -34.33 2.29
C ASP E 157 5.47 -33.36 3.26
N MET E 158 6.49 -32.68 2.75
CA MET E 158 7.17 -31.66 3.54
C MET E 158 6.32 -30.40 3.63
N PHE E 159 6.52 -29.64 4.70
CA PHE E 159 5.89 -28.33 4.83
C PHE E 159 6.75 -27.46 5.73
N PHE E 160 6.54 -26.14 5.62
CA PHE E 160 7.34 -25.17 6.35
C PHE E 160 6.60 -24.74 7.60
N VAL E 161 7.26 -24.84 8.75
CA VAL E 161 6.65 -24.50 10.03
C VAL E 161 6.76 -23.00 10.25
N HIS E 162 5.73 -22.43 10.87
CA HIS E 162 5.67 -21.00 11.20
C HIS E 162 5.76 -20.13 9.95
N SER E 163 5.09 -20.56 8.88
CA SER E 163 5.02 -19.80 7.64
C SER E 163 3.66 -19.12 7.51
N LYS E 164 3.64 -18.05 6.73
CA LYS E 164 2.42 -17.28 6.49
C LYS E 164 1.80 -17.52 5.12
N ARG E 165 2.62 -17.70 4.09
CA ARG E 165 2.11 -17.98 2.76
C ARG E 165 3.24 -18.59 1.94
N SER E 166 2.86 -19.39 0.94
CA SER E 166 3.83 -20.01 0.05
C SER E 166 3.13 -20.47 -1.22
N PHE E 167 3.92 -20.66 -2.27
CA PHE E 167 3.40 -21.16 -3.54
C PHE E 167 4.53 -21.77 -4.35
N ILE E 168 4.15 -22.55 -5.35
CA ILE E 168 5.10 -23.20 -6.25
C ILE E 168 4.94 -22.58 -7.64
N HIS E 169 6.06 -22.15 -8.22
CA HIS E 169 6.02 -21.49 -9.52
C HIS E 169 5.54 -22.46 -10.60
N ASP E 170 4.76 -21.93 -11.55
CA ASP E 170 4.14 -22.76 -12.58
C ASP E 170 4.23 -22.10 -13.96
N THR E 171 5.36 -21.47 -14.27
CA THR E 171 5.57 -20.83 -15.56
C THR E 171 6.87 -21.33 -16.16
N THR E 172 6.83 -21.81 -17.40
CA THR E 172 5.61 -21.87 -18.22
C THR E 172 4.75 -23.09 -17.88
N THR E 173 5.31 -23.95 -17.03
CA THR E 173 4.58 -25.09 -16.49
C THR E 173 5.07 -25.32 -15.07
N ASP E 174 4.49 -26.33 -14.41
CA ASP E 174 4.87 -26.61 -13.03
C ASP E 174 6.36 -26.95 -12.95
N ASN E 175 7.04 -26.31 -12.02
CA ASN E 175 8.49 -26.51 -11.84
C ASN E 175 8.75 -27.69 -10.91
N VAL E 176 8.42 -28.88 -11.42
CA VAL E 176 8.59 -30.14 -10.71
C VAL E 176 9.34 -31.10 -11.62
N MET E 177 10.37 -31.75 -11.09
CA MET E 177 11.17 -32.69 -11.84
C MET E 177 11.26 -34.02 -11.08
N LEU E 178 11.14 -35.11 -11.82
CA LEU E 178 11.25 -36.46 -11.26
C LEU E 178 12.22 -37.27 -12.09
N ARG E 179 13.17 -37.93 -11.42
CA ARG E 179 14.15 -38.78 -12.09
C ARG E 179 14.25 -40.09 -11.34
N VAL E 180 14.19 -41.20 -12.06
CA VAL E 180 14.19 -42.54 -11.48
C VAL E 180 15.38 -43.31 -12.02
N GLN E 181 16.18 -43.87 -11.12
CA GLN E 181 17.29 -44.73 -11.51
C GLN E 181 16.80 -46.16 -11.76
N PRO E 182 17.53 -46.94 -12.56
CA PRO E 182 17.10 -48.33 -12.80
C PRO E 182 16.98 -49.17 -11.52
N ASP E 183 17.87 -48.97 -10.56
CA ASP E 183 17.79 -49.74 -9.32
C ASP E 183 16.60 -49.33 -8.47
N GLY E 184 16.23 -48.05 -8.51
CA GLY E 184 15.06 -47.59 -7.78
C GLY E 184 15.23 -46.28 -7.03
N LYS E 185 16.39 -45.65 -7.17
CA LYS E 185 16.63 -44.36 -6.53
C LYS E 185 15.85 -43.27 -7.23
N VAL E 186 15.22 -42.40 -6.45
CA VAL E 186 14.31 -41.38 -6.96
C VAL E 186 14.80 -40.01 -6.51
N LEU E 187 14.77 -39.05 -7.44
CA LEU E 187 15.09 -37.65 -7.15
C LEU E 187 13.85 -36.81 -7.39
N TYR E 188 13.52 -35.96 -6.42
CA TYR E 188 12.32 -35.13 -6.45
C TYR E 188 12.73 -33.70 -6.12
N SER E 189 12.72 -32.83 -7.13
CA SER E 189 13.11 -31.44 -6.97
C SER E 189 11.96 -30.52 -7.35
N LEU E 190 11.84 -29.41 -6.64
CA LEU E 190 10.81 -28.41 -6.94
C LEU E 190 11.29 -27.04 -6.48
N ARG E 191 10.68 -26.00 -7.04
CA ARG E 191 11.07 -24.62 -6.78
C ARG E 191 9.91 -23.91 -6.09
N VAL E 192 10.19 -23.31 -4.93
CA VAL E 192 9.15 -22.80 -4.04
C VAL E 192 9.56 -21.46 -3.46
N THR E 193 8.57 -20.62 -3.17
CA THR E 193 8.76 -19.34 -2.49
C THR E 193 7.95 -19.35 -1.20
N VAL E 194 8.57 -18.93 -0.11
CA VAL E 194 7.98 -19.06 1.22
C VAL E 194 8.18 -17.77 2.00
N THR E 195 7.15 -17.38 2.76
CA THR E 195 7.21 -16.27 3.69
C THR E 195 7.08 -16.81 5.11
N ALA E 196 8.04 -16.50 5.97
CA ALA E 196 8.09 -17.05 7.32
C ALA E 196 8.23 -15.92 8.34
N MET E 197 7.80 -16.21 9.56
CA MET E 197 7.86 -15.23 10.63
C MET E 197 9.21 -15.27 11.34
N CYS E 198 9.61 -14.10 11.86
CA CYS E 198 10.86 -14.00 12.61
C CYS E 198 10.70 -12.93 13.67
N ASN E 199 10.70 -13.34 14.94
CA ASN E 199 10.56 -12.39 16.04
C ASN E 199 11.77 -11.47 16.10
N MET E 200 11.51 -10.18 16.32
CA MET E 200 12.55 -9.17 16.34
C MET E 200 12.44 -8.33 17.60
N ASP E 201 13.59 -7.87 18.10
CA ASP E 201 13.65 -7.04 19.29
C ASP E 201 14.48 -5.80 18.96
N PHE E 202 13.85 -4.62 19.04
CA PHE E 202 14.49 -3.36 18.68
C PHE E 202 14.85 -2.52 19.90
N SER E 203 15.17 -3.16 21.03
CA SER E 203 15.52 -2.40 22.22
C SER E 203 16.80 -1.61 22.03
N ARG E 204 17.73 -2.12 21.21
CA ARG E 204 19.03 -1.51 21.00
C ARG E 204 19.16 -0.87 19.61
N PHE E 205 18.06 -0.49 19.00
CA PHE E 205 18.11 0.17 17.69
C PHE E 205 18.92 1.46 17.80
N PRO E 206 19.76 1.79 16.81
CA PRO E 206 20.03 1.05 15.57
C PRO E 206 21.19 0.07 15.64
N LEU E 207 21.67 -0.24 16.85
CA LEU E 207 22.80 -1.14 17.04
C LEU E 207 22.36 -2.56 17.39
N ASP E 208 21.21 -2.98 16.89
CA ASP E 208 20.67 -4.30 17.23
C ASP E 208 21.19 -5.37 16.30
N THR E 209 21.08 -6.62 16.75
CA THR E 209 21.43 -7.80 15.96
C THR E 209 20.25 -8.76 15.98
N GLN E 210 19.86 -9.24 14.80
CA GLN E 210 18.69 -10.10 14.64
C GLN E 210 19.09 -11.43 14.05
N THR E 211 18.47 -12.50 14.55
CA THR E 211 18.69 -13.86 14.06
C THR E 211 17.36 -14.46 13.64
N CYS E 212 17.28 -14.93 12.40
CA CYS E 212 16.09 -15.56 11.87
C CYS E 212 16.40 -16.99 11.45
N SER E 213 15.35 -17.77 11.23
CA SER E 213 15.51 -19.17 10.84
C SER E 213 14.35 -19.62 9.97
N LEU E 214 14.59 -20.68 9.21
CA LEU E 214 13.58 -21.34 8.38
C LEU E 214 13.57 -22.82 8.74
N GLU E 215 12.38 -23.37 8.98
CA GLU E 215 12.25 -24.71 9.52
C GLU E 215 11.42 -25.59 8.61
N ILE E 216 11.87 -26.83 8.44
CA ILE E 216 11.24 -27.81 7.55
C ILE E 216 10.90 -29.05 8.37
N GLU E 217 9.69 -29.59 8.15
CA GLU E 217 9.24 -30.73 8.93
C GLU E 217 8.18 -31.49 8.13
N SER E 218 8.14 -32.80 8.34
CA SER E 218 7.08 -33.61 7.75
C SER E 218 5.76 -33.35 8.45
N TYR E 219 4.65 -33.58 7.74
CA TYR E 219 3.35 -33.20 8.27
C TYR E 219 2.66 -34.35 9.02
N ALA E 220 2.51 -35.51 8.37
CA ALA E 220 1.66 -36.57 8.91
C ALA E 220 2.41 -37.78 9.42
N TYR E 221 3.70 -37.93 9.11
CA TYR E 221 4.46 -39.11 9.49
C TYR E 221 5.42 -38.78 10.62
N THR E 222 5.40 -39.60 11.67
CA THR E 222 6.28 -39.40 12.81
C THR E 222 7.65 -40.01 12.52
N GLU E 223 8.53 -39.94 13.53
CA GLU E 223 9.88 -40.47 13.38
C GLU E 223 9.86 -41.99 13.24
N ASP E 224 8.78 -42.64 13.65
CA ASP E 224 8.70 -44.10 13.56
C ASP E 224 8.60 -44.58 12.12
N ASP E 225 8.09 -43.75 11.21
CA ASP E 225 7.89 -44.14 9.82
C ASP E 225 8.76 -43.39 8.84
N LEU E 226 9.05 -42.11 9.08
CA LEU E 226 9.84 -41.29 8.18
C LEU E 226 10.98 -40.65 8.97
N MET E 227 12.21 -40.85 8.50
CA MET E 227 13.40 -40.32 9.16
C MET E 227 14.02 -39.26 8.25
N LEU E 228 13.99 -38.01 8.70
CA LEU E 228 14.45 -36.88 7.91
C LEU E 228 15.83 -36.44 8.38
N TYR E 229 16.73 -36.17 7.43
CA TYR E 229 18.08 -35.75 7.77
C TYR E 229 18.70 -35.03 6.59
N TRP E 230 19.77 -34.28 6.87
CA TRP E 230 20.56 -33.64 5.83
C TRP E 230 21.44 -34.68 5.15
N LYS E 231 21.45 -34.67 3.81
CA LYS E 231 22.12 -35.74 3.08
C LYS E 231 23.63 -35.71 3.27
N LYS E 232 24.24 -34.53 3.16
CA LYS E 232 25.70 -34.41 3.24
C LYS E 232 26.12 -33.54 4.41
N GLY E 233 25.33 -33.53 5.49
CA GLY E 233 25.71 -32.75 6.66
C GLY E 233 25.72 -31.27 6.37
N ASN E 234 26.79 -30.58 6.75
CA ASN E 234 26.80 -29.14 6.53
C ASN E 234 26.89 -28.77 5.08
N ASP E 235 27.45 -29.65 4.27
CA ASP E 235 27.68 -29.32 2.87
C ASP E 235 26.41 -29.37 2.03
N SER E 236 25.25 -29.56 2.66
CA SER E 236 23.98 -29.66 1.93
C SER E 236 23.30 -28.31 1.73
N LEU E 237 23.90 -27.22 2.19
CA LEU E 237 23.32 -25.89 2.04
C LEU E 237 24.20 -25.07 1.11
N LYS E 238 23.60 -24.51 0.07
CA LYS E 238 24.28 -23.66 -0.89
C LYS E 238 23.60 -22.31 -0.97
N THR E 239 24.39 -21.25 -1.13
CA THR E 239 23.87 -19.90 -1.24
C THR E 239 24.37 -19.25 -2.52
N ASP E 240 23.51 -18.42 -3.11
CA ASP E 240 23.89 -17.70 -4.32
C ASP E 240 24.96 -16.67 -4.01
N GLU E 241 25.76 -16.34 -5.02
CA GLU E 241 26.88 -15.43 -4.82
C GLU E 241 26.42 -13.99 -4.67
N ARG E 242 25.21 -13.67 -5.14
CA ARG E 242 24.75 -12.28 -5.20
C ARG E 242 23.50 -12.06 -4.33
N ILE E 243 23.35 -12.81 -3.26
CA ILE E 243 22.24 -12.60 -2.35
C ILE E 243 22.57 -11.45 -1.40
N SER E 244 21.72 -10.44 -1.38
CA SER E 244 21.97 -9.26 -0.56
C SER E 244 20.64 -8.54 -0.33
N LEU E 245 20.64 -7.66 0.66
CA LEU E 245 19.49 -6.83 0.99
C LEU E 245 19.85 -5.37 0.89
N SER E 246 18.84 -4.53 0.68
CA SER E 246 19.07 -3.10 0.52
C SER E 246 19.61 -2.47 1.80
N GLN E 247 19.05 -2.84 2.94
CA GLN E 247 19.34 -2.17 4.20
C GLN E 247 19.87 -3.10 5.28
N PHE E 248 20.42 -4.26 4.94
CA PHE E 248 20.93 -5.20 5.92
C PHE E 248 22.18 -5.90 5.39
N LEU E 249 22.95 -6.47 6.31
CA LEU E 249 24.12 -7.28 6.00
C LEU E 249 23.87 -8.70 6.47
N ILE E 250 24.02 -9.67 5.56
CA ILE E 250 23.68 -11.06 5.82
C ILE E 250 24.96 -11.88 5.92
N GLN E 251 24.98 -12.77 6.89
CA GLN E 251 26.15 -13.61 7.11
C GLN E 251 25.84 -14.81 7.97
N GLU E 252 26.79 -15.75 8.06
CA GLU E 252 26.70 -16.88 8.97
C GLU E 252 25.51 -17.80 8.65
N PHE E 253 25.56 -18.41 7.47
CA PHE E 253 24.62 -19.44 7.08
C PHE E 253 25.10 -20.80 7.58
N HIS E 254 24.26 -21.50 8.33
CA HIS E 254 24.57 -22.85 8.78
C HIS E 254 23.29 -23.59 9.09
N THR E 255 23.41 -24.90 9.28
CA THR E 255 22.27 -25.80 9.41
C THR E 255 22.36 -26.60 10.70
N THR E 256 21.20 -26.90 11.29
CA THR E 256 21.10 -27.69 12.51
C THR E 256 19.88 -28.59 12.43
N THR E 257 19.76 -29.49 13.40
CA THR E 257 18.62 -30.40 13.53
C THR E 257 18.16 -30.43 14.97
N LYS E 258 16.89 -30.81 15.16
CA LYS E 258 16.31 -30.88 16.50
C LYS E 258 15.02 -31.68 16.44
N LEU E 259 14.72 -32.39 17.53
CA LEU E 259 13.48 -33.15 17.64
C LEU E 259 12.40 -32.30 18.29
N ALA E 260 11.17 -32.44 17.80
CA ALA E 260 10.02 -31.73 18.33
C ALA E 260 8.94 -32.73 18.70
N PHE E 261 8.17 -32.40 19.75
CA PHE E 261 7.17 -33.29 20.30
C PHE E 261 5.78 -32.67 20.18
N TYR E 262 4.83 -33.45 19.68
CA TYR E 262 3.42 -33.09 19.67
C TYR E 262 2.64 -34.13 20.47
N SER E 263 1.79 -33.67 21.38
CA SER E 263 1.05 -34.59 22.22
C SER E 263 0.02 -35.39 21.42
N SER E 264 -0.38 -34.90 20.25
CA SER E 264 -1.41 -35.57 19.47
C SER E 264 -0.89 -36.87 18.86
N THR E 265 0.30 -36.84 18.29
CA THR E 265 0.79 -38.03 17.58
C THR E 265 2.16 -38.51 18.07
N GLY E 266 3.08 -37.61 18.40
CA GLY E 266 4.39 -38.03 18.85
C GLY E 266 5.54 -37.18 18.37
N TRP E 267 6.73 -37.77 18.32
CA TRP E 267 7.95 -37.03 17.99
C TRP E 267 8.07 -36.82 16.48
N TYR E 268 8.69 -35.70 16.11
CA TYR E 268 8.95 -35.37 14.72
C TYR E 268 10.38 -34.86 14.59
N ASN E 269 10.93 -34.97 13.38
CA ASN E 269 12.24 -34.43 13.07
C ASN E 269 12.07 -33.06 12.40
N ARG E 270 12.94 -32.13 12.76
CA ARG E 270 12.89 -30.77 12.24
C ARG E 270 14.27 -30.35 11.76
N LEU E 271 14.31 -29.57 10.67
CA LEU E 271 15.54 -29.06 10.10
C LEU E 271 15.53 -27.54 10.12
N TYR E 272 16.72 -26.95 10.31
CA TYR E 272 16.85 -25.52 10.51
C TYR E 272 17.84 -24.92 9.52
N ILE E 273 17.60 -23.66 9.17
CA ILE E 273 18.51 -22.84 8.38
C ILE E 273 18.64 -21.50 9.09
N ASN E 274 19.85 -21.15 9.51
CA ASN E 274 20.07 -19.96 10.33
C ASN E 274 20.91 -18.93 9.60
N PHE E 275 20.61 -17.66 9.86
CA PHE E 275 21.41 -16.54 9.36
C PHE E 275 21.21 -15.35 10.27
N THR E 276 22.09 -14.35 10.12
CA THR E 276 22.12 -13.19 10.98
C THR E 276 22.13 -11.92 10.14
N LEU E 277 21.53 -10.85 10.69
CA LEU E 277 21.40 -9.57 10.00
C LEU E 277 22.02 -8.45 10.82
N ARG E 278 22.65 -7.50 10.13
CA ARG E 278 23.24 -6.33 10.76
C ARG E 278 22.94 -5.10 9.92
N ARG E 279 23.01 -3.93 10.55
CA ARG E 279 22.70 -2.67 9.91
C ARG E 279 23.97 -1.92 9.55
N HIS E 280 23.81 -0.77 8.89
CA HIS E 280 24.89 0.16 8.60
C HIS E 280 24.87 1.22 9.70
N ILE E 281 25.88 1.17 10.57
CA ILE E 281 25.90 2.03 11.75
C ILE E 281 26.03 3.50 11.37
N PHE E 282 26.93 3.80 10.42
CA PHE E 282 27.32 5.19 10.20
C PHE E 282 26.19 6.02 9.59
N PHE E 283 25.35 5.42 8.76
CA PHE E 283 24.23 6.16 8.19
C PHE E 283 23.31 6.69 9.28
N PHE E 284 22.92 5.83 10.22
CA PHE E 284 22.08 6.27 11.33
C PHE E 284 22.84 7.23 12.24
N LEU E 285 24.10 6.92 12.53
CA LEU E 285 24.94 7.77 13.35
C LEU E 285 24.90 9.21 12.86
N LEU E 286 25.35 9.45 11.62
CA LEU E 286 25.36 10.80 11.07
C LEU E 286 24.00 11.47 11.23
N GLN E 287 23.00 10.91 10.54
CA GLN E 287 21.67 11.51 10.43
C GLN E 287 21.06 11.85 11.77
N THR E 288 20.99 10.87 12.67
CA THR E 288 20.34 11.12 13.95
C THR E 288 21.23 11.92 14.89
N TYR E 289 22.41 11.38 15.22
CA TYR E 289 23.17 11.89 16.35
C TYR E 289 23.84 13.24 16.04
N PHE E 290 24.38 13.42 14.82
CA PHE E 290 25.20 14.60 14.57
C PHE E 290 24.43 15.90 14.78
N PRO E 291 23.23 16.09 14.22
CA PRO E 291 22.52 17.36 14.47
C PRO E 291 22.22 17.61 15.94
N ALA E 292 21.93 16.58 16.73
CA ALA E 292 21.62 16.78 18.14
C ALA E 292 22.82 17.36 18.88
N THR E 293 24.00 16.77 18.68
CA THR E 293 25.21 17.29 19.31
C THR E 293 25.51 18.70 18.84
N LEU E 294 25.35 18.96 17.53
CA LEU E 294 25.61 20.31 17.02
C LEU E 294 24.69 21.33 17.66
N MET E 295 23.40 21.00 17.80
CA MET E 295 22.45 21.95 18.39
C MET E 295 22.75 22.16 19.87
N VAL E 296 23.16 21.11 20.58
CA VAL E 296 23.50 21.26 21.99
C VAL E 296 24.69 22.21 22.14
N MET E 297 25.72 22.03 21.32
CA MET E 297 26.87 22.94 21.38
C MET E 297 26.47 24.37 21.02
N LEU E 298 25.60 24.52 20.02
CA LEU E 298 25.12 25.85 19.65
C LEU E 298 24.39 26.51 20.81
N SER E 299 23.60 25.74 21.57
CA SER E 299 22.95 26.30 22.74
C SER E 299 23.96 26.66 23.82
N TRP E 300 25.03 25.87 23.93
CA TRP E 300 26.10 26.22 24.87
C TRP E 300 26.74 27.55 24.52
N VAL E 301 26.79 27.88 23.23
CA VAL E 301 27.48 29.08 22.79
C VAL E 301 26.95 30.34 23.46
N SER E 302 25.66 30.37 23.80
CA SER E 302 25.03 31.60 24.26
C SER E 302 25.57 32.09 25.60
N PHE E 303 26.33 31.26 26.33
CA PHE E 303 26.87 31.67 27.62
C PHE E 303 27.97 32.71 27.51
N TRP E 304 28.55 32.92 26.33
CA TRP E 304 29.68 33.81 26.15
C TRP E 304 29.29 35.20 25.64
N ILE E 305 28.00 35.49 25.58
CA ILE E 305 27.52 36.78 25.08
C ILE E 305 27.11 37.63 26.27
N ASP E 306 27.39 38.93 26.19
CA ASP E 306 27.10 39.85 27.28
C ASP E 306 25.61 39.86 27.60
N ARG E 307 25.30 39.90 28.90
CA ARG E 307 23.90 39.83 29.33
C ARG E 307 23.12 41.07 28.94
N ARG E 308 23.79 42.22 28.81
CA ARG E 308 23.07 43.46 28.50
C ARG E 308 22.44 43.43 27.12
N ALA E 309 22.93 42.59 26.22
CA ALA E 309 22.32 42.43 24.90
C ALA E 309 21.13 41.48 25.03
N VAL E 310 20.11 41.95 25.75
CA VAL E 310 18.95 41.12 26.03
C VAL E 310 18.23 40.68 24.75
N PRO E 311 17.96 41.56 23.77
CA PRO E 311 17.42 41.06 22.50
C PRO E 311 18.51 40.53 21.58
N ALA E 312 19.45 39.76 22.13
CA ALA E 312 20.44 39.09 21.30
C ALA E 312 20.74 37.68 21.77
N ARG E 313 20.10 37.19 22.82
CA ARG E 313 20.31 35.84 23.34
C ARG E 313 19.03 35.04 23.42
N VAL E 314 17.90 35.70 23.68
CA VAL E 314 16.61 35.01 23.64
C VAL E 314 16.33 34.35 22.30
N PRO E 315 16.53 35.02 21.13
CA PRO E 315 16.26 34.35 19.86
C PRO E 315 17.06 33.07 19.66
N LEU E 316 18.33 33.06 20.06
CA LEU E 316 19.16 31.87 19.87
C LEU E 316 18.62 30.69 20.66
N GLY E 317 18.34 30.90 21.94
CA GLY E 317 17.80 29.85 22.79
C GLY E 317 16.45 29.37 22.32
N ILE E 318 15.58 30.30 21.90
CA ILE E 318 14.24 29.91 21.48
C ILE E 318 14.24 29.28 20.10
N THR E 319 15.27 29.51 19.29
CA THR E 319 15.36 28.93 17.96
C THR E 319 16.14 27.63 17.95
N THR E 320 16.85 27.30 19.03
CA THR E 320 17.42 25.96 19.15
C THR E 320 16.36 24.92 19.49
N VAL E 321 15.38 25.28 20.33
CA VAL E 321 14.33 24.34 20.70
C VAL E 321 13.50 23.95 19.50
N LEU E 322 13.15 24.92 18.65
CA LEU E 322 12.35 24.62 17.46
C LEU E 322 13.09 23.69 16.52
N THR E 323 14.38 23.92 16.30
CA THR E 323 15.17 23.05 15.44
C THR E 323 15.25 21.64 16.02
N MET E 324 15.46 21.53 17.33
CA MET E 324 15.51 20.22 17.96
C MET E 324 14.18 19.49 17.81
N SER E 325 13.07 20.21 17.99
CA SER E 325 11.75 19.61 17.86
C SER E 325 11.51 19.11 16.44
N THR E 326 11.88 19.91 15.44
CA THR E 326 11.70 19.49 14.06
C THR E 326 12.55 18.26 13.74
N ILE E 327 13.79 18.22 14.25
CA ILE E 327 14.64 17.06 14.03
C ILE E 327 14.02 15.82 14.65
N ILE E 328 13.52 15.94 15.88
CA ILE E 328 12.91 14.79 16.55
C ILE E 328 11.68 14.32 15.78
N THR E 329 10.85 15.25 15.32
CA THR E 329 9.66 14.87 14.56
C THR E 329 10.03 14.15 13.27
N GLY E 330 11.04 14.65 12.56
CA GLY E 330 11.47 13.98 11.34
C GLY E 330 12.00 12.58 11.61
N VAL E 331 12.81 12.44 12.66
CA VAL E 331 13.35 11.13 13.00
C VAL E 331 12.23 10.15 13.33
N ASN E 332 11.25 10.59 14.12
CA ASN E 332 10.12 9.74 14.45
C ASN E 332 9.35 9.35 13.21
N ALA E 333 9.19 10.29 12.27
CA ALA E 333 8.46 10.00 11.04
C ALA E 333 9.18 8.95 10.20
N SER E 334 10.51 9.06 10.11
CA SER E 334 11.24 8.18 9.19
C SER E 334 11.38 6.76 9.73
N MET E 335 11.46 6.60 11.06
CA MET E 335 11.70 5.29 11.65
C MET E 335 10.46 4.40 11.49
N PRO E 336 10.64 3.07 11.54
CA PRO E 336 9.49 2.18 11.52
C PRO E 336 8.62 2.36 12.75
N ARG E 337 7.33 2.11 12.59
CA ARG E 337 6.34 2.33 13.63
C ARG E 337 6.36 1.20 14.67
N VAL E 338 7.45 1.13 15.41
CA VAL E 338 7.58 0.23 16.55
C VAL E 338 7.28 1.02 17.81
N SER E 339 6.25 0.61 18.54
CA SER E 339 5.69 1.42 19.62
C SER E 339 6.23 0.98 20.99
N TYR E 340 7.54 1.15 21.18
CA TYR E 340 8.14 1.10 22.50
C TYR E 340 9.49 1.79 22.45
N ILE E 341 10.04 2.09 23.62
CA ILE E 341 11.22 2.93 23.72
C ILE E 341 12.44 2.18 23.18
N LYS E 342 13.18 2.83 22.30
CA LYS E 342 14.39 2.30 21.71
C LYS E 342 15.60 3.08 22.23
N ALA E 343 16.79 2.62 21.84
CA ALA E 343 18.01 3.28 22.31
C ALA E 343 18.18 4.65 21.67
N VAL E 344 17.64 4.85 20.48
CA VAL E 344 17.75 6.15 19.82
C VAL E 344 16.90 7.19 20.54
N ASP E 345 15.72 6.79 21.05
CA ASP E 345 14.81 7.74 21.67
C ASP E 345 15.40 8.33 22.94
N ILE E 346 16.19 7.53 23.67
CA ILE E 346 16.77 8.01 24.93
C ILE E 346 17.71 9.20 24.66
N TYR E 347 18.54 9.09 23.63
CA TYR E 347 19.54 10.11 23.36
C TYR E 347 18.88 11.43 22.96
N LEU E 348 17.85 11.36 22.11
CA LEU E 348 17.25 12.59 21.58
C LEU E 348 16.50 13.36 22.67
N TRP E 349 15.77 12.65 23.53
CA TRP E 349 14.99 13.33 24.55
C TRP E 349 15.84 13.85 25.70
N VAL E 350 16.98 13.21 25.97
CA VAL E 350 17.90 13.76 26.98
C VAL E 350 18.55 15.04 26.45
N SER E 351 18.92 15.06 25.18
CA SER E 351 19.48 16.26 24.58
C SER E 351 18.47 17.40 24.58
N PHE E 352 17.19 17.09 24.33
CA PHE E 352 16.15 18.11 24.33
C PHE E 352 16.04 18.78 25.70
N VAL E 353 16.30 18.02 26.77
CA VAL E 353 16.26 18.61 28.11
C VAL E 353 17.41 19.59 28.30
N PHE E 354 18.58 19.27 27.76
CA PHE E 354 19.74 20.16 27.89
C PHE E 354 19.48 21.50 27.21
N VAL E 355 18.83 21.49 26.05
CA VAL E 355 18.49 22.73 25.37
C VAL E 355 17.45 23.51 26.17
N PHE E 356 16.49 22.81 26.77
CA PHE E 356 15.45 23.47 27.54
C PHE E 356 16.01 24.17 28.77
N LEU E 357 16.97 23.54 29.45
CA LEU E 357 17.52 24.12 30.68
C LEU E 357 18.35 25.36 30.39
N SER E 358 18.93 25.48 29.20
CA SER E 358 19.73 26.65 28.88
C SER E 358 18.88 27.91 28.82
N VAL E 359 17.62 27.76 28.39
CA VAL E 359 16.72 28.91 28.35
C VAL E 359 16.37 29.38 29.77
N LEU E 360 16.07 28.43 30.65
CA LEU E 360 15.74 28.79 32.03
C LEU E 360 16.92 29.43 32.75
N GLU E 361 18.14 28.99 32.43
CA GLU E 361 19.32 29.55 33.07
C GLU E 361 19.43 31.05 32.80
N TYR E 362 19.13 31.47 31.57
CA TYR E 362 19.17 32.89 31.26
C TYR E 362 18.07 33.67 31.98
N ALA E 363 16.94 33.02 32.26
CA ALA E 363 15.86 33.70 32.96
C ALA E 363 16.28 34.10 34.37
N ALA E 364 17.01 33.22 35.05
CA ALA E 364 17.47 33.53 36.40
C ALA E 364 18.47 34.68 36.38
N VAL E 365 19.36 34.71 35.38
CA VAL E 365 20.36 35.78 35.28
C VAL E 365 19.66 37.13 35.09
N ASN E 366 18.68 37.16 34.19
CA ASN E 366 18.00 38.43 33.89
C ASN E 366 17.17 38.90 35.07
N TYR E 367 16.54 37.97 35.78
CA TYR E 367 15.70 38.35 36.92
C TYR E 367 16.52 38.94 38.07
N LEU E 368 17.61 38.26 38.43
CA LEU E 368 18.42 38.72 39.55
C LEU E 368 19.07 40.07 39.25
N THR E 369 19.49 40.27 38.00
CA THR E 369 20.09 41.55 37.61
C THR E 369 19.10 42.70 37.81
N THR E 370 17.85 42.48 37.42
CA THR E 370 16.83 43.51 37.57
C THR E 370 16.56 43.81 39.04
N VAL E 371 16.65 42.78 39.90
CA VAL E 371 16.42 42.97 41.33
C VAL E 371 17.46 43.93 41.90
N GLN E 372 18.72 43.75 41.52
CA GLN E 372 19.77 44.62 42.02
C GLN E 372 19.57 46.07 41.60
N GLU E 373 19.17 46.28 40.34
CA GLU E 373 18.96 47.64 39.86
C GLU E 373 17.87 48.35 40.64
N ARG E 374 16.75 47.67 40.90
CA ARG E 374 15.68 48.27 41.68
C ARG E 374 16.12 48.52 43.12
N LYS E 375 16.79 47.53 43.73
CA LYS E 375 17.18 47.65 45.13
C LYS E 375 18.20 48.77 45.33
N GLU E 376 19.21 48.83 44.46
CA GLU E 376 20.25 49.85 44.60
C GLU E 376 19.69 51.25 44.32
N GLN E 377 18.74 51.35 43.40
CA GLN E 377 18.15 52.64 43.06
C GLN E 377 17.31 53.17 44.21
N ASP E 451 29.89 43.47 34.35
CA ASP E 451 30.65 42.26 34.69
C ASP E 451 29.88 41.01 34.31
N THR E 452 30.41 39.86 34.72
CA THR E 452 29.79 38.56 34.42
C THR E 452 29.20 37.98 35.69
N HIS E 453 27.93 37.57 35.63
CA HIS E 453 27.28 36.97 36.78
C HIS E 453 27.88 35.60 37.06
N ALA E 454 27.85 35.20 38.34
CA ALA E 454 28.45 33.93 38.73
C ALA E 454 27.76 32.74 38.08
N ILE E 455 26.47 32.89 37.75
CA ILE E 455 25.72 31.78 37.16
C ILE E 455 26.33 31.39 35.81
N ASP E 456 26.66 32.38 34.97
CA ASP E 456 27.30 32.07 33.70
C ASP E 456 28.66 31.41 33.90
N LYS E 457 29.44 31.91 34.87
CA LYS E 457 30.76 31.34 35.12
C LYS E 457 30.66 29.88 35.51
N TYR E 458 29.70 29.53 36.36
CA TYR E 458 29.56 28.13 36.76
C TYR E 458 28.97 27.29 35.64
N SER E 459 28.04 27.86 34.85
CA SER E 459 27.42 27.10 33.77
C SER E 459 28.44 26.71 32.70
N ARG E 460 29.35 27.62 32.37
CA ARG E 460 30.34 27.36 31.32
C ARG E 460 31.12 26.08 31.61
N ILE E 461 31.30 25.73 32.87
CA ILE E 461 32.03 24.51 33.23
C ILE E 461 31.08 23.36 33.49
N ILE E 462 29.92 23.63 34.09
CA ILE E 462 29.03 22.55 34.50
C ILE E 462 28.39 21.86 33.30
N PHE E 463 27.91 22.63 32.32
CA PHE E 463 27.15 22.02 31.23
C PHE E 463 27.98 21.06 30.39
N PRO E 464 29.16 21.43 29.85
CA PRO E 464 29.92 20.47 29.04
C PRO E 464 30.33 19.23 29.80
N ALA E 465 30.68 19.37 31.09
CA ALA E 465 31.07 18.20 31.87
C ALA E 465 29.90 17.24 32.04
N ALA E 466 28.71 17.77 32.30
CA ALA E 466 27.53 16.93 32.42
C ALA E 466 27.24 16.21 31.12
N TYR E 467 27.34 16.90 29.99
CA TYR E 467 27.07 16.25 28.71
C TYR E 467 28.10 15.17 28.42
N ILE E 468 29.38 15.41 28.73
CA ILE E 468 30.41 14.41 28.50
C ILE E 468 30.17 13.19 29.37
N LEU E 469 29.79 13.39 30.63
CA LEU E 469 29.50 12.27 31.51
C LEU E 469 28.31 11.46 30.97
N PHE E 470 27.27 12.14 30.51
CA PHE E 470 26.12 11.44 29.93
C PHE E 470 26.53 10.63 28.71
N ASN E 471 27.36 11.21 27.84
CA ASN E 471 27.80 10.48 26.66
C ASN E 471 28.61 9.25 27.05
N LEU E 472 29.50 9.38 28.02
CA LEU E 472 30.31 8.25 28.45
C LEU E 472 29.43 7.12 28.98
N ILE E 473 28.46 7.46 29.85
CA ILE E 473 27.59 6.44 30.41
C ILE E 473 26.76 5.78 29.31
N TYR E 474 26.20 6.59 28.41
CA TYR E 474 25.32 6.07 27.36
C TYR E 474 26.07 5.11 26.43
N TRP E 475 27.28 5.49 26.02
CA TRP E 475 28.03 4.62 25.14
C TRP E 475 28.70 3.47 25.87
N SER E 476 28.80 3.53 27.20
CA SER E 476 29.24 2.36 27.95
C SER E 476 28.13 1.33 28.06
N ILE E 477 26.89 1.76 28.28
CA ILE E 477 25.80 0.82 28.46
C ILE E 477 25.44 0.14 27.14
N PHE E 478 25.29 0.93 26.07
CA PHE E 478 24.86 0.40 24.78
C PHE E 478 26.02 0.01 23.87
N SER E 479 27.24 0.08 24.37
CA SER E 479 28.43 -0.33 23.62
C SER E 479 28.61 0.41 22.30
C1 NAG F . -4.68 -54.58 20.97
C2 NAG F . -6.08 -54.82 21.54
C3 NAG F . -6.27 -56.31 21.85
C4 NAG F . -5.96 -57.15 20.63
C5 NAG F . -4.56 -56.81 20.10
C6 NAG F . -4.22 -57.54 18.81
C7 NAG F . -6.96 -52.86 22.71
C8 NAG F . -7.10 -52.16 24.03
N2 NAG F . -6.30 -54.03 22.73
O3 NAG F . -7.61 -56.54 22.26
O4 NAG F . -6.00 -58.54 20.96
O5 NAG F . -4.48 -55.41 19.82
O6 NAG F . -2.84 -57.46 18.52
O7 NAG F . -7.41 -52.38 21.68
C1 NAG G . -12.27 -21.69 31.20
C2 NAG G . -13.60 -21.59 31.93
C3 NAG G . -14.01 -20.12 32.06
C4 NAG G . -12.90 -19.31 32.71
C5 NAG G . -11.59 -19.51 31.95
C6 NAG G . -10.42 -18.84 32.61
C7 NAG G . -14.89 -23.63 31.55
C8 NAG G . -16.00 -24.27 30.75
N2 NAG G . -14.63 -22.35 31.26
O3 NAG G . -15.20 -20.04 32.86
O4 NAG G . -13.24 -17.92 32.69
O5 NAG G . -11.27 -20.91 31.88
O6 NAG G . -10.80 -17.59 33.19
O7 NAG G . -14.28 -24.25 32.42
C1 OCT H . 1.45 11.84 35.62
C2 OCT H . 0.53 10.73 36.10
C3 OCT H . 0.67 9.52 35.18
C4 OCT H . -0.28 8.41 35.64
C5 OCT H . -0.15 7.21 34.71
C6 OCT H . -1.05 6.07 35.20
C7 OCT H . -0.91 4.88 34.26
C8 OCT H . -1.73 3.72 34.80
C1 D10 I . 5.39 33.01 43.77
C2 D10 I . 5.46 31.88 42.74
C3 D10 I . 4.72 30.65 43.28
C4 D10 I . 4.89 29.49 42.31
C5 D10 I . 4.00 28.33 42.76
C6 D10 I . 2.55 28.81 42.78
C7 D10 I . 1.75 27.91 43.74
C8 D10 I . 1.68 26.50 43.19
C9 D10 I . 0.70 25.68 44.03
C10 D10 I . -0.70 26.27 43.88
C1 D10 J . 9.89 6.91 30.75
C2 D10 J . 8.88 7.75 31.52
C3 D10 J . 8.77 9.14 30.90
C4 D10 J . 7.82 10.00 31.72
C5 D10 J . 7.80 11.42 31.16
C6 D10 J . 7.00 12.33 32.09
C7 D10 J . 5.52 12.33 31.69
C8 D10 J . 4.76 13.32 32.54
C9 D10 J . 3.32 13.42 32.05
C10 D10 J . 2.55 14.40 32.94
C1 D12 K . -11.15 23.92 24.15
C2 D12 K . -11.30 22.56 24.82
C3 D12 K . -12.46 21.80 24.17
C4 D12 K . -12.64 20.46 24.87
C5 D12 K . -13.87 19.75 24.28
C6 D12 K . -14.14 18.47 25.07
C7 D12 K . -15.35 17.75 24.45
C8 D12 K . -15.47 16.35 25.06
C9 D12 K . -16.51 15.56 24.28
C10 D12 K . -16.54 14.12 24.78
C11 D12 K . -17.58 13.33 24.00
C12 D12 K . -17.64 11.90 24.53
C1 OCT L . -11.42 20.34 32.65
C2 OCT L . -11.60 18.83 32.65
C3 OCT L . -12.06 18.36 31.28
C4 OCT L . -12.29 16.84 31.30
C5 OCT L . -12.98 16.43 30.00
C6 OCT L . -13.54 15.02 30.15
C7 OCT L . -14.50 14.73 29.00
C8 OCT L . -15.16 13.37 29.20
C1 OCT M . -5.79 37.21 29.74
C2 OCT M . -6.28 38.63 29.55
C3 OCT M . -6.31 39.34 30.91
C4 OCT M . -6.88 40.74 30.75
C5 OCT M . -7.17 41.31 32.13
C6 OCT M . -7.67 42.76 32.00
C7 OCT M . -7.99 43.32 33.38
C8 OCT M . -8.20 44.83 33.28
C1 HEX N . -5.40 35.69 34.47
C2 HEX N . -5.04 37.15 34.75
C3 HEX N . -5.65 37.57 36.08
C4 HEX N . -5.51 39.08 36.24
C5 HEX N . -6.34 39.55 37.45
C6 HEX N . -6.34 41.07 37.51
C1 D12 O . 2.94 21.12 36.34
C2 D12 O . 2.44 19.71 36.03
C3 D12 O . 1.86 19.09 37.30
C4 D12 O . 1.47 17.64 37.02
C5 D12 O . 0.80 17.06 38.26
C6 D12 O . 0.37 15.61 38.00
C7 D12 O . -0.63 15.19 39.06
C8 D12 O . -0.96 13.71 38.89
C9 D12 O . -2.11 13.33 39.82
C10 D12 O . -2.44 11.86 39.64
C11 D12 O . -3.72 11.52 40.40
C12 D12 O . -4.00 10.02 40.30
C1 HEX P . -6.16 42.64 23.16
C2 HEX P . -5.93 43.82 24.10
C3 HEX P . -7.26 44.21 24.74
C4 HEX P . -7.04 45.37 25.72
C5 HEX P . -8.36 45.69 26.42
C6 HEX P . -8.13 46.78 27.47
C1 NAG Q . -46.91 -34.33 7.89
C2 NAG Q . -47.99 -34.02 6.86
C3 NAG Q . -49.09 -35.08 6.91
C4 NAG Q . -48.50 -36.47 6.76
C5 NAG Q . -47.40 -36.69 7.79
C6 NAG Q . -46.68 -38.01 7.64
C7 NAG Q . -48.15 -31.62 6.41
C8 NAG Q . -48.82 -30.33 6.76
N2 NAG Q . -48.54 -32.69 7.08
O3 NAG Q . -50.03 -34.83 5.87
O4 NAG Q . -49.51 -37.45 6.95
O5 NAG Q . -46.40 -35.66 7.67
O6 NAG Q . -45.91 -38.32 8.78
O7 NAG Q . -47.28 -31.67 5.54
C1 NAG R . -39.81 -0.16 2.88
C2 NAG R . -40.81 0.53 1.96
C3 NAG R . -40.28 1.90 1.53
C4 NAG R . -39.91 2.72 2.75
C5 NAG R . -38.95 1.95 3.65
C6 NAG R . -38.65 2.67 4.94
C7 NAG R . -42.11 -1.17 0.76
C8 NAG R . -42.26 -1.94 -0.52
N2 NAG R . -41.10 -0.29 0.80
O3 NAG R . -41.28 2.57 0.77
O4 NAG R . -39.28 3.94 2.34
O5 NAG R . -39.54 0.69 4.01
O6 NAG R . -38.56 4.07 4.76
O7 NAG R . -42.86 -1.33 1.72
C1 OCT S . -19.41 27.82 14.58
C2 OCT S . -20.86 27.35 14.44
C3 OCT S . -20.89 25.95 13.83
C4 OCT S . -22.32 25.43 13.78
C5 OCT S . -22.33 24.03 13.20
C6 OCT S . -23.71 23.40 13.36
C7 OCT S . -23.72 22.02 12.69
C8 OCT S . -25.07 21.36 12.91
C1 OCT T . -9.38 34.31 -2.85
C2 OCT T . -9.94 33.62 -1.61
C3 OCT T . -10.56 32.28 -2.00
C4 OCT T . -11.88 32.54 -2.73
C5 OCT T . -12.45 31.20 -3.21
C6 OCT T . -13.79 31.44 -3.90
C7 OCT T . -14.26 30.15 -4.56
C8 OCT T . -15.61 30.39 -5.23
C1 HEX U . -18.27 32.52 1.06
C2 HEX U . -18.76 32.35 -0.38
C3 HEX U . -18.62 30.89 -0.80
C4 HEX U . -19.37 30.67 -2.11
C5 HEX U . -19.49 29.17 -2.37
C6 HEX U . -20.51 28.94 -3.50
C1 HEX V . -4.30 54.23 2.93
C2 HEX V . -4.82 53.01 3.69
C3 HEX V . -4.15 51.74 3.16
C4 HEX V . -4.74 50.53 3.87
C5 HEX V . -4.13 49.26 3.27
C6 HEX V . -4.80 48.04 3.92
C1 OCT W . -19.42 33.60 14.77
C2 OCT W . -20.93 33.63 14.58
C3 OCT W . -21.44 32.23 14.21
C4 OCT W . -22.93 32.30 13.91
C5 OCT W . -23.40 30.96 13.36
C6 OCT W . -24.84 31.11 12.84
C7 OCT W . -25.26 29.84 12.11
C8 OCT W . -26.65 30.03 11.52
C8 A8W X . 12.73 35.07 15.58
C5 A8W X . 13.73 37.58 16.58
C6 A8W X . 13.57 36.58 17.43
C2 A8W X . 13.27 40.12 15.26
C4 A8W X . 14.50 38.81 16.99
O A8W X . 9.64 32.39 11.72
C1 A8W X . 12.41 38.89 14.93
C10 A8W X . 13.19 37.58 15.17
C11 A8W X . 11.75 36.21 13.51
C12 A8W X . 10.81 35.03 13.30
C13 A8W X . 11.40 33.72 13.84
C14 A8W X . 11.73 33.95 15.33
C15 A8W X . 12.00 32.54 15.86
C16 A8W X . 11.08 31.61 15.04
C17 A8W X . 10.43 32.52 13.97
C18 A8W X . 12.66 33.31 13.03
C19 A8W X . 14.37 37.50 14.19
C20 A8W X . 10.13 31.80 12.66
C3 A8W X . 13.71 40.07 16.71
C7 A8W X . 12.97 35.25 17.07
C9 A8W X . 12.20 36.39 14.98
O1 A8W X . 14.61 41.23 16.93
O2 A8W X . 13.47 42.96 18.17
O3 A8W X . 14.51 41.01 19.35
O4 A8W X . 15.79 42.74 18.37
S A8W X . 14.50 41.98 18.30
C21 A8W X . 10.45 30.34 12.59
CL CL Y . 15.91 46.77 18.95
C1 HEX Z . 0.40 55.43 0.26
C2 HEX Z . 0.24 53.94 0.55
C3 HEX Z . 1.62 53.27 0.61
C4 HEX Z . 1.45 51.77 0.85
C5 HEX Z . 2.82 51.10 0.85
C6 HEX Z . 2.66 49.59 0.95
C1 NAG AA . -41.86 -17.05 -37.43
C2 NAG AA . -41.31 -17.13 -38.85
C3 NAG AA . -42.33 -17.81 -39.77
C4 NAG AA . -42.74 -19.16 -39.20
C5 NAG AA . -43.23 -18.99 -37.77
C6 NAG AA . -43.56 -20.30 -37.09
C7 NAG AA . -39.73 -15.32 -39.34
C8 NAG AA . -39.56 -13.95 -39.91
N2 NAG AA . -40.97 -15.81 -39.36
O3 NAG AA . -41.75 -17.99 -41.06
O4 NAG AA . -43.78 -19.72 -40.00
O5 NAG AA . -42.22 -18.36 -36.97
O6 NAG AA . -44.31 -20.10 -35.90
O7 NAG AA . -38.78 -15.96 -38.89
C1 NAG BA . -17.07 7.94 -35.22
C2 NAG BA . -16.37 8.21 -36.55
C3 NAG BA . -15.11 9.04 -36.33
C4 NAG BA . -15.45 10.31 -35.56
C5 NAG BA . -16.20 9.96 -34.28
C6 NAG BA . -16.68 11.19 -33.53
C7 NAG BA . -16.86 6.36 -38.10
C8 NAG BA . -16.36 5.09 -38.70
N2 NAG BA . -16.03 6.96 -37.22
O3 NAG BA . -14.55 9.39 -37.59
O4 NAG BA . -14.27 11.02 -35.23
O5 NAG BA . -17.37 9.18 -34.57
O6 NAG BA . -15.75 12.25 -33.62
O7 NAG BA . -17.95 6.84 -38.39
C1 OCT CA . -3.68 35.28 -13.75
C2 OCT CA . -3.26 34.15 -14.67
C3 OCT CA . -4.25 33.01 -14.59
C4 OCT CA . -4.10 32.10 -15.80
C5 OCT CA . -5.30 31.17 -15.90
C6 OCT CA . -5.30 30.48 -17.27
C7 OCT CA . -6.59 29.70 -17.44
C8 OCT CA . -6.58 28.98 -18.79
C1 OCT DA . 10.64 24.60 -22.38
C2 OCT DA . 11.31 25.56 -21.42
C3 OCT DA . 10.34 26.68 -21.04
C4 OCT DA . 11.08 27.76 -20.26
C5 OCT DA . 10.12 28.90 -19.95
C6 OCT DA . 10.89 30.07 -19.35
C7 OCT DA . 9.94 31.23 -19.08
C8 OCT DA . 10.73 32.46 -18.66
C1 D10 EA . -10.80 31.11 -8.18
C2 D10 EA . -9.43 30.80 -7.61
C3 D10 EA . -8.49 31.99 -7.83
C4 D10 EA . -7.16 31.72 -7.13
C5 D10 EA . -6.22 32.89 -7.34
C6 D10 EA . -5.67 32.86 -8.77
C7 D10 EA . -4.37 33.67 -8.83
C8 D10 EA . -3.85 33.68 -10.27
C9 D10 EA . -2.55 34.48 -10.32
C10 D10 EA . -1.36 33.54 -10.13
C1 HEX FA . 14.36 25.22 -17.43
C2 HEX FA . 15.18 26.25 -16.64
C3 HEX FA . 14.56 26.46 -15.27
C4 HEX FA . 15.37 27.51 -14.50
C5 HEX FA . 14.72 27.77 -13.14
C6 HEX FA . 15.57 28.76 -12.37
C1 OCT GA . 25.70 48.84 -7.45
C2 OCT GA . 24.89 48.12 -6.37
C3 OCT GA . 24.05 47.03 -7.02
C4 OCT GA . 23.12 46.42 -5.97
C5 OCT GA . 22.41 45.21 -6.55
C6 OCT GA . 21.57 44.53 -5.47
C7 OCT GA . 21.17 43.13 -5.92
C8 OCT GA . 20.19 43.24 -7.09
C1 OCT HA . -1.77 38.35 -15.81
C2 OCT HA . -1.50 38.29 -17.31
C3 OCT HA . -2.26 37.12 -17.91
C4 OCT HA . -1.94 37.03 -19.41
C5 OCT HA . -2.65 35.82 -20.00
C6 OCT HA . -2.32 35.71 -21.49
C7 OCT HA . -3.06 34.53 -22.10
C8 OCT HA . -2.72 34.42 -23.58
C1 HEX IA . 21.95 51.63 -9.33
C2 HEX IA . 20.55 51.09 -9.02
C3 HEX IA . 20.59 49.56 -9.02
C4 HEX IA . 19.18 49.02 -8.72
C5 HEX IA . 19.20 47.50 -8.80
C6 HEX IA . 17.79 46.97 -8.58
C1 OCT JA . 30.16 47.81 -4.47
C2 OCT JA . 29.13 47.10 -3.60
C3 OCT JA . 29.71 45.76 -3.14
C4 OCT JA . 28.74 45.11 -2.15
C5 OCT JA . 29.37 43.84 -1.58
C6 OCT JA . 28.49 43.27 -0.48
C7 OCT JA . 27.18 42.76 -1.09
C8 OCT JA . 26.35 42.10 0.00
C1 NAG KA . 3.42 -26.64 -52.13
C2 NAG KA . 4.66 -27.54 -52.20
C3 NAG KA . 4.60 -28.42 -53.45
C4 NAG KA . 3.29 -29.18 -53.50
C5 NAG KA . 2.11 -28.21 -53.38
C6 NAG KA . 0.77 -28.92 -53.32
C7 NAG KA . 6.59 -26.53 -51.08
C8 NAG KA . 7.82 -25.68 -51.25
N2 NAG KA . 5.87 -26.74 -52.18
O3 NAG KA . 5.70 -29.32 -53.44
O4 NAG KA . 3.19 -29.89 -54.74
O5 NAG KA . 2.23 -27.45 -52.18
O6 NAG KA . -0.30 -28.02 -53.53
O7 NAG KA . 6.27 -26.98 -49.99
C1 NAG LA . 24.49 -8.59 -30.35
C2 NAG LA . 25.89 -9.17 -30.26
C3 NAG LA . 26.64 -8.56 -29.09
C4 NAG LA . 26.61 -7.04 -29.17
C5 NAG LA . 25.17 -6.55 -29.30
C6 NAG LA . 25.08 -5.06 -29.52
C7 NAG LA . 25.90 -11.43 -31.21
C8 NAG LA . 25.85 -12.91 -30.91
N2 NAG LA . 25.86 -10.62 -30.16
O3 NAG LA . 28.00 -9.02 -29.11
O4 NAG LA . 27.19 -6.48 -28.00
O5 NAG LA . 24.55 -7.18 -30.44
O6 NAG LA . 26.08 -4.36 -28.79
O7 NAG LA . 25.96 -11.01 -32.36
C1 OCT MA . 26.05 23.79 -9.25
C2 OCT MA . 27.23 23.08 -9.89
C3 OCT MA . 26.80 22.39 -11.18
C4 OCT MA . 27.95 21.57 -11.75
C5 OCT MA . 27.47 20.83 -12.99
C6 OCT MA . 27.94 19.37 -12.92
C7 OCT MA . 27.24 18.56 -14.01
C8 OCT MA . 27.61 17.09 -13.88
C1 HEX NA . 38.77 41.87 -0.65
C2 HEX NA . 37.46 42.50 -1.11
C3 HEX NA . 36.87 41.70 -2.25
C4 HEX NA . 36.52 40.29 -1.76
C5 HEX NA . 36.10 39.42 -2.95
C6 HEX NA . 36.00 37.96 -2.51
C1 HEX OA . 34.27 8.47 -0.66
C2 HEX OA . 34.77 9.77 -1.28
C3 HEX OA . 34.39 10.95 -0.39
C4 HEX OA . 34.86 12.25 -1.03
C5 HEX OA . 34.50 13.43 -0.13
C6 HEX OA . 35.05 14.72 -0.73
C1 HEX PA . 31.83 10.31 4.32
C2 HEX PA . 32.28 11.55 5.10
C3 HEX PA . 31.09 12.49 5.32
C4 HEX PA . 31.55 13.69 6.13
C5 HEX PA . 30.37 14.64 6.35
C6 HEX PA . 30.80 15.76 7.30
C1 D12 QA . 43.17 35.99 13.34
C2 D12 QA . 42.33 35.64 12.13
C3 D12 QA . 41.78 34.22 12.26
C4 D12 QA . 40.84 33.92 11.10
C5 D12 QA . 40.19 32.55 11.31
C6 D12 QA . 39.12 32.32 10.26
C7 D12 QA . 38.51 30.93 10.46
C8 D12 QA . 37.55 30.62 9.31
C9 D12 QA . 37.17 29.15 9.36
C10 D12 QA . 36.56 28.73 8.02
C11 D12 QA . 36.37 27.22 8.00
C12 D12 QA . 35.83 26.78 6.64
C1 HEX RA . 39.66 31.88 17.17
C2 HEX RA . 38.91 31.82 15.85
C3 HEX RA . 37.61 31.04 16.02
C4 HEX RA . 36.92 30.88 14.67
C5 HEX RA . 35.75 29.91 14.80
C6 HEX RA . 35.31 29.46 13.41
C1 D10 SA . 34.58 18.95 -13.47
C2 D10 SA . 34.87 20.27 -12.74
C3 D10 SA . 33.56 20.98 -12.44
C4 D10 SA . 33.86 22.29 -11.70
C5 D10 SA . 32.56 22.96 -11.29
C6 D10 SA . 32.86 24.17 -10.42
C7 D10 SA . 31.56 24.84 -10.02
C8 D10 SA . 31.84 25.94 -8.98
C9 D10 SA . 30.52 26.50 -8.46
C10 D10 SA . 30.78 27.41 -7.27
C1 D10 TA . 37.86 32.76 22.21
C2 D10 TA . 36.74 31.93 22.85
C3 D10 TA . 35.52 31.95 21.95
C4 D10 TA . 34.40 31.10 22.56
C5 D10 TA . 33.18 31.14 21.65
C6 D10 TA . 32.11 30.20 22.20
C7 D10 TA . 32.56 28.75 22.04
C8 D10 TA . 31.51 27.81 22.63
C9 D10 TA . 32.02 26.38 22.60
C10 D10 TA . 31.82 25.72 23.97
C1 NAG UA . 26.39 -49.79 -16.12
C2 NAG UA . 26.42 -50.79 -14.97
C3 NAG UA . 26.88 -52.16 -15.45
C4 NAG UA . 26.02 -52.62 -16.62
C5 NAG UA . 26.00 -51.55 -17.72
C6 NAG UA . 25.07 -51.89 -18.86
C7 NAG UA . 26.85 -49.67 -12.82
C8 NAG UA . 27.88 -49.26 -11.82
N2 NAG UA . 27.30 -50.31 -13.90
O3 NAG UA . 26.80 -53.10 -14.39
O4 NAG UA . 26.54 -53.83 -17.17
O5 NAG UA . 25.55 -50.31 -17.17
O6 NAG UA . 25.32 -51.06 -19.99
O7 NAG UA . 25.65 -49.45 -12.64
C1 NAG VA . 27.47 -26.89 10.67
C2 NAG VA . 27.62 -27.57 12.02
C3 NAG VA . 27.35 -26.56 13.14
C4 NAG VA . 28.21 -25.33 12.98
C5 NAG VA . 28.05 -24.74 11.58
C6 NAG VA . 28.97 -23.58 11.31
C7 NAG VA . 27.13 -29.95 11.80
C8 NAG VA . 26.10 -31.03 11.98
N2 NAG VA . 26.75 -28.72 12.13
O3 NAG VA . 27.62 -27.18 14.40
O4 NAG VA . 27.84 -24.34 13.94
O5 NAG VA . 28.33 -25.75 10.59
O6 NAG VA . 29.15 -22.79 12.47
O7 NAG VA . 28.25 -30.20 11.37
C1 OCT WA . 29.57 9.79 18.65
C2 OCT WA . 30.66 8.82 19.07
C3 OCT WA . 30.73 7.68 18.06
C4 OCT WA . 30.80 6.34 18.80
C5 OCT WA . 30.71 5.20 17.79
C6 OCT WA . 30.67 3.86 18.52
C7 OCT WA . 30.58 2.74 17.49
C8 OCT WA . 30.61 1.38 18.21
C1 HEX XA . 12.18 31.97 36.66
C2 HEX XA . 13.31 32.46 37.56
C3 HEX XA . 12.90 32.31 39.02
C4 HEX XA . 14.08 32.72 39.91
C5 HEX XA . 13.68 32.53 41.37
C6 HEX XA . 14.85 32.92 42.27
C1 D10 YA . 36.87 28.90 31.20
C2 D10 YA . 36.65 28.33 29.79
C3 D10 YA . 36.80 26.81 29.81
C4 D10 YA . 36.42 26.25 28.44
C5 D10 YA . 36.75 24.76 28.38
C6 D10 YA . 35.93 24.00 29.43
C7 D10 YA . 36.22 22.51 29.30
C8 D10 YA . 35.48 21.74 30.39
C9 D10 YA . 35.71 20.25 30.20
C10 D10 YA . 35.03 19.47 31.32
C1 OCT ZA . 14.21 3.86 30.18
C2 OCT ZA . 14.77 5.20 30.64
C3 OCT ZA . 14.07 6.33 29.89
C4 OCT ZA . 14.60 7.67 30.39
C5 OCT ZA . 13.89 8.80 29.66
C6 OCT ZA . 14.37 10.15 30.20
C7 OCT ZA . 13.68 11.28 29.46
C8 OCT ZA . 14.12 12.62 30.04
C1 D10 AB . 22.32 9.94 32.78
C2 D10 AB . 21.13 9.10 32.35
C3 D10 AB . 21.60 7.72 31.88
C4 D10 AB . 20.41 6.94 31.33
C5 D10 AB . 20.85 5.56 30.86
C6 D10 AB . 19.63 4.80 30.36
C7 D10 AB . 19.90 3.29 30.40
C8 D10 AB . 18.58 2.55 30.24
C9 D10 AB . 18.80 1.05 30.44
C10 D10 AB . 17.49 0.31 30.29
C1 HEX BB . 18.25 26.00 35.66
C2 HEX BB . 19.17 26.89 36.50
C3 HEX BB . 18.33 27.59 37.58
C4 HEX BB . 19.26 28.40 38.48
C5 HEX BB . 18.45 29.09 39.58
C6 HEX BB . 19.39 29.81 40.54
C1 OCT CB . 32.59 11.59 23.34
C2 OCT CB . 32.66 10.36 24.24
C3 OCT CB . 32.83 9.11 23.38
C4 OCT CB . 32.98 7.89 24.30
C5 OCT CB . 33.28 6.66 23.46
C6 OCT CB . 33.38 5.44 24.38
C7 OCT CB . 33.66 4.19 23.53
C8 OCT CB . 33.72 2.97 24.45
C1 OCT DB . 23.26 24.97 36.51
C2 OCT DB . 24.45 25.54 37.30
C3 OCT DB . 23.96 26.13 38.61
C4 OCT DB . 25.15 26.65 39.41
C5 OCT DB . 24.65 27.44 40.61
C6 OCT DB . 25.82 28.17 41.27
C7 OCT DB . 25.30 29.28 42.17
C8 OCT DB . 26.47 30.13 42.66
#